data_5CUD
# 
_entry.id   5CUD 
# 
_audit_conform.dict_name       mmcif_pdbx.dic 
_audit_conform.dict_version    5.391 
_audit_conform.dict_location   http://mmcif.pdb.org/dictionaries/ascii/mmcif_pdbx.dic 
# 
loop_
_database_2.database_id 
_database_2.database_code 
_database_2.pdbx_database_accession 
_database_2.pdbx_DOI 
PDB   5CUD         pdb_00005cud 10.2210/pdb5cud/pdb 
WWPDB D_1000212204 ?            ?                   
# 
loop_
_pdbx_audit_revision_history.ordinal 
_pdbx_audit_revision_history.data_content_type 
_pdbx_audit_revision_history.major_revision 
_pdbx_audit_revision_history.minor_revision 
_pdbx_audit_revision_history.revision_date 
1 'Structure model' 1 0 2015-09-09 
2 'Structure model' 1 1 2024-05-08 
# 
_pdbx_audit_revision_details.ordinal             1 
_pdbx_audit_revision_details.revision_ordinal    1 
_pdbx_audit_revision_details.data_content_type   'Structure model' 
_pdbx_audit_revision_details.provider            repository 
_pdbx_audit_revision_details.type                'Initial release' 
_pdbx_audit_revision_details.description         ? 
_pdbx_audit_revision_details.details             ? 
# 
loop_
_pdbx_audit_revision_group.ordinal 
_pdbx_audit_revision_group.revision_ordinal 
_pdbx_audit_revision_group.data_content_type 
_pdbx_audit_revision_group.group 
1 2 'Structure model' 'Data collection'     
2 2 'Structure model' 'Database references' 
# 
loop_
_pdbx_audit_revision_category.ordinal 
_pdbx_audit_revision_category.revision_ordinal 
_pdbx_audit_revision_category.data_content_type 
_pdbx_audit_revision_category.category 
1 2 'Structure model' chem_comp_atom              
2 2 'Structure model' chem_comp_bond              
3 2 'Structure model' database_2                  
4 2 'Structure model' diffrn_radiation_wavelength 
# 
loop_
_pdbx_audit_revision_item.ordinal 
_pdbx_audit_revision_item.revision_ordinal 
_pdbx_audit_revision_item.data_content_type 
_pdbx_audit_revision_item.item 
1 2 'Structure model' '_database_2.pdbx_DOI'                
2 2 'Structure model' '_database_2.pdbx_database_accession' 
# 
_pdbx_database_status.status_code                     REL 
_pdbx_database_status.status_code_sf                  REL 
_pdbx_database_status.status_code_mr                  ? 
_pdbx_database_status.entry_id                        5CUD 
_pdbx_database_status.recvd_initial_deposition_date   2015-07-24 
_pdbx_database_status.SG_entry                        Y 
_pdbx_database_status.deposit_site                    RCSB 
_pdbx_database_status.process_site                    PDBE 
_pdbx_database_status.status_code_cs                  ? 
_pdbx_database_status.methods_development_category    ? 
_pdbx_database_status.pdb_format_compatible           Y 
_pdbx_database_status.status_code_nmr_data            ? 
# 
loop_
_audit_author.name 
_audit_author.pdbx_ordinal 
'Bradley, A.'                          1  
'Pearce, N.'                           2  
'Krojer, T.'                           3  
'Ng, J.'                               4  
'Talon, R.'                            5  
'Vollmar, M.'                          6  
'Jose, B.'                             7  
'von Delft, F.'                        8  
'Bountra, C.'                          9  
'Arrowsmith, C.H.'                     10 
'Edwards, A.'                          11 
'Knapp, S.'                            12 
'Structural Genomics Consortium (SGC)' 13 
# 
_citation.abstract                  ? 
_citation.abstract_id_CAS           ? 
_citation.book_id_ISBN              ? 
_citation.book_publisher            ? 
_citation.book_publisher_city       ? 
_citation.book_title                ? 
_citation.coordinate_linkage        ? 
_citation.country                   ? 
_citation.database_id_Medline       ? 
_citation.details                   ? 
_citation.id                        primary 
_citation.journal_abbrev            'To be published' 
_citation.journal_id_ASTM           ? 
_citation.journal_id_CSD            0353 
_citation.journal_id_ISSN           ? 
_citation.journal_full              ? 
_citation.journal_issue             ? 
_citation.journal_volume            ? 
_citation.language                  ? 
_citation.page_first                ? 
_citation.page_last                 ? 
_citation.title                     
;Crystal structure of the second bromodomain of bromodomain adjancent to zinc finger domain protein 2B (BAZ2B) in complex with 6-CHLOROPURINE (SGC - Diamond I04-1 fragment screening)
;
_citation.year                      ? 
_citation.database_id_CSD           ? 
_citation.pdbx_database_id_DOI      ? 
_citation.pdbx_database_id_PubMed   ? 
_citation.unpublished_flag          ? 
# 
loop_
_citation_author.citation_id 
_citation_author.name 
_citation_author.ordinal 
_citation_author.identifier_ORCID 
primary 'Bradley, A.'                          1  ? 
primary 'Pearce, N.'                           2  ? 
primary 'Krojer, T.'                           3  ? 
primary 'Ng, J.'                               4  ? 
primary 'Talon, R.'                            5  ? 
primary 'Vollmar, M.'                          6  ? 
primary 'Jose, B.'                             7  ? 
primary 'von Delft, F.'                        8  ? 
primary 'Bountra, C.'                          9  ? 
primary 'Arrowsmith, C.H.'                     10 ? 
primary 'Edwards, A.'                          11 ? 
primary 'Knapp, S.'                            12 ? 
primary 'Structural Genomics Consortium (SGC)' 13 ? 
# 
loop_
_entity.id 
_entity.type 
_entity.src_method 
_entity.pdbx_description 
_entity.formula_weight 
_entity.pdbx_number_of_molecules 
_entity.pdbx_ec 
_entity.pdbx_mutation 
_entity.pdbx_fragment 
_entity.details 
1 polymer     man 'Bromodomain adjacent to zinc finger domain protein 2B' 14057.129 1   ? ? 'bromodomain, UNP residues 1858-1972' 
? 
2 non-polymer syn 1,2-ETHANEDIOL                                          62.068    1   ? ? ?                                     
? 
3 non-polymer syn 6-chloro-9H-purine                                      154.557   1   ? ? ?                                     
? 
4 water       nat water                                                   18.015    136 ? ? ?                                     
? 
# 
_entity_name_com.entity_id   1 
_entity_name_com.name        hWALp4 
# 
_entity_poly.entity_id                      1 
_entity_poly.type                           'polypeptide(L)' 
_entity_poly.nstd_linkage                   no 
_entity_poly.nstd_monomer                   no 
_entity_poly.pdbx_seq_one_letter_code       
;YFQSMSVKKPKRDDSKDLALCSMILTEMETHEDAWPFLLPVNLKLVPGYKKVIKKPMDFSTIREKLSSGQYPNLETFALD
VRLVFDNCETFNEDDSDIGRAGHNMRKYFEKKWTDTFKVS
;
_entity_poly.pdbx_seq_one_letter_code_can   
;YFQSMSVKKPKRDDSKDLALCSMILTEMETHEDAWPFLLPVNLKLVPGYKKVIKKPMDFSTIREKLSSGQYPNLETFALD
VRLVFDNCETFNEDDSDIGRAGHNMRKYFEKKWTDTFKVS
;
_entity_poly.pdbx_strand_id                 A 
_entity_poly.pdbx_target_identifier         ? 
# 
loop_
_pdbx_entity_nonpoly.entity_id 
_pdbx_entity_nonpoly.name 
_pdbx_entity_nonpoly.comp_id 
2 1,2-ETHANEDIOL     EDO 
3 6-chloro-9H-purine ES4 
4 water              HOH 
# 
loop_
_entity_poly_seq.entity_id 
_entity_poly_seq.num 
_entity_poly_seq.mon_id 
_entity_poly_seq.hetero 
1 1   TYR n 
1 2   PHE n 
1 3   GLN n 
1 4   SER n 
1 5   MET n 
1 6   SER n 
1 7   VAL n 
1 8   LYS n 
1 9   LYS n 
1 10  PRO n 
1 11  LYS n 
1 12  ARG n 
1 13  ASP n 
1 14  ASP n 
1 15  SER n 
1 16  LYS n 
1 17  ASP n 
1 18  LEU n 
1 19  ALA n 
1 20  LEU n 
1 21  CYS n 
1 22  SER n 
1 23  MET n 
1 24  ILE n 
1 25  LEU n 
1 26  THR n 
1 27  GLU n 
1 28  MET n 
1 29  GLU n 
1 30  THR n 
1 31  HIS n 
1 32  GLU n 
1 33  ASP n 
1 34  ALA n 
1 35  TRP n 
1 36  PRO n 
1 37  PHE n 
1 38  LEU n 
1 39  LEU n 
1 40  PRO n 
1 41  VAL n 
1 42  ASN n 
1 43  LEU n 
1 44  LYS n 
1 45  LEU n 
1 46  VAL n 
1 47  PRO n 
1 48  GLY n 
1 49  TYR n 
1 50  LYS n 
1 51  LYS n 
1 52  VAL n 
1 53  ILE n 
1 54  LYS n 
1 55  LYS n 
1 56  PRO n 
1 57  MET n 
1 58  ASP n 
1 59  PHE n 
1 60  SER n 
1 61  THR n 
1 62  ILE n 
1 63  ARG n 
1 64  GLU n 
1 65  LYS n 
1 66  LEU n 
1 67  SER n 
1 68  SER n 
1 69  GLY n 
1 70  GLN n 
1 71  TYR n 
1 72  PRO n 
1 73  ASN n 
1 74  LEU n 
1 75  GLU n 
1 76  THR n 
1 77  PHE n 
1 78  ALA n 
1 79  LEU n 
1 80  ASP n 
1 81  VAL n 
1 82  ARG n 
1 83  LEU n 
1 84  VAL n 
1 85  PHE n 
1 86  ASP n 
1 87  ASN n 
1 88  CYS n 
1 89  GLU n 
1 90  THR n 
1 91  PHE n 
1 92  ASN n 
1 93  GLU n 
1 94  ASP n 
1 95  ASP n 
1 96  SER n 
1 97  ASP n 
1 98  ILE n 
1 99  GLY n 
1 100 ARG n 
1 101 ALA n 
1 102 GLY n 
1 103 HIS n 
1 104 ASN n 
1 105 MET n 
1 106 ARG n 
1 107 LYS n 
1 108 TYR n 
1 109 PHE n 
1 110 GLU n 
1 111 LYS n 
1 112 LYS n 
1 113 TRP n 
1 114 THR n 
1 115 ASP n 
1 116 THR n 
1 117 PHE n 
1 118 LYS n 
1 119 VAL n 
1 120 SER n 
# 
_entity_src_gen.entity_id                          1 
_entity_src_gen.pdbx_src_id                        1 
_entity_src_gen.pdbx_alt_source_flag               sample 
_entity_src_gen.pdbx_seq_type                      'Biological sequence' 
_entity_src_gen.pdbx_beg_seq_num                   1 
_entity_src_gen.pdbx_end_seq_num                   120 
_entity_src_gen.gene_src_common_name               Human 
_entity_src_gen.gene_src_genus                     ? 
_entity_src_gen.pdbx_gene_src_gene                 'BAZ2B, KIAA1476' 
_entity_src_gen.gene_src_species                   ? 
_entity_src_gen.gene_src_strain                    ? 
_entity_src_gen.gene_src_tissue                    ? 
_entity_src_gen.gene_src_tissue_fraction           ? 
_entity_src_gen.gene_src_details                   ? 
_entity_src_gen.pdbx_gene_src_fragment             ? 
_entity_src_gen.pdbx_gene_src_scientific_name      'Homo sapiens' 
_entity_src_gen.pdbx_gene_src_ncbi_taxonomy_id     9606 
_entity_src_gen.pdbx_gene_src_variant              ? 
_entity_src_gen.pdbx_gene_src_cell_line            ? 
_entity_src_gen.pdbx_gene_src_atcc                 ? 
_entity_src_gen.pdbx_gene_src_organ                ? 
_entity_src_gen.pdbx_gene_src_organelle            ? 
_entity_src_gen.pdbx_gene_src_cell                 ? 
_entity_src_gen.pdbx_gene_src_cellular_location    ? 
_entity_src_gen.host_org_common_name               ? 
_entity_src_gen.pdbx_host_org_scientific_name      'Escherichia coli' 
_entity_src_gen.pdbx_host_org_ncbi_taxonomy_id     562 
_entity_src_gen.host_org_genus                     ? 
_entity_src_gen.pdbx_host_org_gene                 ? 
_entity_src_gen.pdbx_host_org_organ                ? 
_entity_src_gen.host_org_species                   ? 
_entity_src_gen.pdbx_host_org_tissue               ? 
_entity_src_gen.pdbx_host_org_tissue_fraction      ? 
_entity_src_gen.pdbx_host_org_strain               ? 
_entity_src_gen.pdbx_host_org_variant              ? 
_entity_src_gen.pdbx_host_org_cell_line            ? 
_entity_src_gen.pdbx_host_org_atcc                 ? 
_entity_src_gen.pdbx_host_org_culture_collection   ? 
_entity_src_gen.pdbx_host_org_cell                 ? 
_entity_src_gen.pdbx_host_org_organelle            ? 
_entity_src_gen.pdbx_host_org_cellular_location    ? 
_entity_src_gen.pdbx_host_org_vector_type          plasmid 
_entity_src_gen.pdbx_host_org_vector               ? 
_entity_src_gen.host_org_details                   ? 
_entity_src_gen.expression_system_id               ? 
_entity_src_gen.plasmid_name                       pNIC28 
_entity_src_gen.plasmid_details                    ? 
_entity_src_gen.pdbx_description                   ? 
# 
loop_
_chem_comp.id 
_chem_comp.type 
_chem_comp.mon_nstd_flag 
_chem_comp.name 
_chem_comp.pdbx_synonyms 
_chem_comp.formula 
_chem_comp.formula_weight 
ALA 'L-peptide linking' y ALANINE            ?                 'C3 H7 N O2'     89.093  
ARG 'L-peptide linking' y ARGININE           ?                 'C6 H15 N4 O2 1' 175.209 
ASN 'L-peptide linking' y ASPARAGINE         ?                 'C4 H8 N2 O3'    132.118 
ASP 'L-peptide linking' y 'ASPARTIC ACID'    ?                 'C4 H7 N O4'     133.103 
CYS 'L-peptide linking' y CYSTEINE           ?                 'C3 H7 N O2 S'   121.158 
EDO non-polymer         . 1,2-ETHANEDIOL     'ETHYLENE GLYCOL' 'C2 H6 O2'       62.068  
ES4 non-polymer         . 6-chloro-9H-purine ?                 'C5 H3 Cl N4'    154.557 
GLN 'L-peptide linking' y GLUTAMINE          ?                 'C5 H10 N2 O3'   146.144 
GLU 'L-peptide linking' y 'GLUTAMIC ACID'    ?                 'C5 H9 N O4'     147.129 
GLY 'peptide linking'   y GLYCINE            ?                 'C2 H5 N O2'     75.067  
HIS 'L-peptide linking' y HISTIDINE          ?                 'C6 H10 N3 O2 1' 156.162 
HOH non-polymer         . WATER              ?                 'H2 O'           18.015  
ILE 'L-peptide linking' y ISOLEUCINE         ?                 'C6 H13 N O2'    131.173 
LEU 'L-peptide linking' y LEUCINE            ?                 'C6 H13 N O2'    131.173 
LYS 'L-peptide linking' y LYSINE             ?                 'C6 H15 N2 O2 1' 147.195 
MET 'L-peptide linking' y METHIONINE         ?                 'C5 H11 N O2 S'  149.211 
PHE 'L-peptide linking' y PHENYLALANINE      ?                 'C9 H11 N O2'    165.189 
PRO 'L-peptide linking' y PROLINE            ?                 'C5 H9 N O2'     115.130 
SER 'L-peptide linking' y SERINE             ?                 'C3 H7 N O3'     105.093 
THR 'L-peptide linking' y THREONINE          ?                 'C4 H9 N O3'     119.119 
TRP 'L-peptide linking' y TRYPTOPHAN         ?                 'C11 H12 N2 O2'  204.225 
TYR 'L-peptide linking' y TYROSINE           ?                 'C9 H11 N O3'    181.189 
VAL 'L-peptide linking' y VALINE             ?                 'C5 H11 N O2'    117.146 
# 
loop_
_pdbx_poly_seq_scheme.asym_id 
_pdbx_poly_seq_scheme.entity_id 
_pdbx_poly_seq_scheme.seq_id 
_pdbx_poly_seq_scheme.mon_id 
_pdbx_poly_seq_scheme.ndb_seq_num 
_pdbx_poly_seq_scheme.pdb_seq_num 
_pdbx_poly_seq_scheme.auth_seq_num 
_pdbx_poly_seq_scheme.pdb_mon_id 
_pdbx_poly_seq_scheme.auth_mon_id 
_pdbx_poly_seq_scheme.pdb_strand_id 
_pdbx_poly_seq_scheme.pdb_ins_code 
_pdbx_poly_seq_scheme.hetero 
A 1 1   TYR 1   1853 ?    ?   ?   A . n 
A 1 2   PHE 2   1854 ?    ?   ?   A . n 
A 1 3   GLN 3   1855 ?    ?   ?   A . n 
A 1 4   SER 4   1856 1856 SER SER A . n 
A 1 5   MET 5   1857 1857 MET MET A . n 
A 1 6   SER 6   1858 1858 SER SER A . n 
A 1 7   VAL 7   1859 1859 VAL VAL A . n 
A 1 8   LYS 8   1860 1860 LYS LYS A . n 
A 1 9   LYS 9   1861 1861 LYS LYS A . n 
A 1 10  PRO 10  1862 1862 PRO PRO A . n 
A 1 11  LYS 11  1863 1863 LYS LYS A . n 
A 1 12  ARG 12  1864 1864 ARG ARG A . n 
A 1 13  ASP 13  1865 1865 ASP ASP A . n 
A 1 14  ASP 14  1866 1866 ASP ASP A . n 
A 1 15  SER 15  1867 1867 SER SER A . n 
A 1 16  LYS 16  1868 1868 LYS LYS A . n 
A 1 17  ASP 17  1869 1869 ASP ASP A . n 
A 1 18  LEU 18  1870 1870 LEU LEU A . n 
A 1 19  ALA 19  1871 1871 ALA ALA A . n 
A 1 20  LEU 20  1872 1872 LEU LEU A . n 
A 1 21  CYS 21  1873 1873 CYS CYS A . n 
A 1 22  SER 22  1874 1874 SER SER A . n 
A 1 23  MET 23  1875 1875 MET MET A . n 
A 1 24  ILE 24  1876 1876 ILE ILE A . n 
A 1 25  LEU 25  1877 1877 LEU LEU A . n 
A 1 26  THR 26  1878 1878 THR THR A . n 
A 1 27  GLU 27  1879 1879 GLU GLU A . n 
A 1 28  MET 28  1880 1880 MET MET A . n 
A 1 29  GLU 29  1881 1881 GLU GLU A . n 
A 1 30  THR 30  1882 1882 THR THR A . n 
A 1 31  HIS 31  1883 1883 HIS HIS A . n 
A 1 32  GLU 32  1884 1884 GLU GLU A . n 
A 1 33  ASP 33  1885 1885 ASP ASP A . n 
A 1 34  ALA 34  1886 1886 ALA ALA A . n 
A 1 35  TRP 35  1887 1887 TRP TRP A . n 
A 1 36  PRO 36  1888 1888 PRO PRO A . n 
A 1 37  PHE 37  1889 1889 PHE PHE A . n 
A 1 38  LEU 38  1890 1890 LEU LEU A . n 
A 1 39  LEU 39  1891 1891 LEU LEU A . n 
A 1 40  PRO 40  1892 1892 PRO PRO A . n 
A 1 41  VAL 41  1893 1893 VAL VAL A . n 
A 1 42  ASN 42  1894 1894 ASN ASN A . n 
A 1 43  LEU 43  1895 1895 LEU LEU A . n 
A 1 44  LYS 44  1896 1896 LYS LYS A . n 
A 1 45  LEU 45  1897 1897 LEU LEU A . n 
A 1 46  VAL 46  1898 1898 VAL VAL A . n 
A 1 47  PRO 47  1899 1899 PRO PRO A . n 
A 1 48  GLY 48  1900 1900 GLY GLY A . n 
A 1 49  TYR 49  1901 1901 TYR TYR A . n 
A 1 50  LYS 50  1902 1902 LYS LYS A . n 
A 1 51  LYS 51  1903 1903 LYS LYS A . n 
A 1 52  VAL 52  1904 1904 VAL VAL A . n 
A 1 53  ILE 53  1905 1905 ILE ILE A . n 
A 1 54  LYS 54  1906 1906 LYS LYS A . n 
A 1 55  LYS 55  1907 1907 LYS LYS A . n 
A 1 56  PRO 56  1908 1908 PRO PRO A . n 
A 1 57  MET 57  1909 1909 MET MET A . n 
A 1 58  ASP 58  1910 1910 ASP ASP A . n 
A 1 59  PHE 59  1911 1911 PHE PHE A . n 
A 1 60  SER 60  1912 1912 SER SER A . n 
A 1 61  THR 61  1913 1913 THR THR A . n 
A 1 62  ILE 62  1914 1914 ILE ILE A . n 
A 1 63  ARG 63  1915 1915 ARG ARG A . n 
A 1 64  GLU 64  1916 1916 GLU GLU A . n 
A 1 65  LYS 65  1917 1917 LYS LYS A . n 
A 1 66  LEU 66  1918 1918 LEU LEU A . n 
A 1 67  SER 67  1919 1919 SER SER A . n 
A 1 68  SER 68  1920 1920 SER SER A . n 
A 1 69  GLY 69  1921 1921 GLY GLY A . n 
A 1 70  GLN 70  1922 1922 GLN GLN A . n 
A 1 71  TYR 71  1923 1923 TYR TYR A . n 
A 1 72  PRO 72  1924 1924 PRO PRO A . n 
A 1 73  ASN 73  1925 1925 ASN ASN A . n 
A 1 74  LEU 74  1926 1926 LEU LEU A . n 
A 1 75  GLU 75  1927 1927 GLU GLU A . n 
A 1 76  THR 76  1928 1928 THR THR A . n 
A 1 77  PHE 77  1929 1929 PHE PHE A . n 
A 1 78  ALA 78  1930 1930 ALA ALA A . n 
A 1 79  LEU 79  1931 1931 LEU LEU A . n 
A 1 80  ASP 80  1932 1932 ASP ASP A . n 
A 1 81  VAL 81  1933 1933 VAL VAL A . n 
A 1 82  ARG 82  1934 1934 ARG ARG A . n 
A 1 83  LEU 83  1935 1935 LEU LEU A . n 
A 1 84  VAL 84  1936 1936 VAL VAL A . n 
A 1 85  PHE 85  1937 1937 PHE PHE A . n 
A 1 86  ASP 86  1938 1938 ASP ASP A . n 
A 1 87  ASN 87  1939 1939 ASN ASN A . n 
A 1 88  CYS 88  1940 1940 CYS CYS A . n 
A 1 89  GLU 89  1941 1941 GLU GLU A . n 
A 1 90  THR 90  1942 1942 THR THR A . n 
A 1 91  PHE 91  1943 1943 PHE PHE A . n 
A 1 92  ASN 92  1944 1944 ASN ASN A . n 
A 1 93  GLU 93  1945 1945 GLU GLU A . n 
A 1 94  ASP 94  1946 1946 ASP ASP A . n 
A 1 95  ASP 95  1947 1947 ASP ASP A . n 
A 1 96  SER 96  1948 1948 SER SER A . n 
A 1 97  ASP 97  1949 1949 ASP ASP A . n 
A 1 98  ILE 98  1950 1950 ILE ILE A . n 
A 1 99  GLY 99  1951 1951 GLY GLY A . n 
A 1 100 ARG 100 1952 1952 ARG ARG A . n 
A 1 101 ALA 101 1953 1953 ALA ALA A . n 
A 1 102 GLY 102 1954 1954 GLY GLY A . n 
A 1 103 HIS 103 1955 1955 HIS HIS A . n 
A 1 104 ASN 104 1956 1956 ASN ASN A . n 
A 1 105 MET 105 1957 1957 MET MET A . n 
A 1 106 ARG 106 1958 1958 ARG ARG A . n 
A 1 107 LYS 107 1959 1959 LYS LYS A . n 
A 1 108 TYR 108 1960 1960 TYR TYR A . n 
A 1 109 PHE 109 1961 1961 PHE PHE A . n 
A 1 110 GLU 110 1962 1962 GLU GLU A . n 
A 1 111 LYS 111 1963 1963 LYS LYS A . n 
A 1 112 LYS 112 1964 1964 LYS LYS A . n 
A 1 113 TRP 113 1965 1965 TRP TRP A . n 
A 1 114 THR 114 1966 1966 THR THR A . n 
A 1 115 ASP 115 1967 1967 ASP ASP A . n 
A 1 116 THR 116 1968 1968 THR THR A . n 
A 1 117 PHE 117 1969 1969 PHE PHE A . n 
A 1 118 LYS 118 1970 1970 LYS LYS A . n 
A 1 119 VAL 119 1971 ?    ?   ?   A . n 
A 1 120 SER 120 1972 ?    ?   ?   A . n 
# 
loop_
_pdbx_nonpoly_scheme.asym_id 
_pdbx_nonpoly_scheme.entity_id 
_pdbx_nonpoly_scheme.mon_id 
_pdbx_nonpoly_scheme.ndb_seq_num 
_pdbx_nonpoly_scheme.pdb_seq_num 
_pdbx_nonpoly_scheme.auth_seq_num 
_pdbx_nonpoly_scheme.pdb_mon_id 
_pdbx_nonpoly_scheme.auth_mon_id 
_pdbx_nonpoly_scheme.pdb_strand_id 
_pdbx_nonpoly_scheme.pdb_ins_code 
B 2 EDO 1   2001 1   EDO EDO A . 
C 3 ES4 1   2002 1   ES4 LIG A . 
D 4 HOH 1   2101 18  HOH HOH A . 
D 4 HOH 2   2102 119 HOH HOH A . 
D 4 HOH 3   2103 85  HOH HOH A . 
D 4 HOH 4   2104 118 HOH HOH A . 
D 4 HOH 5   2105 128 HOH HOH A . 
D 4 HOH 6   2106 35  HOH HOH A . 
D 4 HOH 7   2107 32  HOH HOH A . 
D 4 HOH 8   2108 41  HOH HOH A . 
D 4 HOH 9   2109 45  HOH HOH A . 
D 4 HOH 10  2110 124 HOH HOH A . 
D 4 HOH 11  2111 39  HOH HOH A . 
D 4 HOH 12  2112 86  HOH HOH A . 
D 4 HOH 13  2113 96  HOH HOH A . 
D 4 HOH 14  2114 42  HOH HOH A . 
D 4 HOH 15  2115 134 HOH HOH A . 
D 4 HOH 16  2116 22  HOH HOH A . 
D 4 HOH 17  2117 43  HOH HOH A . 
D 4 HOH 18  2118 83  HOH HOH A . 
D 4 HOH 19  2119 33  HOH HOH A . 
D 4 HOH 20  2120 68  HOH HOH A . 
D 4 HOH 21  2121 17  HOH HOH A . 
D 4 HOH 22  2122 67  HOH HOH A . 
D 4 HOH 23  2123 46  HOH HOH A . 
D 4 HOH 24  2124 34  HOH HOH A . 
D 4 HOH 25  2125 6   HOH HOH A . 
D 4 HOH 26  2126 8   HOH HOH A . 
D 4 HOH 27  2127 65  HOH HOH A . 
D 4 HOH 28  2128 50  HOH HOH A . 
D 4 HOH 29  2129 57  HOH HOH A . 
D 4 HOH 30  2130 12  HOH HOH A . 
D 4 HOH 31  2131 91  HOH HOH A . 
D 4 HOH 32  2132 129 HOH HOH A . 
D 4 HOH 33  2133 40  HOH HOH A . 
D 4 HOH 34  2134 66  HOH HOH A . 
D 4 HOH 35  2135 13  HOH HOH A . 
D 4 HOH 36  2136 9   HOH HOH A . 
D 4 HOH 37  2137 88  HOH HOH A . 
D 4 HOH 38  2138 90  HOH HOH A . 
D 4 HOH 39  2139 2   HOH HOH A . 
D 4 HOH 40  2140 28  HOH HOH A . 
D 4 HOH 41  2141 75  HOH HOH A . 
D 4 HOH 42  2142 77  HOH HOH A . 
D 4 HOH 43  2143 73  HOH HOH A . 
D 4 HOH 44  2144 94  HOH HOH A . 
D 4 HOH 45  2145 127 HOH HOH A . 
D 4 HOH 46  2146 16  HOH HOH A . 
D 4 HOH 47  2147 48  HOH HOH A . 
D 4 HOH 48  2148 63  HOH HOH A . 
D 4 HOH 49  2149 23  HOH HOH A . 
D 4 HOH 50  2150 92  HOH HOH A . 
D 4 HOH 51  2151 14  HOH HOH A . 
D 4 HOH 52  2152 53  HOH HOH A . 
D 4 HOH 53  2153 21  HOH HOH A . 
D 4 HOH 54  2154 30  HOH HOH A . 
D 4 HOH 55  2155 15  HOH HOH A . 
D 4 HOH 56  2156 1   HOH HOH A . 
D 4 HOH 57  2157 19  HOH HOH A . 
D 4 HOH 58  2158 47  HOH HOH A . 
D 4 HOH 59  2159 4   HOH HOH A . 
D 4 HOH 60  2160 74  HOH HOH A . 
D 4 HOH 61  2161 26  HOH HOH A . 
D 4 HOH 62  2162 135 HOH HOH A . 
D 4 HOH 63  2163 11  HOH HOH A . 
D 4 HOH 64  2164 24  HOH HOH A . 
D 4 HOH 65  2165 132 HOH HOH A . 
D 4 HOH 66  2166 78  HOH HOH A . 
D 4 HOH 67  2167 55  HOH HOH A . 
D 4 HOH 68  2168 80  HOH HOH A . 
D 4 HOH 69  2169 84  HOH HOH A . 
D 4 HOH 70  2170 89  HOH HOH A . 
D 4 HOH 71  2171 69  HOH HOH A . 
D 4 HOH 72  2172 20  HOH HOH A . 
D 4 HOH 73  2173 97  HOH HOH A . 
D 4 HOH 74  2174 87  HOH HOH A . 
D 4 HOH 75  2175 82  HOH HOH A . 
D 4 HOH 76  2176 5   HOH HOH A . 
D 4 HOH 77  2177 70  HOH HOH A . 
D 4 HOH 78  2178 31  HOH HOH A . 
D 4 HOH 79  2179 36  HOH HOH A . 
D 4 HOH 80  2180 102 HOH HOH A . 
D 4 HOH 81  2181 100 HOH HOH A . 
D 4 HOH 82  2182 49  HOH HOH A . 
D 4 HOH 83  2183 7   HOH HOH A . 
D 4 HOH 84  2184 25  HOH HOH A . 
D 4 HOH 85  2185 58  HOH HOH A . 
D 4 HOH 86  2186 123 HOH HOH A . 
D 4 HOH 87  2187 105 HOH HOH A . 
D 4 HOH 88  2188 122 HOH HOH A . 
D 4 HOH 89  2189 60  HOH HOH A . 
D 4 HOH 90  2190 52  HOH HOH A . 
D 4 HOH 91  2191 98  HOH HOH A . 
D 4 HOH 92  2192 131 HOH HOH A . 
D 4 HOH 93  2193 59  HOH HOH A . 
D 4 HOH 94  2194 76  HOH HOH A . 
D 4 HOH 95  2195 3   HOH HOH A . 
D 4 HOH 96  2196 29  HOH HOH A . 
D 4 HOH 97  2197 10  HOH HOH A . 
D 4 HOH 98  2198 93  HOH HOH A . 
D 4 HOH 99  2199 117 HOH HOH A . 
D 4 HOH 100 2200 136 HOH HOH A . 
D 4 HOH 101 2201 64  HOH HOH A . 
D 4 HOH 102 2202 126 HOH HOH A . 
D 4 HOH 103 2203 103 HOH HOH A . 
D 4 HOH 104 2204 112 HOH HOH A . 
D 4 HOH 105 2205 108 HOH HOH A . 
D 4 HOH 106 2206 133 HOH HOH A . 
D 4 HOH 107 2207 38  HOH HOH A . 
D 4 HOH 108 2208 125 HOH HOH A . 
D 4 HOH 109 2209 114 HOH HOH A . 
D 4 HOH 110 2210 61  HOH HOH A . 
D 4 HOH 111 2211 130 HOH HOH A . 
D 4 HOH 112 2212 121 HOH HOH A . 
D 4 HOH 113 2213 27  HOH HOH A . 
D 4 HOH 114 2214 109 HOH HOH A . 
D 4 HOH 115 2215 106 HOH HOH A . 
D 4 HOH 116 2216 99  HOH HOH A . 
D 4 HOH 117 2217 115 HOH HOH A . 
D 4 HOH 118 2218 107 HOH HOH A . 
D 4 HOH 119 2219 44  HOH HOH A . 
D 4 HOH 120 2220 56  HOH HOH A . 
D 4 HOH 121 2221 120 HOH HOH A . 
D 4 HOH 122 2222 54  HOH HOH A . 
D 4 HOH 123 2223 79  HOH HOH A . 
D 4 HOH 124 2224 101 HOH HOH A . 
D 4 HOH 125 2225 95  HOH HOH A . 
D 4 HOH 126 2226 72  HOH HOH A . 
D 4 HOH 127 2227 37  HOH HOH A . 
D 4 HOH 128 2228 111 HOH HOH A . 
D 4 HOH 129 2229 116 HOH HOH A . 
D 4 HOH 130 2230 81  HOH HOH A . 
D 4 HOH 131 2231 51  HOH HOH A . 
D 4 HOH 132 2232 71  HOH HOH A . 
D 4 HOH 133 2233 113 HOH HOH A . 
D 4 HOH 134 2234 104 HOH HOH A . 
D 4 HOH 135 2235 62  HOH HOH A . 
D 4 HOH 136 2236 110 HOH HOH A . 
# 
loop_
_pdbx_unobs_or_zero_occ_atoms.id 
_pdbx_unobs_or_zero_occ_atoms.PDB_model_num 
_pdbx_unobs_or_zero_occ_atoms.polymer_flag 
_pdbx_unobs_or_zero_occ_atoms.occupancy_flag 
_pdbx_unobs_or_zero_occ_atoms.auth_asym_id 
_pdbx_unobs_or_zero_occ_atoms.auth_comp_id 
_pdbx_unobs_or_zero_occ_atoms.auth_seq_id 
_pdbx_unobs_or_zero_occ_atoms.PDB_ins_code 
_pdbx_unobs_or_zero_occ_atoms.auth_atom_id 
_pdbx_unobs_or_zero_occ_atoms.label_alt_id 
_pdbx_unobs_or_zero_occ_atoms.label_asym_id 
_pdbx_unobs_or_zero_occ_atoms.label_comp_id 
_pdbx_unobs_or_zero_occ_atoms.label_seq_id 
_pdbx_unobs_or_zero_occ_atoms.label_atom_id 
1  1 Y 1 A LYS 1863 ? CG ? A LYS 11  CG 
2  1 Y 1 A LYS 1863 ? CD ? A LYS 11  CD 
3  1 Y 1 A LYS 1863 ? CE ? A LYS 11  CE 
4  1 Y 1 A LYS 1863 ? NZ ? A LYS 11  NZ 
5  1 Y 1 A LYS 1868 ? CE ? A LYS 16  CE 
6  1 Y 1 A LYS 1868 ? NZ ? A LYS 16  NZ 
7  1 Y 1 A LYS 1970 ? CG ? A LYS 118 CG 
8  1 Y 1 A LYS 1970 ? CD ? A LYS 118 CD 
9  1 Y 1 A LYS 1970 ? CE ? A LYS 118 CE 
10 1 Y 1 A LYS 1970 ? NZ ? A LYS 118 NZ 
# 
loop_
_software.citation_id 
_software.classification 
_software.compiler_name 
_software.compiler_version 
_software.contact_author 
_software.contact_author_email 
_software.date 
_software.description 
_software.dependencies 
_software.hardware 
_software.language 
_software.location 
_software.mods 
_software.name 
_software.os 
_software.os_version 
_software.type 
_software.version 
_software.pdbx_ordinal 
? 'data scaling'    ? ? ? ? ? ? ? ? ? ? ? Aimless     ? ? ? 0.1.29 1 
? refinement        ? ? ? ? ? ? ? ? ? ? ? PHENIX      ? ? ? .      2 
? 'data extraction' ? ? ? ? ? ? ? ? ? ? ? PDB_EXTRACT ? ? ? 3.15   3 
# 
_cell.angle_alpha                  90.000 
_cell.angle_alpha_esd              ? 
_cell.angle_beta                   90.000 
_cell.angle_beta_esd               ? 
_cell.angle_gamma                  90.000 
_cell.angle_gamma_esd              ? 
_cell.entry_id                     5CUD 
_cell.details                      ? 
_cell.formula_units_Z              ? 
_cell.length_a                     82.011 
_cell.length_a_esd                 ? 
_cell.length_b                     96.724 
_cell.length_b_esd                 ? 
_cell.length_c                     57.843 
_cell.length_c_esd                 ? 
_cell.volume                       ? 
_cell.volume_esd                   ? 
_cell.Z_PDB                        8 
_cell.reciprocal_angle_alpha       ? 
_cell.reciprocal_angle_beta        ? 
_cell.reciprocal_angle_gamma       ? 
_cell.reciprocal_angle_alpha_esd   ? 
_cell.reciprocal_angle_beta_esd    ? 
_cell.reciprocal_angle_gamma_esd   ? 
_cell.reciprocal_length_a          ? 
_cell.reciprocal_length_b          ? 
_cell.reciprocal_length_c          ? 
_cell.reciprocal_length_a_esd      ? 
_cell.reciprocal_length_b_esd      ? 
_cell.reciprocal_length_c_esd      ? 
_cell.pdbx_unique_axis             ? 
# 
_symmetry.entry_id                         5CUD 
_symmetry.cell_setting                     ? 
_symmetry.Int_Tables_number                20 
_symmetry.space_group_name_Hall            ? 
_symmetry.space_group_name_H-M             'C 2 2 21' 
_symmetry.pdbx_full_space_group_name_H-M   ? 
# 
_exptl.absorpt_coefficient_mu     ? 
_exptl.absorpt_correction_T_max   ? 
_exptl.absorpt_correction_T_min   ? 
_exptl.absorpt_correction_type    ? 
_exptl.absorpt_process_details    ? 
_exptl.entry_id                   5CUD 
_exptl.crystals_number            1 
_exptl.details                    ? 
_exptl.method                     'X-RAY DIFFRACTION' 
_exptl.method_details             ? 
# 
_exptl_crystal.colour                      ? 
_exptl_crystal.density_diffrn              ? 
_exptl_crystal.density_Matthews            4.08 
_exptl_crystal.density_method              ? 
_exptl_crystal.density_percent_sol         69.85 
_exptl_crystal.description                 ? 
_exptl_crystal.F_000                       ? 
_exptl_crystal.id                          1 
_exptl_crystal.preparation                 ? 
_exptl_crystal.size_max                    ? 
_exptl_crystal.size_mid                    ? 
_exptl_crystal.size_min                    ? 
_exptl_crystal.size_rad                    ? 
_exptl_crystal.colour_lustre               ? 
_exptl_crystal.colour_modifier             ? 
_exptl_crystal.colour_primary              ? 
_exptl_crystal.density_meas                ? 
_exptl_crystal.density_meas_esd            ? 
_exptl_crystal.density_meas_gt             ? 
_exptl_crystal.density_meas_lt             ? 
_exptl_crystal.density_meas_temp           ? 
_exptl_crystal.density_meas_temp_esd       ? 
_exptl_crystal.density_meas_temp_gt        ? 
_exptl_crystal.density_meas_temp_lt        ? 
_exptl_crystal.pdbx_crystal_image_url      ? 
_exptl_crystal.pdbx_crystal_image_format   ? 
_exptl_crystal.pdbx_mosaicity              ? 
_exptl_crystal.pdbx_mosaicity_esd          ? 
# 
_exptl_crystal_grow.apparatus       ? 
_exptl_crystal_grow.atmosphere      ? 
_exptl_crystal_grow.crystal_id      1 
_exptl_crystal_grow.details         ? 
_exptl_crystal_grow.method          'VAPOR DIFFUSION, SITTING DROP' 
_exptl_crystal_grow.method_ref      ? 
_exptl_crystal_grow.pH              6.7 
_exptl_crystal_grow.pressure        ? 
_exptl_crystal_grow.pressure_esd    ? 
_exptl_crystal_grow.seeding         ? 
_exptl_crystal_grow.seeding_ref     ? 
_exptl_crystal_grow.temp            277 
_exptl_crystal_grow.temp_details    ? 
_exptl_crystal_grow.temp_esd        ? 
_exptl_crystal_grow.time            ? 
_exptl_crystal_grow.pdbx_details    '31.5% PEG600, 0.1M MES pH 6.7' 
_exptl_crystal_grow.pdbx_pH_range   ? 
# 
_diffrn.ambient_environment    ? 
_diffrn.ambient_temp           100 
_diffrn.ambient_temp_details   ? 
_diffrn.ambient_temp_esd       ? 
_diffrn.crystal_id             1 
_diffrn.crystal_support        ? 
_diffrn.crystal_treatment      ? 
_diffrn.details                ? 
_diffrn.id                     1 
_diffrn.ambient_pressure       ? 
_diffrn.ambient_pressure_esd   ? 
_diffrn.ambient_pressure_gt    ? 
_diffrn.ambient_pressure_lt    ? 
_diffrn.ambient_temp_gt        ? 
_diffrn.ambient_temp_lt        ? 
# 
_diffrn_detector.details                      ? 
_diffrn_detector.detector                     PIXEL 
_diffrn_detector.diffrn_id                    1 
_diffrn_detector.type                         'PSI PILATUS 6M' 
_diffrn_detector.area_resol_mean              ? 
_diffrn_detector.dtime                        ? 
_diffrn_detector.pdbx_frames_total            ? 
_diffrn_detector.pdbx_collection_time_total   ? 
_diffrn_detector.pdbx_collection_date         2013-03-10 
# 
_diffrn_radiation.collimation                      ? 
_diffrn_radiation.diffrn_id                        1 
_diffrn_radiation.filter_edge                      ? 
_diffrn_radiation.inhomogeneity                    ? 
_diffrn_radiation.monochromator                    ? 
_diffrn_radiation.polarisn_norm                    ? 
_diffrn_radiation.polarisn_ratio                   ? 
_diffrn_radiation.probe                            ? 
_diffrn_radiation.type                             ? 
_diffrn_radiation.xray_symbol                      ? 
_diffrn_radiation.wavelength_id                    1 
_diffrn_radiation.pdbx_monochromatic_or_laue_m_l   M 
_diffrn_radiation.pdbx_wavelength_list             ? 
_diffrn_radiation.pdbx_wavelength                  ? 
_diffrn_radiation.pdbx_diffrn_protocol             'SINGLE WAVELENGTH' 
_diffrn_radiation.pdbx_analyzer                    ? 
_diffrn_radiation.pdbx_scattering_type             x-ray 
# 
_diffrn_radiation_wavelength.id           1 
_diffrn_radiation_wavelength.wavelength   0.9201 
_diffrn_radiation_wavelength.wt           1.0 
# 
_diffrn_source.current                     ? 
_diffrn_source.details                     ? 
_diffrn_source.diffrn_id                   1 
_diffrn_source.power                       ? 
_diffrn_source.size                        ? 
_diffrn_source.source                      SYNCHROTRON 
_diffrn_source.target                      ? 
_diffrn_source.type                        'DIAMOND BEAMLINE I04-1' 
_diffrn_source.voltage                     ? 
_diffrn_source.take-off_angle              ? 
_diffrn_source.pdbx_wavelength_list        0.9201 
_diffrn_source.pdbx_wavelength             ? 
_diffrn_source.pdbx_synchrotron_beamline   I04-1 
_diffrn_source.pdbx_synchrotron_site       Diamond 
# 
_reflns.B_iso_Wilson_estimate            ? 
_reflns.entry_id                         5CUD 
_reflns.data_reduction_details           ? 
_reflns.data_reduction_method            ? 
_reflns.d_resolution_high                1.750 
_reflns.d_resolution_low                 28.920 
_reflns.details                          ? 
_reflns.limit_h_max                      ? 
_reflns.limit_h_min                      ? 
_reflns.limit_k_max                      ? 
_reflns.limit_k_min                      ? 
_reflns.limit_l_max                      ? 
_reflns.limit_l_min                      ? 
_reflns.number_all                       ? 
_reflns.number_obs                       23194 
_reflns.observed_criterion               ? 
_reflns.observed_criterion_F_max         ? 
_reflns.observed_criterion_F_min         ? 
_reflns.observed_criterion_I_max         ? 
_reflns.observed_criterion_I_min         ? 
_reflns.observed_criterion_sigma_F       ? 
_reflns.observed_criterion_sigma_I       ? 
_reflns.percent_possible_obs             98.000 
_reflns.R_free_details                   ? 
_reflns.Rmerge_F_all                     ? 
_reflns.Rmerge_F_obs                     ? 
_reflns.Friedel_coverage                 ? 
_reflns.number_gt                        ? 
_reflns.threshold_expression             ? 
_reflns.pdbx_redundancy                  6.500 
_reflns.pdbx_Rmerge_I_obs                0.048 
_reflns.pdbx_Rmerge_I_all                ? 
_reflns.pdbx_Rsym_value                  ? 
_reflns.pdbx_netI_over_av_sigmaI         ? 
_reflns.pdbx_netI_over_sigmaI            19.900 
_reflns.pdbx_res_netI_over_av_sigmaI_2   ? 
_reflns.pdbx_res_netI_over_sigmaI_2      ? 
_reflns.pdbx_chi_squared                 ? 
_reflns.pdbx_scaling_rejects             1 
_reflns.pdbx_d_res_high_opt              ? 
_reflns.pdbx_d_res_low_opt               ? 
_reflns.pdbx_d_res_opt_method            ? 
_reflns.phase_calculation_details        ? 
_reflns.pdbx_Rrim_I_all                  ? 
_reflns.pdbx_Rpim_I_all                  0.020 
_reflns.pdbx_d_opt                       ? 
_reflns.pdbx_number_measured_all         151664 
_reflns.pdbx_diffrn_id                   1 
_reflns.pdbx_ordinal                     1 
_reflns.pdbx_CC_half                     0.999 
_reflns.pdbx_R_split                     ? 
# 
loop_
_reflns_shell.d_res_high 
_reflns_shell.d_res_low 
_reflns_shell.meanI_over_sigI_all 
_reflns_shell.meanI_over_sigI_obs 
_reflns_shell.number_measured_all 
_reflns_shell.number_measured_obs 
_reflns_shell.number_possible 
_reflns_shell.number_unique_all 
_reflns_shell.number_unique_obs 
_reflns_shell.percent_possible_all 
_reflns_shell.percent_possible_obs 
_reflns_shell.Rmerge_F_all 
_reflns_shell.Rmerge_F_obs 
_reflns_shell.Rmerge_I_all 
_reflns_shell.Rmerge_I_obs 
_reflns_shell.meanI_over_sigI_gt 
_reflns_shell.meanI_over_uI_all 
_reflns_shell.meanI_over_uI_gt 
_reflns_shell.number_measured_gt 
_reflns_shell.number_unique_gt 
_reflns_shell.percent_possible_gt 
_reflns_shell.Rmerge_F_gt 
_reflns_shell.Rmerge_I_gt 
_reflns_shell.pdbx_redundancy 
_reflns_shell.pdbx_Rsym_value 
_reflns_shell.pdbx_chi_squared 
_reflns_shell.pdbx_netI_over_sigmaI_all 
_reflns_shell.pdbx_netI_over_sigmaI_obs 
_reflns_shell.pdbx_Rrim_I_all 
_reflns_shell.pdbx_Rpim_I_all 
_reflns_shell.pdbx_rejects 
_reflns_shell.pdbx_ordinal 
_reflns_shell.pdbx_diffrn_id 
_reflns_shell.pdbx_CC_half 
_reflns_shell.pdbx_R_split 
1.750 1.780  ? 1.800  5668 ? ? 1048 ? 76.000 ? ? ? ? 0.934 ? ? ? ? ? ? ? ? 5.400 ? ? ? ? ? 0.406 0 1 1 0.815 ? 
8.740 28.920 ? 58.900 1368 ? ? 223  ? 97.600 ? ? ? ? 0.024 ? ? ? ? ? ? ? ? 6.100 ? ? ? ? ? 0.010 0 2 1 1.000 ? 
# 
_refine.aniso_B[1][1]                            ? 
_refine.aniso_B[1][2]                            ? 
_refine.aniso_B[1][3]                            ? 
_refine.aniso_B[2][2]                            ? 
_refine.aniso_B[2][3]                            ? 
_refine.aniso_B[3][3]                            ? 
_refine.B_iso_max                                64.960 
_refine.B_iso_mean                               35.7136 
_refine.B_iso_min                                22.870 
_refine.correlation_coeff_Fo_to_Fc               ? 
_refine.correlation_coeff_Fo_to_Fc_free          ? 
_refine.details                                  ? 
_refine.diff_density_max                         ? 
_refine.diff_density_max_esd                     ? 
_refine.diff_density_min                         ? 
_refine.diff_density_min_esd                     ? 
_refine.diff_density_rms                         ? 
_refine.diff_density_rms_esd                     ? 
_refine.entry_id                                 5CUD 
_refine.pdbx_refine_id                           'X-RAY DIFFRACTION' 
_refine.ls_abs_structure_details                 ? 
_refine.ls_abs_structure_Flack                   ? 
_refine.ls_abs_structure_Flack_esd               ? 
_refine.ls_abs_structure_Rogers                  ? 
_refine.ls_abs_structure_Rogers_esd              ? 
_refine.ls_d_res_high                            1.7500 
_refine.ls_d_res_low                             19.6150 
_refine.ls_extinction_coef                       ? 
_refine.ls_extinction_coef_esd                   ? 
_refine.ls_extinction_expression                 ? 
_refine.ls_extinction_method                     ? 
_refine.ls_goodness_of_fit_all                   ? 
_refine.ls_goodness_of_fit_all_esd               ? 
_refine.ls_goodness_of_fit_obs                   ? 
_refine.ls_goodness_of_fit_obs_esd               ? 
_refine.ls_hydrogen_treatment                    ? 
_refine.ls_matrix_type                           ? 
_refine.ls_number_constraints                    ? 
_refine.ls_number_parameters                     ? 
_refine.ls_number_reflns_all                     ? 
_refine.ls_number_reflns_obs                     23149 
_refine.ls_number_reflns_R_free                  749 
_refine.ls_number_reflns_R_work                  ? 
_refine.ls_number_restraints                     ? 
_refine.ls_percent_reflns_obs                    98.2100 
_refine.ls_percent_reflns_R_free                 3.2400 
_refine.ls_R_factor_all                          ? 
_refine.ls_R_factor_obs                          0.1891 
_refine.ls_R_factor_R_free                       0.2260 
_refine.ls_R_factor_R_free_error                 ? 
_refine.ls_R_factor_R_free_error_details         ? 
_refine.ls_R_factor_R_work                       0.1875 
_refine.ls_R_Fsqd_factor_obs                     ? 
_refine.ls_R_I_factor_obs                        ? 
_refine.ls_redundancy_reflns_all                 ? 
_refine.ls_redundancy_reflns_obs                 ? 
_refine.ls_restrained_S_all                      ? 
_refine.ls_restrained_S_obs                      ? 
_refine.ls_shift_over_esd_max                    ? 
_refine.ls_shift_over_esd_mean                   ? 
_refine.ls_structure_factor_coef                 ? 
_refine.ls_weighting_details                     ? 
_refine.ls_weighting_scheme                      ? 
_refine.ls_wR_factor_all                         ? 
_refine.ls_wR_factor_obs                         ? 
_refine.ls_wR_factor_R_free                      ? 
_refine.ls_wR_factor_R_work                      ? 
_refine.occupancy_max                            ? 
_refine.occupancy_min                            ? 
_refine.solvent_model_details                    'FLAT BULK SOLVENT MODEL' 
_refine.solvent_model_param_bsol                 ? 
_refine.solvent_model_param_ksol                 ? 
_refine.ls_R_factor_gt                           ? 
_refine.ls_goodness_of_fit_gt                    ? 
_refine.ls_goodness_of_fit_ref                   ? 
_refine.ls_shift_over_su_max                     ? 
_refine.ls_shift_over_su_max_lt                  ? 
_refine.ls_shift_over_su_mean                    ? 
_refine.ls_shift_over_su_mean_lt                 ? 
_refine.pdbx_ls_sigma_I                          ? 
_refine.pdbx_ls_sigma_F                          1.890 
_refine.pdbx_ls_sigma_Fsqd                       ? 
_refine.pdbx_data_cutoff_high_absF               ? 
_refine.pdbx_data_cutoff_high_rms_absF           ? 
_refine.pdbx_data_cutoff_low_absF                ? 
_refine.pdbx_isotropic_thermal_model             ? 
_refine.pdbx_ls_cross_valid_method               'FREE R-VALUE' 
_refine.pdbx_method_to_determine_struct          'MOLECULAR REPLACEMENT' 
_refine.pdbx_starting_model                      ? 
_refine.pdbx_stereochemistry_target_values       ML 
_refine.pdbx_R_Free_selection_details            ? 
_refine.pdbx_stereochem_target_val_spec_case     ? 
_refine.pdbx_overall_ESU_R                       ? 
_refine.pdbx_overall_ESU_R_Free                  ? 
_refine.pdbx_solvent_vdw_probe_radii             1.1100 
_refine.pdbx_solvent_ion_probe_radii             ? 
_refine.pdbx_solvent_shrinkage_radii             0.9000 
_refine.pdbx_real_space_R                        ? 
_refine.pdbx_density_correlation                 ? 
_refine.pdbx_pd_number_of_powder_patterns        ? 
_refine.pdbx_pd_number_of_points                 ? 
_refine.pdbx_pd_meas_number_of_points            ? 
_refine.pdbx_pd_proc_ls_prof_R_factor            ? 
_refine.pdbx_pd_proc_ls_prof_wR_factor           ? 
_refine.pdbx_pd_Marquardt_correlation_coeff      ? 
_refine.pdbx_pd_Fsqrd_R_factor                   ? 
_refine.pdbx_pd_ls_matrix_band_width             ? 
_refine.pdbx_overall_phase_error                 35.6900 
_refine.pdbx_overall_SU_R_free_Cruickshank_DPI   ? 
_refine.pdbx_overall_SU_R_free_Blow_DPI          ? 
_refine.pdbx_overall_SU_R_Blow_DPI               ? 
_refine.pdbx_TLS_residual_ADP_flag               ? 
_refine.pdbx_diffrn_id                           1 
_refine.overall_SU_B                             ? 
_refine.overall_SU_ML                            0.2100 
_refine.overall_SU_R_Cruickshank_DPI             ? 
_refine.overall_SU_R_free                        ? 
_refine.overall_FOM_free_R_set                   ? 
_refine.overall_FOM_work_R_set                   ? 
_refine.pdbx_average_fsc_overall                 ? 
_refine.pdbx_average_fsc_work                    ? 
_refine.pdbx_average_fsc_free                    ? 
# 
_refine_hist.cycle_id                         final 
_refine_hist.pdbx_refine_id                   'X-RAY DIFFRACTION' 
_refine_hist.d_res_high                       1.7500 
_refine_hist.d_res_low                        19.6150 
_refine_hist.pdbx_number_atoms_ligand         14 
_refine_hist.number_atoms_solvent             136 
_refine_hist.number_atoms_total               1080 
_refine_hist.pdbx_number_residues_total       115 
_refine_hist.pdbx_B_iso_mean_ligand           44.40 
_refine_hist.pdbx_B_iso_mean_solvent          42.49 
_refine_hist.pdbx_number_atoms_protein        930 
_refine_hist.pdbx_number_atoms_nucleic_acid   0 
# 
_struct.entry_id                     5CUD 
_struct.title                        
;Crystal structure of the bromodomain of bromodomain adjacent to zinc finger domain protein 2B (BAZ2B) in complex with 6-CHLOROPURINE (SGC - Diamond I04-1 fragment screening)
;
_struct.pdbx_model_details           ? 
_struct.pdbx_formula_weight          ? 
_struct.pdbx_formula_weight_method   ? 
_struct.pdbx_model_type_details      ? 
_struct.pdbx_CASP_flag               ? 
# 
_struct_keywords.entry_id        5CUD 
_struct_keywords.text            'Structural Genomics, Structural Genomics Consortium, SGC, transcription' 
_struct_keywords.pdbx_keywords   TRANSCRIPTION 
# 
loop_
_struct_asym.id 
_struct_asym.pdbx_blank_PDB_chainid_flag 
_struct_asym.pdbx_modified 
_struct_asym.entity_id 
_struct_asym.details 
A N N 1 ? 
B N N 2 ? 
C N N 3 ? 
D N N 4 ? 
# 
_struct_ref.id                         1 
_struct_ref.db_name                    UNP 
_struct_ref.db_code                    BAZ2B_HUMAN 
_struct_ref.pdbx_db_accession          Q9UIF8 
_struct_ref.pdbx_db_isoform            Q9UIF8-4 
_struct_ref.entity_id                  1 
_struct_ref.pdbx_seq_one_letter_code   
;SVKKPKRDDSKDLALCSMILTEMETHEDAWPFLLPVNLKLVPGYKKVIKKPMDFSTIREKLSSGQYPNLETFALDVRLVF
DNCETFNEDDSDIGRAGHNMRKYFEKKWTDTFKVS
;
_struct_ref.pdbx_align_begin           1858 
# 
_struct_ref_seq.align_id                      1 
_struct_ref_seq.ref_id                        1 
_struct_ref_seq.pdbx_PDB_id_code              5CUD 
_struct_ref_seq.pdbx_strand_id                A 
_struct_ref_seq.seq_align_beg                 6 
_struct_ref_seq.pdbx_seq_align_beg_ins_code   ? 
_struct_ref_seq.seq_align_end                 120 
_struct_ref_seq.pdbx_seq_align_end_ins_code   ? 
_struct_ref_seq.pdbx_db_accession             Q9UIF8 
_struct_ref_seq.db_align_beg                  1858 
_struct_ref_seq.pdbx_db_align_beg_ins_code    ? 
_struct_ref_seq.db_align_end                  1972 
_struct_ref_seq.pdbx_db_align_end_ins_code    ? 
_struct_ref_seq.pdbx_auth_seq_align_beg       1858 
_struct_ref_seq.pdbx_auth_seq_align_end       1972 
# 
loop_
_struct_ref_seq_dif.align_id 
_struct_ref_seq_dif.pdbx_pdb_id_code 
_struct_ref_seq_dif.mon_id 
_struct_ref_seq_dif.pdbx_pdb_strand_id 
_struct_ref_seq_dif.seq_num 
_struct_ref_seq_dif.pdbx_pdb_ins_code 
_struct_ref_seq_dif.pdbx_seq_db_name 
_struct_ref_seq_dif.pdbx_seq_db_accession_code 
_struct_ref_seq_dif.db_mon_id 
_struct_ref_seq_dif.pdbx_seq_db_seq_num 
_struct_ref_seq_dif.details 
_struct_ref_seq_dif.pdbx_auth_seq_num 
_struct_ref_seq_dif.pdbx_ordinal 
1 5CUD TYR A 1 ? UNP Q9UIF8 ? ? 'expression tag' 1853 1 
1 5CUD PHE A 2 ? UNP Q9UIF8 ? ? 'expression tag' 1854 2 
1 5CUD GLN A 3 ? UNP Q9UIF8 ? ? 'expression tag' 1855 3 
1 5CUD SER A 4 ? UNP Q9UIF8 ? ? 'expression tag' 1856 4 
1 5CUD MET A 5 ? UNP Q9UIF8 ? ? 'expression tag' 1857 5 
# 
_pdbx_struct_assembly.id                   1 
_pdbx_struct_assembly.details              author_and_software_defined_assembly 
_pdbx_struct_assembly.method_details       PISA 
_pdbx_struct_assembly.oligomeric_details   monomeric 
_pdbx_struct_assembly.oligomeric_count     1 
# 
loop_
_pdbx_struct_assembly_prop.biol_id 
_pdbx_struct_assembly_prop.type 
_pdbx_struct_assembly_prop.value 
_pdbx_struct_assembly_prop.details 
1 'ABSA (A^2)' 210  ? 
1 MORE         3    ? 
1 'SSA (A^2)'  7670 ? 
# 
_pdbx_struct_assembly_gen.assembly_id       1 
_pdbx_struct_assembly_gen.oper_expression   1 
_pdbx_struct_assembly_gen.asym_id_list      A,B,C,D 
# 
_pdbx_struct_oper_list.id                   1 
_pdbx_struct_oper_list.type                 'identity operation' 
_pdbx_struct_oper_list.name                 1_555 
_pdbx_struct_oper_list.symmetry_operation   x,y,z 
_pdbx_struct_oper_list.matrix[1][1]         1.0000000000 
_pdbx_struct_oper_list.matrix[1][2]         0.0000000000 
_pdbx_struct_oper_list.matrix[1][3]         0.0000000000 
_pdbx_struct_oper_list.vector[1]            0.0000000000 
_pdbx_struct_oper_list.matrix[2][1]         0.0000000000 
_pdbx_struct_oper_list.matrix[2][2]         1.0000000000 
_pdbx_struct_oper_list.matrix[2][3]         0.0000000000 
_pdbx_struct_oper_list.vector[2]            0.0000000000 
_pdbx_struct_oper_list.matrix[3][1]         0.0000000000 
_pdbx_struct_oper_list.matrix[3][2]         0.0000000000 
_pdbx_struct_oper_list.matrix[3][3]         1.0000000000 
_pdbx_struct_oper_list.vector[3]            0.0000000000 
# 
loop_
_struct_conf.conf_type_id 
_struct_conf.id 
_struct_conf.pdbx_PDB_helix_id 
_struct_conf.beg_label_comp_id 
_struct_conf.beg_label_asym_id 
_struct_conf.beg_label_seq_id 
_struct_conf.pdbx_beg_PDB_ins_code 
_struct_conf.end_label_comp_id 
_struct_conf.end_label_asym_id 
_struct_conf.end_label_seq_id 
_struct_conf.pdbx_end_PDB_ins_code 
_struct_conf.beg_auth_comp_id 
_struct_conf.beg_auth_asym_id 
_struct_conf.beg_auth_seq_id 
_struct_conf.end_auth_comp_id 
_struct_conf.end_auth_asym_id 
_struct_conf.end_auth_seq_id 
_struct_conf.pdbx_PDB_helix_class 
_struct_conf.details 
_struct_conf.pdbx_PDB_helix_length 
HELX_P HELX_P1 AA1 LYS A 16 ? THR A 30  ? LYS A 1868 THR A 1882 1 ? 15 
HELX_P HELX_P2 AA2 HIS A 31 ? TRP A 35  ? HIS A 1883 TRP A 1887 5 ? 5  
HELX_P HELX_P3 AA3 GLY A 48 ? ILE A 53  ? GLY A 1900 ILE A 1905 1 ? 6  
HELX_P HELX_P4 AA4 ASP A 58 ? SER A 68  ? ASP A 1910 SER A 1920 1 ? 11 
HELX_P HELX_P5 AA5 ASN A 73 ? ASN A 92  ? ASN A 1925 ASN A 1944 1 ? 20 
HELX_P HELX_P6 AA6 SER A 96 ? LYS A 118 ? SER A 1948 LYS A 1970 1 ? 23 
# 
_struct_conf_type.id          HELX_P 
_struct_conf_type.criteria    ? 
_struct_conf_type.reference   ? 
# 
loop_
_struct_site.id 
_struct_site.pdbx_evidence_code 
_struct_site.pdbx_auth_asym_id 
_struct_site.pdbx_auth_comp_id 
_struct_site.pdbx_auth_seq_id 
_struct_site.pdbx_auth_ins_code 
_struct_site.pdbx_num_residues 
_struct_site.details 
AC1 Software A EDO 2001 ? 4 'binding site for residue EDO A 2001' 
AC2 Software A ES4 2002 ? 4 'binding site for residue ES4 A 2002' 
# 
loop_
_struct_site_gen.id 
_struct_site_gen.site_id 
_struct_site_gen.pdbx_num_res 
_struct_site_gen.label_comp_id 
_struct_site_gen.label_asym_id 
_struct_site_gen.label_seq_id 
_struct_site_gen.pdbx_auth_ins_code 
_struct_site_gen.auth_comp_id 
_struct_site_gen.auth_asym_id 
_struct_site_gen.auth_seq_id 
_struct_site_gen.label_atom_id 
_struct_site_gen.label_alt_id 
_struct_site_gen.symmetry 
_struct_site_gen.details 
1 AC1 4 MET A 23  ? MET A 1875 . ? 1_555 ? 
2 AC1 4 GLU A 27  ? GLU A 1879 . ? 1_555 ? 
3 AC1 4 THR A 116 ? THR A 1968 . ? 1_555 ? 
4 AC1 4 HOH D .   ? HOH A 2112 . ? 1_555 ? 
5 AC2 4 PRO A 36  ? PRO A 1888 . ? 1_555 ? 
6 AC2 4 ASN A 92  ? ASN A 1944 . ? 1_555 ? 
7 AC2 4 HOH D .   ? HOH A 2115 . ? 1_555 ? 
8 AC2 4 HOH D .   ? HOH A 2209 . ? 1_555 ? 
# 
_pdbx_validate_close_contact.id               1 
_pdbx_validate_close_contact.PDB_model_num    1 
_pdbx_validate_close_contact.auth_atom_id_1   O 
_pdbx_validate_close_contact.auth_asym_id_1   A 
_pdbx_validate_close_contact.auth_comp_id_1   HOH 
_pdbx_validate_close_contact.auth_seq_id_1    2184 
_pdbx_validate_close_contact.PDB_ins_code_1   ? 
_pdbx_validate_close_contact.label_alt_id_1   ? 
_pdbx_validate_close_contact.auth_atom_id_2   O 
_pdbx_validate_close_contact.auth_asym_id_2   A 
_pdbx_validate_close_contact.auth_comp_id_2   HOH 
_pdbx_validate_close_contact.auth_seq_id_2    2190 
_pdbx_validate_close_contact.PDB_ins_code_2   ? 
_pdbx_validate_close_contact.label_alt_id_2   ? 
_pdbx_validate_close_contact.dist             2.16 
# 
_pdbx_validate_torsion.id              1 
_pdbx_validate_torsion.PDB_model_num   1 
_pdbx_validate_torsion.auth_comp_id    ASP 
_pdbx_validate_torsion.auth_asym_id    A 
_pdbx_validate_torsion.auth_seq_id     1947 
_pdbx_validate_torsion.PDB_ins_code    ? 
_pdbx_validate_torsion.label_alt_id    ? 
_pdbx_validate_torsion.phi             -103.62 
_pdbx_validate_torsion.psi             46.07 
# 
_pdbx_SG_project.id                    1 
_pdbx_SG_project.project_name          ? 
_pdbx_SG_project.full_name_of_center   'Structural Genomics Consortium' 
_pdbx_SG_project.initial_of_center     SGC 
# 
_phasing.method   MR 
# 
loop_
_pdbx_unobs_or_zero_occ_residues.id 
_pdbx_unobs_or_zero_occ_residues.PDB_model_num 
_pdbx_unobs_or_zero_occ_residues.polymer_flag 
_pdbx_unobs_or_zero_occ_residues.occupancy_flag 
_pdbx_unobs_or_zero_occ_residues.auth_asym_id 
_pdbx_unobs_or_zero_occ_residues.auth_comp_id 
_pdbx_unobs_or_zero_occ_residues.auth_seq_id 
_pdbx_unobs_or_zero_occ_residues.PDB_ins_code 
_pdbx_unobs_or_zero_occ_residues.label_asym_id 
_pdbx_unobs_or_zero_occ_residues.label_comp_id 
_pdbx_unobs_or_zero_occ_residues.label_seq_id 
1 1 Y 1 A TYR 1853 ? A TYR 1   
2 1 Y 1 A PHE 1854 ? A PHE 2   
3 1 Y 1 A GLN 1855 ? A GLN 3   
4 1 Y 1 A VAL 1971 ? A VAL 119 
5 1 Y 1 A SER 1972 ? A SER 120 
# 
loop_
_chem_comp_atom.comp_id 
_chem_comp_atom.atom_id 
_chem_comp_atom.type_symbol 
_chem_comp_atom.pdbx_aromatic_flag 
_chem_comp_atom.pdbx_stereo_config 
_chem_comp_atom.pdbx_ordinal 
ALA N    N  N N 1   
ALA CA   C  N S 2   
ALA C    C  N N 3   
ALA O    O  N N 4   
ALA CB   C  N N 5   
ALA OXT  O  N N 6   
ALA H    H  N N 7   
ALA H2   H  N N 8   
ALA HA   H  N N 9   
ALA HB1  H  N N 10  
ALA HB2  H  N N 11  
ALA HB3  H  N N 12  
ALA HXT  H  N N 13  
ARG N    N  N N 14  
ARG CA   C  N S 15  
ARG C    C  N N 16  
ARG O    O  N N 17  
ARG CB   C  N N 18  
ARG CG   C  N N 19  
ARG CD   C  N N 20  
ARG NE   N  N N 21  
ARG CZ   C  N N 22  
ARG NH1  N  N N 23  
ARG NH2  N  N N 24  
ARG OXT  O  N N 25  
ARG H    H  N N 26  
ARG H2   H  N N 27  
ARG HA   H  N N 28  
ARG HB2  H  N N 29  
ARG HB3  H  N N 30  
ARG HG2  H  N N 31  
ARG HG3  H  N N 32  
ARG HD2  H  N N 33  
ARG HD3  H  N N 34  
ARG HE   H  N N 35  
ARG HH11 H  N N 36  
ARG HH12 H  N N 37  
ARG HH21 H  N N 38  
ARG HH22 H  N N 39  
ARG HXT  H  N N 40  
ASN N    N  N N 41  
ASN CA   C  N S 42  
ASN C    C  N N 43  
ASN O    O  N N 44  
ASN CB   C  N N 45  
ASN CG   C  N N 46  
ASN OD1  O  N N 47  
ASN ND2  N  N N 48  
ASN OXT  O  N N 49  
ASN H    H  N N 50  
ASN H2   H  N N 51  
ASN HA   H  N N 52  
ASN HB2  H  N N 53  
ASN HB3  H  N N 54  
ASN HD21 H  N N 55  
ASN HD22 H  N N 56  
ASN HXT  H  N N 57  
ASP N    N  N N 58  
ASP CA   C  N S 59  
ASP C    C  N N 60  
ASP O    O  N N 61  
ASP CB   C  N N 62  
ASP CG   C  N N 63  
ASP OD1  O  N N 64  
ASP OD2  O  N N 65  
ASP OXT  O  N N 66  
ASP H    H  N N 67  
ASP H2   H  N N 68  
ASP HA   H  N N 69  
ASP HB2  H  N N 70  
ASP HB3  H  N N 71  
ASP HD2  H  N N 72  
ASP HXT  H  N N 73  
CYS N    N  N N 74  
CYS CA   C  N R 75  
CYS C    C  N N 76  
CYS O    O  N N 77  
CYS CB   C  N N 78  
CYS SG   S  N N 79  
CYS OXT  O  N N 80  
CYS H    H  N N 81  
CYS H2   H  N N 82  
CYS HA   H  N N 83  
CYS HB2  H  N N 84  
CYS HB3  H  N N 85  
CYS HG   H  N N 86  
CYS HXT  H  N N 87  
EDO C1   C  N N 88  
EDO O1   O  N N 89  
EDO C2   C  N N 90  
EDO O2   O  N N 91  
EDO H11  H  N N 92  
EDO H12  H  N N 93  
EDO HO1  H  N N 94  
EDO H21  H  N N 95  
EDO H22  H  N N 96  
EDO HO2  H  N N 97  
ES4 C10  C  Y N 98  
ES4 CL01 CL N N 99  
ES4 C02  C  Y N 100 
ES4 N03  N  Y N 101 
ES4 C04  C  Y N 102 
ES4 N05  N  Y N 103 
ES4 C06  C  Y N 104 
ES4 N07  N  Y N 105 
ES4 C08  C  Y N 106 
ES4 N09  N  Y N 107 
ES4 H04  H  N N 108 
ES4 HN07 H  N N 109 
ES4 H08  H  N N 110 
GLN N    N  N N 111 
GLN CA   C  N S 112 
GLN C    C  N N 113 
GLN O    O  N N 114 
GLN CB   C  N N 115 
GLN CG   C  N N 116 
GLN CD   C  N N 117 
GLN OE1  O  N N 118 
GLN NE2  N  N N 119 
GLN OXT  O  N N 120 
GLN H    H  N N 121 
GLN H2   H  N N 122 
GLN HA   H  N N 123 
GLN HB2  H  N N 124 
GLN HB3  H  N N 125 
GLN HG2  H  N N 126 
GLN HG3  H  N N 127 
GLN HE21 H  N N 128 
GLN HE22 H  N N 129 
GLN HXT  H  N N 130 
GLU N    N  N N 131 
GLU CA   C  N S 132 
GLU C    C  N N 133 
GLU O    O  N N 134 
GLU CB   C  N N 135 
GLU CG   C  N N 136 
GLU CD   C  N N 137 
GLU OE1  O  N N 138 
GLU OE2  O  N N 139 
GLU OXT  O  N N 140 
GLU H    H  N N 141 
GLU H2   H  N N 142 
GLU HA   H  N N 143 
GLU HB2  H  N N 144 
GLU HB3  H  N N 145 
GLU HG2  H  N N 146 
GLU HG3  H  N N 147 
GLU HE2  H  N N 148 
GLU HXT  H  N N 149 
GLY N    N  N N 150 
GLY CA   C  N N 151 
GLY C    C  N N 152 
GLY O    O  N N 153 
GLY OXT  O  N N 154 
GLY H    H  N N 155 
GLY H2   H  N N 156 
GLY HA2  H  N N 157 
GLY HA3  H  N N 158 
GLY HXT  H  N N 159 
HIS N    N  N N 160 
HIS CA   C  N S 161 
HIS C    C  N N 162 
HIS O    O  N N 163 
HIS CB   C  N N 164 
HIS CG   C  Y N 165 
HIS ND1  N  Y N 166 
HIS CD2  C  Y N 167 
HIS CE1  C  Y N 168 
HIS NE2  N  Y N 169 
HIS OXT  O  N N 170 
HIS H    H  N N 171 
HIS H2   H  N N 172 
HIS HA   H  N N 173 
HIS HB2  H  N N 174 
HIS HB3  H  N N 175 
HIS HD1  H  N N 176 
HIS HD2  H  N N 177 
HIS HE1  H  N N 178 
HIS HE2  H  N N 179 
HIS HXT  H  N N 180 
HOH O    O  N N 181 
HOH H1   H  N N 182 
HOH H2   H  N N 183 
ILE N    N  N N 184 
ILE CA   C  N S 185 
ILE C    C  N N 186 
ILE O    O  N N 187 
ILE CB   C  N S 188 
ILE CG1  C  N N 189 
ILE CG2  C  N N 190 
ILE CD1  C  N N 191 
ILE OXT  O  N N 192 
ILE H    H  N N 193 
ILE H2   H  N N 194 
ILE HA   H  N N 195 
ILE HB   H  N N 196 
ILE HG12 H  N N 197 
ILE HG13 H  N N 198 
ILE HG21 H  N N 199 
ILE HG22 H  N N 200 
ILE HG23 H  N N 201 
ILE HD11 H  N N 202 
ILE HD12 H  N N 203 
ILE HD13 H  N N 204 
ILE HXT  H  N N 205 
LEU N    N  N N 206 
LEU CA   C  N S 207 
LEU C    C  N N 208 
LEU O    O  N N 209 
LEU CB   C  N N 210 
LEU CG   C  N N 211 
LEU CD1  C  N N 212 
LEU CD2  C  N N 213 
LEU OXT  O  N N 214 
LEU H    H  N N 215 
LEU H2   H  N N 216 
LEU HA   H  N N 217 
LEU HB2  H  N N 218 
LEU HB3  H  N N 219 
LEU HG   H  N N 220 
LEU HD11 H  N N 221 
LEU HD12 H  N N 222 
LEU HD13 H  N N 223 
LEU HD21 H  N N 224 
LEU HD22 H  N N 225 
LEU HD23 H  N N 226 
LEU HXT  H  N N 227 
LYS N    N  N N 228 
LYS CA   C  N S 229 
LYS C    C  N N 230 
LYS O    O  N N 231 
LYS CB   C  N N 232 
LYS CG   C  N N 233 
LYS CD   C  N N 234 
LYS CE   C  N N 235 
LYS NZ   N  N N 236 
LYS OXT  O  N N 237 
LYS H    H  N N 238 
LYS H2   H  N N 239 
LYS HA   H  N N 240 
LYS HB2  H  N N 241 
LYS HB3  H  N N 242 
LYS HG2  H  N N 243 
LYS HG3  H  N N 244 
LYS HD2  H  N N 245 
LYS HD3  H  N N 246 
LYS HE2  H  N N 247 
LYS HE3  H  N N 248 
LYS HZ1  H  N N 249 
LYS HZ2  H  N N 250 
LYS HZ3  H  N N 251 
LYS HXT  H  N N 252 
MET N    N  N N 253 
MET CA   C  N S 254 
MET C    C  N N 255 
MET O    O  N N 256 
MET CB   C  N N 257 
MET CG   C  N N 258 
MET SD   S  N N 259 
MET CE   C  N N 260 
MET OXT  O  N N 261 
MET H    H  N N 262 
MET H2   H  N N 263 
MET HA   H  N N 264 
MET HB2  H  N N 265 
MET HB3  H  N N 266 
MET HG2  H  N N 267 
MET HG3  H  N N 268 
MET HE1  H  N N 269 
MET HE2  H  N N 270 
MET HE3  H  N N 271 
MET HXT  H  N N 272 
PHE N    N  N N 273 
PHE CA   C  N S 274 
PHE C    C  N N 275 
PHE O    O  N N 276 
PHE CB   C  N N 277 
PHE CG   C  Y N 278 
PHE CD1  C  Y N 279 
PHE CD2  C  Y N 280 
PHE CE1  C  Y N 281 
PHE CE2  C  Y N 282 
PHE CZ   C  Y N 283 
PHE OXT  O  N N 284 
PHE H    H  N N 285 
PHE H2   H  N N 286 
PHE HA   H  N N 287 
PHE HB2  H  N N 288 
PHE HB3  H  N N 289 
PHE HD1  H  N N 290 
PHE HD2  H  N N 291 
PHE HE1  H  N N 292 
PHE HE2  H  N N 293 
PHE HZ   H  N N 294 
PHE HXT  H  N N 295 
PRO N    N  N N 296 
PRO CA   C  N S 297 
PRO C    C  N N 298 
PRO O    O  N N 299 
PRO CB   C  N N 300 
PRO CG   C  N N 301 
PRO CD   C  N N 302 
PRO OXT  O  N N 303 
PRO H    H  N N 304 
PRO HA   H  N N 305 
PRO HB2  H  N N 306 
PRO HB3  H  N N 307 
PRO HG2  H  N N 308 
PRO HG3  H  N N 309 
PRO HD2  H  N N 310 
PRO HD3  H  N N 311 
PRO HXT  H  N N 312 
SER N    N  N N 313 
SER CA   C  N S 314 
SER C    C  N N 315 
SER O    O  N N 316 
SER CB   C  N N 317 
SER OG   O  N N 318 
SER OXT  O  N N 319 
SER H    H  N N 320 
SER H2   H  N N 321 
SER HA   H  N N 322 
SER HB2  H  N N 323 
SER HB3  H  N N 324 
SER HG   H  N N 325 
SER HXT  H  N N 326 
THR N    N  N N 327 
THR CA   C  N S 328 
THR C    C  N N 329 
THR O    O  N N 330 
THR CB   C  N R 331 
THR OG1  O  N N 332 
THR CG2  C  N N 333 
THR OXT  O  N N 334 
THR H    H  N N 335 
THR H2   H  N N 336 
THR HA   H  N N 337 
THR HB   H  N N 338 
THR HG1  H  N N 339 
THR HG21 H  N N 340 
THR HG22 H  N N 341 
THR HG23 H  N N 342 
THR HXT  H  N N 343 
TRP N    N  N N 344 
TRP CA   C  N S 345 
TRP C    C  N N 346 
TRP O    O  N N 347 
TRP CB   C  N N 348 
TRP CG   C  Y N 349 
TRP CD1  C  Y N 350 
TRP CD2  C  Y N 351 
TRP NE1  N  Y N 352 
TRP CE2  C  Y N 353 
TRP CE3  C  Y N 354 
TRP CZ2  C  Y N 355 
TRP CZ3  C  Y N 356 
TRP CH2  C  Y N 357 
TRP OXT  O  N N 358 
TRP H    H  N N 359 
TRP H2   H  N N 360 
TRP HA   H  N N 361 
TRP HB2  H  N N 362 
TRP HB3  H  N N 363 
TRP HD1  H  N N 364 
TRP HE1  H  N N 365 
TRP HE3  H  N N 366 
TRP HZ2  H  N N 367 
TRP HZ3  H  N N 368 
TRP HH2  H  N N 369 
TRP HXT  H  N N 370 
TYR N    N  N N 371 
TYR CA   C  N S 372 
TYR C    C  N N 373 
TYR O    O  N N 374 
TYR CB   C  N N 375 
TYR CG   C  Y N 376 
TYR CD1  C  Y N 377 
TYR CD2  C  Y N 378 
TYR CE1  C  Y N 379 
TYR CE2  C  Y N 380 
TYR CZ   C  Y N 381 
TYR OH   O  N N 382 
TYR OXT  O  N N 383 
TYR H    H  N N 384 
TYR H2   H  N N 385 
TYR HA   H  N N 386 
TYR HB2  H  N N 387 
TYR HB3  H  N N 388 
TYR HD1  H  N N 389 
TYR HD2  H  N N 390 
TYR HE1  H  N N 391 
TYR HE2  H  N N 392 
TYR HH   H  N N 393 
TYR HXT  H  N N 394 
VAL N    N  N N 395 
VAL CA   C  N S 396 
VAL C    C  N N 397 
VAL O    O  N N 398 
VAL CB   C  N N 399 
VAL CG1  C  N N 400 
VAL CG2  C  N N 401 
VAL OXT  O  N N 402 
VAL H    H  N N 403 
VAL H2   H  N N 404 
VAL HA   H  N N 405 
VAL HB   H  N N 406 
VAL HG11 H  N N 407 
VAL HG12 H  N N 408 
VAL HG13 H  N N 409 
VAL HG21 H  N N 410 
VAL HG22 H  N N 411 
VAL HG23 H  N N 412 
VAL HXT  H  N N 413 
# 
loop_
_chem_comp_bond.comp_id 
_chem_comp_bond.atom_id_1 
_chem_comp_bond.atom_id_2 
_chem_comp_bond.value_order 
_chem_comp_bond.pdbx_aromatic_flag 
_chem_comp_bond.pdbx_stereo_config 
_chem_comp_bond.pdbx_ordinal 
ALA N    CA   sing N N 1   
ALA N    H    sing N N 2   
ALA N    H2   sing N N 3   
ALA CA   C    sing N N 4   
ALA CA   CB   sing N N 5   
ALA CA   HA   sing N N 6   
ALA C    O    doub N N 7   
ALA C    OXT  sing N N 8   
ALA CB   HB1  sing N N 9   
ALA CB   HB2  sing N N 10  
ALA CB   HB3  sing N N 11  
ALA OXT  HXT  sing N N 12  
ARG N    CA   sing N N 13  
ARG N    H    sing N N 14  
ARG N    H2   sing N N 15  
ARG CA   C    sing N N 16  
ARG CA   CB   sing N N 17  
ARG CA   HA   sing N N 18  
ARG C    O    doub N N 19  
ARG C    OXT  sing N N 20  
ARG CB   CG   sing N N 21  
ARG CB   HB2  sing N N 22  
ARG CB   HB3  sing N N 23  
ARG CG   CD   sing N N 24  
ARG CG   HG2  sing N N 25  
ARG CG   HG3  sing N N 26  
ARG CD   NE   sing N N 27  
ARG CD   HD2  sing N N 28  
ARG CD   HD3  sing N N 29  
ARG NE   CZ   sing N N 30  
ARG NE   HE   sing N N 31  
ARG CZ   NH1  sing N N 32  
ARG CZ   NH2  doub N N 33  
ARG NH1  HH11 sing N N 34  
ARG NH1  HH12 sing N N 35  
ARG NH2  HH21 sing N N 36  
ARG NH2  HH22 sing N N 37  
ARG OXT  HXT  sing N N 38  
ASN N    CA   sing N N 39  
ASN N    H    sing N N 40  
ASN N    H2   sing N N 41  
ASN CA   C    sing N N 42  
ASN CA   CB   sing N N 43  
ASN CA   HA   sing N N 44  
ASN C    O    doub N N 45  
ASN C    OXT  sing N N 46  
ASN CB   CG   sing N N 47  
ASN CB   HB2  sing N N 48  
ASN CB   HB3  sing N N 49  
ASN CG   OD1  doub N N 50  
ASN CG   ND2  sing N N 51  
ASN ND2  HD21 sing N N 52  
ASN ND2  HD22 sing N N 53  
ASN OXT  HXT  sing N N 54  
ASP N    CA   sing N N 55  
ASP N    H    sing N N 56  
ASP N    H2   sing N N 57  
ASP CA   C    sing N N 58  
ASP CA   CB   sing N N 59  
ASP CA   HA   sing N N 60  
ASP C    O    doub N N 61  
ASP C    OXT  sing N N 62  
ASP CB   CG   sing N N 63  
ASP CB   HB2  sing N N 64  
ASP CB   HB3  sing N N 65  
ASP CG   OD1  doub N N 66  
ASP CG   OD2  sing N N 67  
ASP OD2  HD2  sing N N 68  
ASP OXT  HXT  sing N N 69  
CYS N    CA   sing N N 70  
CYS N    H    sing N N 71  
CYS N    H2   sing N N 72  
CYS CA   C    sing N N 73  
CYS CA   CB   sing N N 74  
CYS CA   HA   sing N N 75  
CYS C    O    doub N N 76  
CYS C    OXT  sing N N 77  
CYS CB   SG   sing N N 78  
CYS CB   HB2  sing N N 79  
CYS CB   HB3  sing N N 80  
CYS SG   HG   sing N N 81  
CYS OXT  HXT  sing N N 82  
EDO C1   O1   sing N N 83  
EDO C1   C2   sing N N 84  
EDO C1   H11  sing N N 85  
EDO C1   H12  sing N N 86  
EDO O1   HO1  sing N N 87  
EDO C2   O2   sing N N 88  
EDO C2   H21  sing N N 89  
EDO C2   H22  sing N N 90  
EDO O2   HO2  sing N N 91  
ES4 C10  C02  doub Y N 92  
ES4 C10  C06  sing Y N 93  
ES4 C10  N09  sing Y N 94  
ES4 CL01 C02  sing N N 95  
ES4 C02  N03  sing Y N 96  
ES4 N03  C04  doub Y N 97  
ES4 C04  N05  sing Y N 98  
ES4 N05  C06  doub Y N 99  
ES4 C06  N07  sing Y N 100 
ES4 N07  C08  sing Y N 101 
ES4 C08  N09  doub Y N 102 
ES4 C04  H04  sing N N 103 
ES4 N07  HN07 sing N N 104 
ES4 C08  H08  sing N N 105 
GLN N    CA   sing N N 106 
GLN N    H    sing N N 107 
GLN N    H2   sing N N 108 
GLN CA   C    sing N N 109 
GLN CA   CB   sing N N 110 
GLN CA   HA   sing N N 111 
GLN C    O    doub N N 112 
GLN C    OXT  sing N N 113 
GLN CB   CG   sing N N 114 
GLN CB   HB2  sing N N 115 
GLN CB   HB3  sing N N 116 
GLN CG   CD   sing N N 117 
GLN CG   HG2  sing N N 118 
GLN CG   HG3  sing N N 119 
GLN CD   OE1  doub N N 120 
GLN CD   NE2  sing N N 121 
GLN NE2  HE21 sing N N 122 
GLN NE2  HE22 sing N N 123 
GLN OXT  HXT  sing N N 124 
GLU N    CA   sing N N 125 
GLU N    H    sing N N 126 
GLU N    H2   sing N N 127 
GLU CA   C    sing N N 128 
GLU CA   CB   sing N N 129 
GLU CA   HA   sing N N 130 
GLU C    O    doub N N 131 
GLU C    OXT  sing N N 132 
GLU CB   CG   sing N N 133 
GLU CB   HB2  sing N N 134 
GLU CB   HB3  sing N N 135 
GLU CG   CD   sing N N 136 
GLU CG   HG2  sing N N 137 
GLU CG   HG3  sing N N 138 
GLU CD   OE1  doub N N 139 
GLU CD   OE2  sing N N 140 
GLU OE2  HE2  sing N N 141 
GLU OXT  HXT  sing N N 142 
GLY N    CA   sing N N 143 
GLY N    H    sing N N 144 
GLY N    H2   sing N N 145 
GLY CA   C    sing N N 146 
GLY CA   HA2  sing N N 147 
GLY CA   HA3  sing N N 148 
GLY C    O    doub N N 149 
GLY C    OXT  sing N N 150 
GLY OXT  HXT  sing N N 151 
HIS N    CA   sing N N 152 
HIS N    H    sing N N 153 
HIS N    H2   sing N N 154 
HIS CA   C    sing N N 155 
HIS CA   CB   sing N N 156 
HIS CA   HA   sing N N 157 
HIS C    O    doub N N 158 
HIS C    OXT  sing N N 159 
HIS CB   CG   sing N N 160 
HIS CB   HB2  sing N N 161 
HIS CB   HB3  sing N N 162 
HIS CG   ND1  sing Y N 163 
HIS CG   CD2  doub Y N 164 
HIS ND1  CE1  doub Y N 165 
HIS ND1  HD1  sing N N 166 
HIS CD2  NE2  sing Y N 167 
HIS CD2  HD2  sing N N 168 
HIS CE1  NE2  sing Y N 169 
HIS CE1  HE1  sing N N 170 
HIS NE2  HE2  sing N N 171 
HIS OXT  HXT  sing N N 172 
HOH O    H1   sing N N 173 
HOH O    H2   sing N N 174 
ILE N    CA   sing N N 175 
ILE N    H    sing N N 176 
ILE N    H2   sing N N 177 
ILE CA   C    sing N N 178 
ILE CA   CB   sing N N 179 
ILE CA   HA   sing N N 180 
ILE C    O    doub N N 181 
ILE C    OXT  sing N N 182 
ILE CB   CG1  sing N N 183 
ILE CB   CG2  sing N N 184 
ILE CB   HB   sing N N 185 
ILE CG1  CD1  sing N N 186 
ILE CG1  HG12 sing N N 187 
ILE CG1  HG13 sing N N 188 
ILE CG2  HG21 sing N N 189 
ILE CG2  HG22 sing N N 190 
ILE CG2  HG23 sing N N 191 
ILE CD1  HD11 sing N N 192 
ILE CD1  HD12 sing N N 193 
ILE CD1  HD13 sing N N 194 
ILE OXT  HXT  sing N N 195 
LEU N    CA   sing N N 196 
LEU N    H    sing N N 197 
LEU N    H2   sing N N 198 
LEU CA   C    sing N N 199 
LEU CA   CB   sing N N 200 
LEU CA   HA   sing N N 201 
LEU C    O    doub N N 202 
LEU C    OXT  sing N N 203 
LEU CB   CG   sing N N 204 
LEU CB   HB2  sing N N 205 
LEU CB   HB3  sing N N 206 
LEU CG   CD1  sing N N 207 
LEU CG   CD2  sing N N 208 
LEU CG   HG   sing N N 209 
LEU CD1  HD11 sing N N 210 
LEU CD1  HD12 sing N N 211 
LEU CD1  HD13 sing N N 212 
LEU CD2  HD21 sing N N 213 
LEU CD2  HD22 sing N N 214 
LEU CD2  HD23 sing N N 215 
LEU OXT  HXT  sing N N 216 
LYS N    CA   sing N N 217 
LYS N    H    sing N N 218 
LYS N    H2   sing N N 219 
LYS CA   C    sing N N 220 
LYS CA   CB   sing N N 221 
LYS CA   HA   sing N N 222 
LYS C    O    doub N N 223 
LYS C    OXT  sing N N 224 
LYS CB   CG   sing N N 225 
LYS CB   HB2  sing N N 226 
LYS CB   HB3  sing N N 227 
LYS CG   CD   sing N N 228 
LYS CG   HG2  sing N N 229 
LYS CG   HG3  sing N N 230 
LYS CD   CE   sing N N 231 
LYS CD   HD2  sing N N 232 
LYS CD   HD3  sing N N 233 
LYS CE   NZ   sing N N 234 
LYS CE   HE2  sing N N 235 
LYS CE   HE3  sing N N 236 
LYS NZ   HZ1  sing N N 237 
LYS NZ   HZ2  sing N N 238 
LYS NZ   HZ3  sing N N 239 
LYS OXT  HXT  sing N N 240 
MET N    CA   sing N N 241 
MET N    H    sing N N 242 
MET N    H2   sing N N 243 
MET CA   C    sing N N 244 
MET CA   CB   sing N N 245 
MET CA   HA   sing N N 246 
MET C    O    doub N N 247 
MET C    OXT  sing N N 248 
MET CB   CG   sing N N 249 
MET CB   HB2  sing N N 250 
MET CB   HB3  sing N N 251 
MET CG   SD   sing N N 252 
MET CG   HG2  sing N N 253 
MET CG   HG3  sing N N 254 
MET SD   CE   sing N N 255 
MET CE   HE1  sing N N 256 
MET CE   HE2  sing N N 257 
MET CE   HE3  sing N N 258 
MET OXT  HXT  sing N N 259 
PHE N    CA   sing N N 260 
PHE N    H    sing N N 261 
PHE N    H2   sing N N 262 
PHE CA   C    sing N N 263 
PHE CA   CB   sing N N 264 
PHE CA   HA   sing N N 265 
PHE C    O    doub N N 266 
PHE C    OXT  sing N N 267 
PHE CB   CG   sing N N 268 
PHE CB   HB2  sing N N 269 
PHE CB   HB3  sing N N 270 
PHE CG   CD1  doub Y N 271 
PHE CG   CD2  sing Y N 272 
PHE CD1  CE1  sing Y N 273 
PHE CD1  HD1  sing N N 274 
PHE CD2  CE2  doub Y N 275 
PHE CD2  HD2  sing N N 276 
PHE CE1  CZ   doub Y N 277 
PHE CE1  HE1  sing N N 278 
PHE CE2  CZ   sing Y N 279 
PHE CE2  HE2  sing N N 280 
PHE CZ   HZ   sing N N 281 
PHE OXT  HXT  sing N N 282 
PRO N    CA   sing N N 283 
PRO N    CD   sing N N 284 
PRO N    H    sing N N 285 
PRO CA   C    sing N N 286 
PRO CA   CB   sing N N 287 
PRO CA   HA   sing N N 288 
PRO C    O    doub N N 289 
PRO C    OXT  sing N N 290 
PRO CB   CG   sing N N 291 
PRO CB   HB2  sing N N 292 
PRO CB   HB3  sing N N 293 
PRO CG   CD   sing N N 294 
PRO CG   HG2  sing N N 295 
PRO CG   HG3  sing N N 296 
PRO CD   HD2  sing N N 297 
PRO CD   HD3  sing N N 298 
PRO OXT  HXT  sing N N 299 
SER N    CA   sing N N 300 
SER N    H    sing N N 301 
SER N    H2   sing N N 302 
SER CA   C    sing N N 303 
SER CA   CB   sing N N 304 
SER CA   HA   sing N N 305 
SER C    O    doub N N 306 
SER C    OXT  sing N N 307 
SER CB   OG   sing N N 308 
SER CB   HB2  sing N N 309 
SER CB   HB3  sing N N 310 
SER OG   HG   sing N N 311 
SER OXT  HXT  sing N N 312 
THR N    CA   sing N N 313 
THR N    H    sing N N 314 
THR N    H2   sing N N 315 
THR CA   C    sing N N 316 
THR CA   CB   sing N N 317 
THR CA   HA   sing N N 318 
THR C    O    doub N N 319 
THR C    OXT  sing N N 320 
THR CB   OG1  sing N N 321 
THR CB   CG2  sing N N 322 
THR CB   HB   sing N N 323 
THR OG1  HG1  sing N N 324 
THR CG2  HG21 sing N N 325 
THR CG2  HG22 sing N N 326 
THR CG2  HG23 sing N N 327 
THR OXT  HXT  sing N N 328 
TRP N    CA   sing N N 329 
TRP N    H    sing N N 330 
TRP N    H2   sing N N 331 
TRP CA   C    sing N N 332 
TRP CA   CB   sing N N 333 
TRP CA   HA   sing N N 334 
TRP C    O    doub N N 335 
TRP C    OXT  sing N N 336 
TRP CB   CG   sing N N 337 
TRP CB   HB2  sing N N 338 
TRP CB   HB3  sing N N 339 
TRP CG   CD1  doub Y N 340 
TRP CG   CD2  sing Y N 341 
TRP CD1  NE1  sing Y N 342 
TRP CD1  HD1  sing N N 343 
TRP CD2  CE2  doub Y N 344 
TRP CD2  CE3  sing Y N 345 
TRP NE1  CE2  sing Y N 346 
TRP NE1  HE1  sing N N 347 
TRP CE2  CZ2  sing Y N 348 
TRP CE3  CZ3  doub Y N 349 
TRP CE3  HE3  sing N N 350 
TRP CZ2  CH2  doub Y N 351 
TRP CZ2  HZ2  sing N N 352 
TRP CZ3  CH2  sing Y N 353 
TRP CZ3  HZ3  sing N N 354 
TRP CH2  HH2  sing N N 355 
TRP OXT  HXT  sing N N 356 
TYR N    CA   sing N N 357 
TYR N    H    sing N N 358 
TYR N    H2   sing N N 359 
TYR CA   C    sing N N 360 
TYR CA   CB   sing N N 361 
TYR CA   HA   sing N N 362 
TYR C    O    doub N N 363 
TYR C    OXT  sing N N 364 
TYR CB   CG   sing N N 365 
TYR CB   HB2  sing N N 366 
TYR CB   HB3  sing N N 367 
TYR CG   CD1  doub Y N 368 
TYR CG   CD2  sing Y N 369 
TYR CD1  CE1  sing Y N 370 
TYR CD1  HD1  sing N N 371 
TYR CD2  CE2  doub Y N 372 
TYR CD2  HD2  sing N N 373 
TYR CE1  CZ   doub Y N 374 
TYR CE1  HE1  sing N N 375 
TYR CE2  CZ   sing Y N 376 
TYR CE2  HE2  sing N N 377 
TYR CZ   OH   sing N N 378 
TYR OH   HH   sing N N 379 
TYR OXT  HXT  sing N N 380 
VAL N    CA   sing N N 381 
VAL N    H    sing N N 382 
VAL N    H2   sing N N 383 
VAL CA   C    sing N N 384 
VAL CA   CB   sing N N 385 
VAL CA   HA   sing N N 386 
VAL C    O    doub N N 387 
VAL C    OXT  sing N N 388 
VAL CB   CG1  sing N N 389 
VAL CB   CG2  sing N N 390 
VAL CB   HB   sing N N 391 
VAL CG1  HG11 sing N N 392 
VAL CG1  HG12 sing N N 393 
VAL CG1  HG13 sing N N 394 
VAL CG2  HG21 sing N N 395 
VAL CG2  HG22 sing N N 396 
VAL CG2  HG23 sing N N 397 
VAL OXT  HXT  sing N N 398 
# 
_atom_sites.entry_id                    5CUD 
_atom_sites.fract_transf_matrix[1][1]   -0.00931179 
_atom_sites.fract_transf_matrix[1][2]   0.00765179 
_atom_sites.fract_transf_matrix[1][3]   -0.00184659 
_atom_sites.fract_transf_matrix[2][1]   -0.00667353 
_atom_sites.fract_transf_matrix[2][2]   -0.00763155 
_atom_sites.fract_transf_matrix[2][3]   0.00202938 
_atom_sites.fract_transf_matrix[3][1]   0.00019694 
_atom_sites.fract_transf_matrix[3][2]   0.00428148 
_atom_sites.fract_transf_matrix[3][3]   0.01674829 
_atom_sites.fract_transf_vector[1]      0.285232 
_atom_sites.fract_transf_vector[2]      0.293412 
_atom_sites.fract_transf_vector[3]      0.462448 
# 
loop_
_atom_type.symbol 
C  
CL 
N  
O  
S  
# 
loop_
_atom_site.group_PDB 
_atom_site.id 
_atom_site.type_symbol 
_atom_site.label_atom_id 
_atom_site.label_alt_id 
_atom_site.label_comp_id 
_atom_site.label_asym_id 
_atom_site.label_entity_id 
_atom_site.label_seq_id 
_atom_site.pdbx_PDB_ins_code 
_atom_site.Cartn_x 
_atom_site.Cartn_y 
_atom_site.Cartn_z 
_atom_site.occupancy 
_atom_site.B_iso_or_equiv 
_atom_site.pdbx_formal_charge 
_atom_site.auth_seq_id 
_atom_site.auth_comp_id 
_atom_site.auth_asym_id 
_atom_site.auth_atom_id 
_atom_site.pdbx_PDB_model_num 
ATOM   1    N  N    . SER A 1 4   ? -15.878 22.018  -15.651 1.00 34.02 ? 1856 SER A N    1 
ATOM   2    C  CA   . SER A 1 4   ? -16.645 21.545  -16.797 1.00 35.97 ? 1856 SER A CA   1 
ATOM   3    C  C    . SER A 1 4   ? -15.927 21.938  -18.089 1.00 36.73 ? 1856 SER A C    1 
ATOM   4    O  O    . SER A 1 4   ? -14.797 22.430  -18.045 1.00 36.32 ? 1856 SER A O    1 
ATOM   5    C  CB   . SER A 1 4   ? -18.069 22.116  -16.756 1.00 30.58 ? 1856 SER A CB   1 
ATOM   6    O  OG   . SER A 1 4   ? -18.057 23.529  -16.889 1.00 32.02 ? 1856 SER A OG   1 
ATOM   7    N  N    . MET A 1 5   ? -16.579 21.725  -19.229 1.00 34.18 ? 1857 MET A N    1 
ATOM   8    C  CA   . MET A 1 5   ? -15.976 21.979  -20.539 1.00 34.22 ? 1857 MET A CA   1 
ATOM   9    C  C    . MET A 1 5   ? -15.389 23.385  -20.690 1.00 33.24 ? 1857 MET A C    1 
ATOM   10   O  O    . MET A 1 5   ? -16.110 24.389  -20.605 1.00 32.31 ? 1857 MET A O    1 
ATOM   11   C  CB   . MET A 1 5   ? -17.011 21.736  -21.646 1.00 32.78 ? 1857 MET A CB   1 
ATOM   12   C  CG   . MET A 1 5   ? -16.408 21.549  -23.030 1.00 32.74 ? 1857 MET A CG   1 
ATOM   13   S  SD   . MET A 1 5   ? -17.615 21.540  -24.382 1.00 31.58 ? 1857 MET A SD   1 
ATOM   14   C  CE   . MET A 1 5   ? -18.856 20.443  -23.718 1.00 33.06 ? 1857 MET A CE   1 
ATOM   15   N  N    . SER A 1 6   ? -14.074 23.445  -20.904 1.00 33.21 ? 1858 SER A N    1 
ATOM   16   C  CA   . SER A 1 6   ? -13.337 24.704  -21.080 1.00 34.95 ? 1858 SER A CA   1 
ATOM   17   C  C    . SER A 1 6   ? -13.312 25.560  -19.804 1.00 37.34 ? 1858 SER A C    1 
ATOM   18   O  O    . SER A 1 6   ? -13.104 26.772  -19.864 1.00 41.22 ? 1858 SER A O    1 
ATOM   19   C  CB   . SER A 1 6   ? -13.915 25.536  -22.229 1.00 34.28 ? 1858 SER A CB   1 
ATOM   20   O  OG   . SER A 1 6   ? -13.910 24.811  -23.440 1.00 33.96 ? 1858 SER A OG   1 
ATOM   21   N  N    . VAL A 1 7   ? -13.531 24.929  -18.657 1.00 33.25 ? 1859 VAL A N    1 
ATOM   22   C  CA   . VAL A 1 7   ? -13.459 25.619  -17.371 1.00 38.13 ? 1859 VAL A CA   1 
ATOM   23   C  C    . VAL A 1 7   ? -12.559 24.806  -16.454 1.00 38.66 ? 1859 VAL A C    1 
ATOM   24   O  O    . VAL A 1 7   ? -13.014 23.867  -15.803 1.00 38.42 ? 1859 VAL A O    1 
ATOM   25   C  CB   . VAL A 1 7   ? -14.864 25.811  -16.730 1.00 35.48 ? 1859 VAL A CB   1 
ATOM   26   C  CG1  . VAL A 1 7   ? -14.752 26.445  -15.337 1.00 35.05 ? 1859 VAL A CG1  1 
ATOM   27   C  CG2  . VAL A 1 7   ? -15.730 26.652  -17.616 1.00 33.45 ? 1859 VAL A CG2  1 
ATOM   28   N  N    . LYS A 1 8   ? -11.274 25.161  -16.427 1.00 42.75 ? 1860 LYS A N    1 
ATOM   29   C  CA   . LYS A 1 8   ? -10.255 24.365  -15.735 1.00 44.19 ? 1860 LYS A CA   1 
ATOM   30   C  C    . LYS A 1 8   ? -9.987  24.851  -14.317 1.00 41.08 ? 1860 LYS A C    1 
ATOM   31   O  O    . LYS A 1 8   ? -9.774  26.038  -14.089 1.00 38.74 ? 1860 LYS A O    1 
ATOM   32   C  CB   . LYS A 1 8   ? -8.933  24.371  -16.527 1.00 46.27 ? 1860 LYS A CB   1 
ATOM   33   C  CG   . LYS A 1 8   ? -8.710  25.618  -17.361 1.00 50.10 ? 1860 LYS A CG   1 
ATOM   34   C  CD   . LYS A 1 8   ? -7.293  25.791  -17.925 1.00 53.33 ? 1860 LYS A CD   1 
ATOM   35   C  CE   . LYS A 1 8   ? -7.148  27.132  -18.686 1.00 55.59 ? 1860 LYS A CE   1 
ATOM   36   N  NZ   . LYS A 1 8   ? -8.196  27.374  -19.745 1.00 57.26 ? 1860 LYS A NZ   1 
ATOM   37   N  N    . LYS A 1 9   ? -10.018 23.909  -13.382 1.00 42.13 ? 1861 LYS A N    1 
ATOM   38   C  CA   . LYS A 1 9   ? -9.556  24.090  -12.013 1.00 42.31 ? 1861 LYS A CA   1 
ATOM   39   C  C    . LYS A 1 9   ? -8.029  24.185  -12.037 1.00 43.49 ? 1861 LYS A C    1 
ATOM   40   O  O    . LYS A 1 9   ? -7.397  23.536  -12.862 1.00 45.99 ? 1861 LYS A O    1 
ATOM   41   C  CB   . LYS A 1 9   ? -10.032 22.905  -11.170 1.00 42.76 ? 1861 LYS A CB   1 
ATOM   42   C  CG   . LYS A 1 9   ? -10.075 23.089  -9.669  1.00 42.18 ? 1861 LYS A CG   1 
ATOM   43   C  CD   . LYS A 1 9   ? -10.864 21.918  -9.067  1.00 44.96 ? 1861 LYS A CD   1 
ATOM   44   C  CE   . LYS A 1 9   ? -11.040 22.041  -7.567  1.00 46.14 ? 1861 LYS A CE   1 
ATOM   45   N  NZ   . LYS A 1 9   ? -11.982 21.007  -7.041  1.00 51.23 ? 1861 LYS A NZ   1 
ATOM   46   N  N    . PRO A 1 10  ? -7.425  25.002  -11.159 1.00 45.20 ? 1862 PRO A N    1 
ATOM   47   C  CA   . PRO A 1 10  ? -5.958  25.120  -11.196 1.00 48.36 ? 1862 PRO A CA   1 
ATOM   48   C  C    . PRO A 1 10  ? -5.238  23.795  -10.909 1.00 50.76 ? 1862 PRO A C    1 
ATOM   49   O  O    . PRO A 1 10  ? -5.655  23.030  -10.037 1.00 50.21 ? 1862 PRO A O    1 
ATOM   50   C  CB   . PRO A 1 10  ? -5.666  26.162  -10.113 1.00 49.49 ? 1862 PRO A CB   1 
ATOM   51   C  CG   . PRO A 1 10  ? -6.906  27.018  -10.102 1.00 43.86 ? 1862 PRO A CG   1 
ATOM   52   C  CD   . PRO A 1 10  ? -8.032  26.026  -10.292 1.00 45.55 ? 1862 PRO A CD   1 
ATOM   53   N  N    . LYS A 1 11  ? -4.167  23.542  -11.655 1.00 52.99 ? 1863 LYS A N    1 
ATOM   54   C  CA   . LYS A 1 11  ? -3.532  22.222  -11.682 1.00 60.76 ? 1863 LYS A CA   1 
ATOM   55   C  C    . LYS A 1 11  ? -2.500  22.019  -10.571 1.00 54.37 ? 1863 LYS A C    1 
ATOM   56   O  O    . LYS A 1 11  ? -1.449  22.663  -10.572 1.00 56.68 ? 1863 LYS A O    1 
ATOM   57   C  CB   . LYS A 1 11  ? -2.861  21.988  -13.046 1.00 60.02 ? 1863 LYS A CB   1 
ATOM   58   N  N    . ARG A 1 12  ? -2.810  21.129  -9.633  1.00 51.34 ? 1864 ARG A N    1 
ATOM   59   C  CA   . ARG A 1 12  ? -1.822  20.665  -8.662  1.00 52.06 ? 1864 ARG A CA   1 
ATOM   60   C  C    . ARG A 1 12  ? -0.613  20.021  -9.366  1.00 50.05 ? 1864 ARG A C    1 
ATOM   61   O  O    . ARG A 1 12  ? -0.783  19.215  -10.282 1.00 49.16 ? 1864 ARG A O    1 
ATOM   62   C  CB   . ARG A 1 12  ? -2.460  19.668  -7.700  1.00 52.59 ? 1864 ARG A CB   1 
ATOM   63   C  CG   . ARG A 1 12  ? -1.471  19.091  -6.740  1.00 49.22 ? 1864 ARG A CG   1 
ATOM   64   C  CD   . ARG A 1 12  ? -1.908  17.770  -6.121  1.00 49.90 ? 1864 ARG A CD   1 
ATOM   65   N  NE   . ARG A 1 12  ? -0.745  17.187  -5.461  1.00 45.29 ? 1864 ARG A NE   1 
ATOM   66   C  CZ   . ARG A 1 12  ? -0.012  16.199  -5.966  1.00 43.40 ? 1864 ARG A CZ   1 
ATOM   67   N  NH1  . ARG A 1 12  ? -0.357  15.626  -7.112  1.00 42.01 ? 1864 ARG A NH1  1 
ATOM   68   N  NH2  . ARG A 1 12  ? 1.053   15.772  -5.307  1.00 39.82 ? 1864 ARG A NH2  1 
ATOM   69   N  N    . ASP A 1 13  ? 0.603   20.385  -8.959  1.00 48.41 ? 1865 ASP A N    1 
ATOM   70   C  CA   . ASP A 1 13  ? 1.812   19.853  -9.600  1.00 46.92 ? 1865 ASP A CA   1 
ATOM   71   C  C    . ASP A 1 13  ? 2.041   18.387  -9.208  1.00 44.70 ? 1865 ASP A C    1 
ATOM   72   O  O    . ASP A 1 13  ? 2.246   18.077  -8.034  1.00 41.67 ? 1865 ASP A O    1 
ATOM   73   C  CB   . ASP A 1 13  ? 3.035   20.699  -9.234  1.00 44.52 ? 1865 ASP A CB   1 
ATOM   74   C  CG   . ASP A 1 13  ? 4.297   20.258  -9.967  1.00 48.25 ? 1865 ASP A CG   1 
ATOM   75   O  OD1  . ASP A 1 13  ? 4.216   19.393  -10.868 1.00 46.69 ? 1865 ASP A OD1  1 
ATOM   76   O  OD2  . ASP A 1 13  ? 5.382   20.798  -9.655  1.00 53.43 ? 1865 ASP A OD2  1 
ATOM   77   N  N    . ASP A 1 14  ? 2.008   17.495  -10.196 1.00 42.43 ? 1866 ASP A N    1 
ATOM   78   C  CA   . ASP A 1 14  ? 2.083   16.057  -9.926  1.00 43.39 ? 1866 ASP A CA   1 
ATOM   79   C  C    . ASP A 1 14  ? 3.360   15.414  -10.465 1.00 40.62 ? 1866 ASP A C    1 
ATOM   80   O  O    . ASP A 1 14  ? 3.485   14.184  -10.493 1.00 40.71 ? 1866 ASP A O    1 
ATOM   81   C  CB   . ASP A 1 14  ? 0.861   15.350  -10.521 1.00 41.22 ? 1866 ASP A CB   1 
ATOM   82   C  CG   . ASP A 1 14  ? 0.820   15.435  -12.030 1.00 42.26 ? 1866 ASP A CG   1 
ATOM   83   O  OD1  . ASP A 1 14  ? 1.504   16.312  -12.604 1.00 46.60 ? 1866 ASP A OD1  1 
ATOM   84   O  OD2  . ASP A 1 14  ? 0.103   14.623  -12.646 1.00 46.67 ? 1866 ASP A OD2  1 
ATOM   85   N  N    . SER A 1 15  ? 4.307   16.239  -10.890 1.00 39.27 ? 1867 SER A N    1 
ATOM   86   C  CA   . SER A 1 15  ? 5.478   15.725  -11.583 1.00 41.58 ? 1867 SER A CA   1 
ATOM   87   C  C    . SER A 1 15  ? 6.408   14.925  -10.668 1.00 35.85 ? 1867 SER A C    1 
ATOM   88   O  O    . SER A 1 15  ? 7.191   14.115  -11.145 1.00 41.10 ? 1867 SER A O    1 
ATOM   89   C  CB   . SER A 1 15  ? 6.255   16.873  -12.235 1.00 43.09 ? 1867 SER A CB   1 
ATOM   90   O  OG   . SER A 1 15  ? 6.674   17.815  -11.263 1.00 45.76 ? 1867 SER A OG   1 
ATOM   91   N  N    . LYS A 1 16  ? 6.327   15.149  -9.360  1.00 37.14 ? 1868 LYS A N    1 
ATOM   92   C  CA   . LYS A 1 16  ? 7.219   14.468  -8.430  1.00 35.92 ? 1868 LYS A CA   1 
ATOM   93   C  C    . LYS A 1 16  ? 6.548   13.271  -7.766  1.00 35.93 ? 1868 LYS A C    1 
ATOM   94   O  O    . LYS A 1 16  ? 7.163   12.610  -6.931  1.00 34.07 ? 1868 LYS A O    1 
ATOM   95   C  CB   . LYS A 1 16  ? 7.725   15.438  -7.358  1.00 38.48 ? 1868 LYS A CB   1 
ATOM   96   C  CG   . LYS A 1 16  ? 8.720   16.477  -7.883  1.00 41.83 ? 1868 LYS A CG   1 
ATOM   97   C  CD   . LYS A 1 16  ? 9.095   17.485  -6.804  1.00 44.95 ? 1868 LYS A CD   1 
ATOM   98   N  N    . ASP A 1 17  ? 5.306   12.988  -8.149  1.00 34.16 ? 1869 ASP A N    1 
ATOM   99   C  CA   . ASP A 1 17  ? 4.488   11.992  -7.445  1.00 34.10 ? 1869 ASP A CA   1 
ATOM   100  C  C    . ASP A 1 17  ? 5.115   10.605  -7.515  1.00 31.51 ? 1869 ASP A C    1 
ATOM   101  O  O    . ASP A 1 17  ? 5.202   9.898   -6.502  1.00 30.38 ? 1869 ASP A O    1 
ATOM   102  C  CB   . ASP A 1 17  ? 3.061   11.954  -8.014  1.00 31.61 ? 1869 ASP A CB   1 
ATOM   103  C  CG   . ASP A 1 17  ? 2.218   13.153  -7.580  1.00 34.88 ? 1869 ASP A CG   1 
ATOM   104  O  OD1  . ASP A 1 17  ? 2.755   14.061  -6.912  1.00 35.73 ? 1869 ASP A OD1  1 
ATOM   105  O  OD2  . ASP A 1 17  ? 1.016   13.194  -7.914  1.00 35.11 ? 1869 ASP A OD2  1 
ATOM   106  N  N    . LEU A 1 18  ? 5.555   10.220  -8.706  1.00 30.29 ? 1870 LEU A N    1 
ATOM   107  C  CA   . LEU A 1 18  ? 6.160   8.903   -8.912  1.00 32.34 ? 1870 LEU A CA   1 
ATOM   108  C  C    . LEU A 1 18  ? 7.378   8.698   -8.021  1.00 32.93 ? 1870 LEU A C    1 
ATOM   109  O  O    . LEU A 1 18  ? 7.500   7.671   -7.339  1.00 31.18 ? 1870 LEU A O    1 
ATOM   110  C  CB   . LEU A 1 18  ? 6.544   8.714   -10.382 1.00 32.40 ? 1870 LEU A CB   1 
ATOM   111  C  CG   . LEU A 1 18  ? 7.198   7.384   -10.770 1.00 35.40 ? 1870 LEU A CG   1 
ATOM   112  C  CD1  . LEU A 1 18  ? 6.286   6.200   -10.466 1.00 32.46 ? 1870 LEU A CD1  1 
ATOM   113  C  CD2  . LEU A 1 18  ? 7.576   7.403   -12.245 1.00 35.82 ? 1870 LEU A CD2  1 
ATOM   114  N  N    . ALA A 1 19  ? 8.269   9.681   -8.012  1.00 31.98 ? 1871 ALA A N    1 
ATOM   115  C  CA   . ALA A 1 19  ? 9.479   9.610   -7.214  1.00 32.05 ? 1871 ALA A CA   1 
ATOM   116  C  C    . ALA A 1 19  ? 9.160   9.571   -5.731  1.00 32.69 ? 1871 ALA A C    1 
ATOM   117  O  O    . ALA A 1 19  ? 9.795   8.838   -4.976  1.00 32.56 ? 1871 ALA A O    1 
ATOM   118  C  CB   . ALA A 1 19  ? 10.394  10.797  -7.532  1.00 30.37 ? 1871 ALA A CB   1 
ATOM   119  N  N    . LEU A 1 20  ? 8.173   10.356  -5.311  1.00 30.03 ? 1872 LEU A N    1 
ATOM   120  C  CA   . LEU A 1 20  ? 7.800   10.405  -3.902  1.00 32.33 ? 1872 LEU A CA   1 
ATOM   121  C  C    . LEU A 1 20  ? 7.124   9.107   -3.427  1.00 29.94 ? 1872 LEU A C    1 
ATOM   122  O  O    . LEU A 1 20  ? 7.409   8.630   -2.326  1.00 28.92 ? 1872 LEU A O    1 
ATOM   123  C  CB   . LEU A 1 20  ? 6.893   11.604  -3.643  1.00 31.51 ? 1872 LEU A CB   1 
ATOM   124  C  CG   . LEU A 1 20  ? 7.633   12.940  -3.780  1.00 33.65 ? 1872 LEU A CG   1 
ATOM   125  C  CD1  . LEU A 1 20  ? 6.650   14.110  -3.840  1.00 36.71 ? 1872 LEU A CD1  1 
ATOM   126  C  CD2  . LEU A 1 20  ? 8.598   13.105  -2.626  1.00 36.04 ? 1872 LEU A CD2  1 
ATOM   127  N  N    . CYS A 1 21  ? 6.238   8.548   -4.242  1.00 26.47 ? 1873 CYS A N    1 
ATOM   128  C  CA   . CYS A 1 21  ? 5.611   7.267   -3.908  1.00 28.13 ? 1873 CYS A CA   1 
ATOM   129  C  C    . CYS A 1 21  ? 6.656   6.154   -3.836  1.00 28.42 ? 1873 CYS A C    1 
ATOM   130  O  O    . CYS A 1 21  ? 6.579   5.273   -2.981  1.00 28.73 ? 1873 CYS A O    1 
ATOM   131  C  CB   . CYS A 1 21  ? 4.535   6.893   -4.921  1.00 26.75 ? 1873 CYS A CB   1 
ATOM   132  S  SG   . CYS A 1 21  ? 3.024   7.862   -4.783  1.00 28.61 ? 1873 CYS A SG   1 
ATOM   133  N  N    . SER A 1 22  ? 7.642   6.210   -4.725  1.00 30.64 ? 1874 SER A N    1 
ATOM   134  C  CA   . SER A 1 22  ? 8.717   5.227   -4.702  1.00 29.94 ? 1874 SER A CA   1 
ATOM   135  C  C    . SER A 1 22  ? 9.521   5.336   -3.396  1.00 31.40 ? 1874 SER A C    1 
ATOM   136  O  O    . SER A 1 22  ? 9.870   4.325   -2.786  1.00 29.75 ? 1874 SER A O    1 
ATOM   137  C  CB   . SER A 1 22  ? 9.622   5.397   -5.928  1.00 31.75 ? 1874 SER A CB   1 
ATOM   138  O  OG   . SER A 1 22  ? 10.750  4.546   -5.834  1.00 33.29 ? 1874 SER A OG   1 
ATOM   139  N  N    . MET A 1 23  ? 9.803   6.557   -2.957  1.00 30.82 ? 1875 MET A N    1 
ATOM   140  C  CA   . MET A 1 23  ? 10.521  6.760   -1.704  1.00 31.83 ? 1875 MET A CA   1 
ATOM   141  C  C    . MET A 1 23  ? 9.705   6.275   -0.510  1.00 32.12 ? 1875 MET A C    1 
ATOM   142  O  O    . MET A 1 23  ? 10.243  5.642   0.390   1.00 29.44 ? 1875 MET A O    1 
ATOM   143  C  CB   . MET A 1 23  ? 10.888  8.233   -1.529  1.00 32.71 ? 1875 MET A CB   1 
ATOM   144  C  CG   . MET A 1 23  ? 11.905  8.714   -2.545  1.00 37.46 ? 1875 MET A CG   1 
ATOM   145  S  SD   . MET A 1 23  ? 12.266  10.479  -2.369  1.00 49.57 ? 1875 MET A SD   1 
ATOM   146  C  CE   . MET A 1 23  ? 12.763  10.554  -0.644  1.00 45.61 ? 1875 MET A CE   1 
ATOM   147  N  N    . ILE A 1 24  ? 8.412   6.582   -0.489  1.00 26.61 ? 1876 ILE A N    1 
ATOM   148  C  CA   . ILE A 1 24  ? 7.567   6.114   0.606   1.00 29.24 ? 1876 ILE A CA   1 
ATOM   149  C  C    . ILE A 1 24  ? 7.556   4.575   0.631   1.00 29.60 ? 1876 ILE A C    1 
ATOM   150  O  O    . ILE A 1 24  ? 7.659   3.957   1.698   1.00 27.46 ? 1876 ILE A O    1 
ATOM   151  C  CB   . ILE A 1 24  ? 6.136   6.675   0.492   1.00 27.69 ? 1876 ILE A CB   1 
ATOM   152  C  CG1  . ILE A 1 24  ? 6.164   8.193   0.662   1.00 29.23 ? 1876 ILE A CG1  1 
ATOM   153  C  CG2  . ILE A 1 24  ? 5.227   6.082   1.559   1.00 26.65 ? 1876 ILE A CG2  1 
ATOM   154  C  CD1  . ILE A 1 24  ? 4.803   8.837   0.501   1.00 32.90 ? 1876 ILE A CD1  1 
ATOM   155  N  N    . LEU A 1 25  ? 7.473   3.966   -0.543  1.00 26.93 ? 1877 LEU A N    1 
ATOM   156  C  CA   . LEU A 1 25  ? 7.420   2.508   -0.635  1.00 27.37 ? 1877 LEU A CA   1 
ATOM   157  C  C    . LEU A 1 25  ? 8.725   1.910   -0.142  1.00 28.23 ? 1877 LEU A C    1 
ATOM   158  O  O    . LEU A 1 25  ? 8.706   0.903   0.562   1.00 26.98 ? 1877 LEU A O    1 
ATOM   159  C  CB   . LEU A 1 25  ? 7.120   2.052   -2.062  1.00 26.96 ? 1877 LEU A CB   1 
ATOM   160  C  CG   . LEU A 1 25  ? 6.930   0.543   -2.280  1.00 27.28 ? 1877 LEU A CG   1 
ATOM   161  C  CD1  . LEU A 1 25  ? 5.855   -0.024  -1.389  1.00 25.20 ? 1877 LEU A CD1  1 
ATOM   162  C  CD2  . LEU A 1 25  ? 6.588   0.254   -3.740  1.00 27.39 ? 1877 LEU A CD2  1 
ATOM   163  N  N    . THR A 1 26  ? 9.847   2.560   -0.471  1.00 28.17 ? 1878 THR A N    1 
ATOM   164  C  CA   . THR A 1 26  ? 11.166  2.127   0.020   1.00 26.98 ? 1878 THR A CA   1 
ATOM   165  C  C    . THR A 1 26  ? 11.236  2.147   1.535   1.00 28.27 ? 1878 THR A C    1 
ATOM   166  O  O    . THR A 1 26  ? 11.726  1.195   2.169   1.00 30.89 ? 1878 THR A O    1 
ATOM   167  C  CB   . THR A 1 26  ? 12.298  3.003   -0.544  1.00 31.58 ? 1878 THR A CB   1 
ATOM   168  O  OG1  . THR A 1 26  ? 12.437  2.741   -1.938  1.00 30.34 ? 1878 THR A OG1  1 
ATOM   169  C  CG2  . THR A 1 26  ? 13.621  2.703   0.164   1.00 31.67 ? 1878 THR A CG2  1 
ATOM   170  N  N    . GLU A 1 27  ? 10.724  3.219   2.119   1.00 27.46 ? 1879 GLU A N    1 
ATOM   171  C  CA   . GLU A 1 27  ? 10.686  3.336   3.563   1.00 29.87 ? 1879 GLU A CA   1 
ATOM   172  C  C    . GLU A 1 27  ? 9.795   2.259   4.188   1.00 30.70 ? 1879 GLU A C    1 
ATOM   173  O  O    . GLU A 1 27  ? 10.093  1.746   5.265   1.00 30.10 ? 1879 GLU A O    1 
ATOM   174  C  CB   . GLU A 1 27  ? 10.232  4.738   3.947   1.00 32.39 ? 1879 GLU A CB   1 
ATOM   175  C  CG   . GLU A 1 27  ? 11.332  5.748   3.678   1.00 35.59 ? 1879 GLU A CG   1 
ATOM   176  C  CD   . GLU A 1 27  ? 10.847  7.171   3.567   1.00 44.25 ? 1879 GLU A CD   1 
ATOM   177  O  OE1  . GLU A 1 27  ? 9.674   7.445   3.897   1.00 44.40 ? 1879 GLU A OE1  1 
ATOM   178  O  OE2  . GLU A 1 27  ? 11.657  8.020   3.128   1.00 51.25 ? 1879 GLU A OE2  1 
ATOM   179  N  N    . MET A 1 28  ? 8.716   1.893   3.509   1.00 26.61 ? 1880 MET A N    1 
ATOM   180  C  CA   . MET A 1 28  ? 7.878   0.837   4.047   1.00 28.43 ? 1880 MET A CA   1 
ATOM   181  C  C    . MET A 1 28  ? 8.553   -0.533  3.877   1.00 27.95 ? 1880 MET A C    1 
ATOM   182  O  O    . MET A 1 28  ? 8.512   -1.354  4.786   1.00 29.82 ? 1880 MET A O    1 
ATOM   183  C  CB   . MET A 1 28  ? 6.494   0.892   3.408   1.00 29.08 ? 1880 MET A CB   1 
ATOM   184  C  CG   . MET A 1 28  ? 5.593   1.996   4.050   1.00 29.12 ? 1880 MET A CG   1 
ATOM   185  S  SD   . MET A 1 28  ? 3.923   1.717   3.497   1.00 40.56 ? 1880 MET A SD   1 
ATOM   186  C  CE   . MET A 1 28  ? 4.128   1.744   1.722   1.00 33.48 ? 1880 MET A CE   1 
ATOM   187  N  N    . GLU A 1 29  ? 9.211   -0.748  2.741   1.00 26.47 ? 1881 GLU A N    1 
ATOM   188  C  CA   . GLU A 1 29  ? 9.926   -2.000  2.472   1.00 30.95 ? 1881 GLU A CA   1 
ATOM   189  C  C    . GLU A 1 29  ? 11.015  -2.279  3.505   1.00 33.07 ? 1881 GLU A C    1 
ATOM   190  O  O    . GLU A 1 29  ? 11.304  -3.440  3.817   1.00 30.08 ? 1881 GLU A O    1 
ATOM   191  C  CB   . GLU A 1 29  ? 10.544  -1.970  1.071   1.00 29.30 ? 1881 GLU A CB   1 
ATOM   192  C  CG   . GLU A 1 29  ? 9.569   -2.247  -0.065  1.00 27.42 ? 1881 GLU A CG   1 
ATOM   193  C  CD   . GLU A 1 29  ? 10.076  -1.741  -1.415  1.00 30.70 ? 1881 GLU A CD   1 
ATOM   194  O  OE1  . GLU A 1 29  ? 10.992  -0.899  -1.460  1.00 33.22 ? 1881 GLU A OE1  1 
ATOM   195  O  OE2  . GLU A 1 29  ? 9.553   -2.181  -2.458  1.00 34.02 ? 1881 GLU A OE2  1 
ATOM   196  N  N    . THR A 1 30  ? 11.605  -1.222  4.053   1.00 30.24 ? 1882 THR A N    1 
ATOM   197  C  CA   . THR A 1 30  ? 12.742  -1.378  4.961   1.00 32.45 ? 1882 THR A CA   1 
ATOM   198  C  C    . THR A 1 30  ? 12.382  -1.254  6.447   1.00 32.60 ? 1882 THR A C    1 
ATOM   199  O  O    . THR A 1 30  ? 13.255  -1.367  7.309   1.00 36.28 ? 1882 THR A O    1 
ATOM   200  C  CB   . THR A 1 30  ? 13.855  -0.355  4.620   1.00 31.02 ? 1882 THR A CB   1 
ATOM   201  O  OG1  . THR A 1 30  ? 13.331  0.971   4.686   1.00 33.94 ? 1882 THR A OG1  1 
ATOM   202  C  CG2  . THR A 1 30  ? 14.373  -0.585  3.224   1.00 33.82 ? 1882 THR A CG2  1 
ATOM   203  N  N    . HIS A 1 31  ? 11.106  -1.047  6.751   1.00 28.76 ? 1883 HIS A N    1 
ATOM   204  C  CA   . HIS A 1 31  ? 10.605  -1.055  8.128   1.00 29.96 ? 1883 HIS A CA   1 
ATOM   205  C  C    . HIS A 1 31  ? 10.739  -2.470  8.727   1.00 33.11 ? 1883 HIS A C    1 
ATOM   206  O  O    . HIS A 1 31  ? 10.512  -3.460  8.028   1.00 32.57 ? 1883 HIS A O    1 
ATOM   207  C  CB   . HIS A 1 31  ? 9.148   -0.573  8.123   1.00 29.17 ? 1883 HIS A CB   1 
ATOM   208  C  CG   . HIS A 1 31  ? 8.586   -0.245  9.470   1.00 31.32 ? 1883 HIS A CG   1 
ATOM   209  N  ND1  . HIS A 1 31  ? 8.481   -1.174  10.487  1.00 31.20 ? 1883 HIS A ND1  1 
ATOM   210  C  CD2  . HIS A 1 31  ? 8.027   0.892   9.949   1.00 30.44 ? 1883 HIS A CD2  1 
ATOM   211  C  CE1  . HIS A 1 31  ? 7.912   -0.616  11.537  1.00 29.34 ? 1883 HIS A CE1  1 
ATOM   212  N  NE2  . HIS A 1 31  ? 7.624   0.641   11.237  1.00 32.57 ? 1883 HIS A NE2  1 
ATOM   213  N  N    . GLU A 1 32  ? 11.109  -2.593  9.999   1.00 33.72 ? 1884 GLU A N    1 
ATOM   214  C  CA   . GLU A 1 32  ? 11.341  -3.935  10.528  1.00 33.18 ? 1884 GLU A CA   1 
ATOM   215  C  C    . GLU A 1 32  ? 10.050  -4.740  10.666  1.00 31.94 ? 1884 GLU A C    1 
ATOM   216  O  O    . GLU A 1 32  ? 10.088  -5.969  10.677  1.00 34.38 ? 1884 GLU A O    1 
ATOM   217  C  CB   . GLU A 1 32  ? 12.088  -3.892  11.866  1.00 38.01 ? 1884 GLU A CB   1 
ATOM   218  C  CG   . GLU A 1 32  ? 11.322  -3.326  13.025  1.00 36.69 ? 1884 GLU A CG   1 
ATOM   219  C  CD   . GLU A 1 32  ? 11.963  -3.682  14.373  1.00 44.26 ? 1884 GLU A CD   1 
ATOM   220  O  OE1  . GLU A 1 32  ? 11.702  -4.797  14.885  1.00 45.05 ? 1884 GLU A OE1  1 
ATOM   221  O  OE2  . GLU A 1 32  ? 12.719  -2.844  14.919  1.00 47.92 ? 1884 GLU A OE2  1 
ATOM   222  N  N    . ASP A 1 33  ? 8.904   -4.070  10.740  1.00 29.03 ? 1885 ASP A N    1 
ATOM   223  C  CA   . ASP A 1 33  ? 7.629   -4.782  10.812  1.00 29.82 ? 1885 ASP A CA   1 
ATOM   224  C  C    . ASP A 1 33  ? 7.016   -5.046  9.425   1.00 30.16 ? 1885 ASP A C    1 
ATOM   225  O  O    . ASP A 1 33  ? 5.863   -5.449  9.323   1.00 29.38 ? 1885 ASP A O    1 
ATOM   226  C  CB   . ASP A 1 33  ? 6.615   -4.014  11.669  1.00 30.04 ? 1885 ASP A CB   1 
ATOM   227  C  CG   . ASP A 1 33  ? 7.025   -3.919  13.151  1.00 32.00 ? 1885 ASP A CG   1 
ATOM   228  O  OD1  . ASP A 1 33  ? 7.879   -4.698  13.622  1.00 32.19 ? 1885 ASP A OD1  1 
ATOM   229  O  OD2  . ASP A 1 33  ? 6.473   -3.057  13.856  1.00 31.40 ? 1885 ASP A OD2  1 
ATOM   230  N  N    . ALA A 1 34  ? 7.775   -4.836  8.360   1.00 26.51 ? 1886 ALA A N    1 
ATOM   231  C  CA   . ALA A 1 34  ? 7.243   -5.058  7.018   1.00 28.49 ? 1886 ALA A CA   1 
ATOM   232  C  C    . ALA A 1 34  ? 7.206   -6.537  6.594   1.00 28.49 ? 1886 ALA A C    1 
ATOM   233  O  O    . ALA A 1 34  ? 6.649   -6.866  5.542   1.00 26.25 ? 1886 ALA A O    1 
ATOM   234  C  CB   . ALA A 1 34  ? 8.049   -4.272  6.003   1.00 30.56 ? 1886 ALA A CB   1 
ATOM   235  N  N    . TRP A 1 35  ? 7.808   -7.425  7.387   1.00 31.01 ? 1887 TRP A N    1 
ATOM   236  C  CA   . TRP A 1 35  ? 8.027   -8.800  6.925   1.00 30.84 ? 1887 TRP A CA   1 
ATOM   237  C  C    . TRP A 1 35  ? 6.759   -9.595  6.558   1.00 28.50 ? 1887 TRP A C    1 
ATOM   238  O  O    . TRP A 1 35  ? 6.843   -10.480 5.698   1.00 30.68 ? 1887 TRP A O    1 
ATOM   239  C  CB   . TRP A 1 35  ? 8.846   -9.591  7.966   1.00 31.34 ? 1887 TRP A CB   1 
ATOM   240  C  CG   . TRP A 1 35  ? 8.246   -9.614  9.317   1.00 30.39 ? 1887 TRP A CG   1 
ATOM   241  C  CD1  . TRP A 1 35  ? 8.493   -8.743  10.339  1.00 31.74 ? 1887 TRP A CD1  1 
ATOM   242  C  CD2  . TRP A 1 35  ? 7.292   -10.557 9.808   1.00 31.12 ? 1887 TRP A CD2  1 
ATOM   243  N  NE1  . TRP A 1 35  ? 7.740   -9.085  11.433  1.00 33.71 ? 1887 TRP A NE1  1 
ATOM   244  C  CE2  . TRP A 1 35  ? 6.992   -10.193 11.133  1.00 34.42 ? 1887 TRP A CE2  1 
ATOM   245  C  CE3  . TRP A 1 35  ? 6.650   -11.668 9.255   1.00 32.05 ? 1887 TRP A CE3  1 
ATOM   246  C  CZ2  . TRP A 1 35  ? 6.081   -10.901 11.911  1.00 34.87 ? 1887 TRP A CZ2  1 
ATOM   247  C  CZ3  . TRP A 1 35  ? 5.750   -12.367 10.027  1.00 33.69 ? 1887 TRP A CZ3  1 
ATOM   248  C  CH2  . TRP A 1 35  ? 5.477   -11.986 11.340  1.00 34.49 ? 1887 TRP A CH2  1 
ATOM   249  N  N    . PRO A 1 36  ? 5.585   -9.287  7.157   1.00 26.70 ? 1888 PRO A N    1 
ATOM   250  C  CA   . PRO A 1 36  ? 4.440   -10.066 6.667   1.00 29.26 ? 1888 PRO A CA   1 
ATOM   251  C  C    . PRO A 1 36  ? 3.951   -9.640  5.287   1.00 29.22 ? 1888 PRO A C    1 
ATOM   252  O  O    . PRO A 1 36  ? 3.094   -10.336 4.739   1.00 28.65 ? 1888 PRO A O    1 
ATOM   253  C  CB   . PRO A 1 36  ? 3.336   -9.782  7.704   1.00 27.38 ? 1888 PRO A CB   1 
ATOM   254  C  CG   . PRO A 1 36  ? 4.043   -9.218  8.905   1.00 28.57 ? 1888 PRO A CG   1 
ATOM   255  C  CD   . PRO A 1 36  ? 5.208   -8.471  8.328   1.00 27.88 ? 1888 PRO A CD   1 
ATOM   256  N  N    . PHE A 1 37  ? 4.468   -8.527  4.762   1.00 27.80 ? 1889 PHE A N    1 
ATOM   257  C  CA   . PHE A 1 37  ? 3.859   -7.834  3.617   1.00 28.14 ? 1889 PHE A CA   1 
ATOM   258  C  C    . PHE A 1 37  ? 4.772   -7.713  2.410   1.00 28.21 ? 1889 PHE A C    1 
ATOM   259  O  O    . PHE A 1 37  ? 4.373   -7.175  1.368   1.00 27.85 ? 1889 PHE A O    1 
ATOM   260  C  CB   . PHE A 1 37  ? 3.396   -6.438  4.050   1.00 26.44 ? 1889 PHE A CB   1 
ATOM   261  C  CG   . PHE A 1 37  ? 2.639   -6.438  5.344   1.00 27.00 ? 1889 PHE A CG   1 
ATOM   262  C  CD1  . PHE A 1 37  ? 1.418   -7.106  5.445   1.00 26.59 ? 1889 PHE A CD1  1 
ATOM   263  C  CD2  . PHE A 1 37  ? 3.150   -5.803  6.469   1.00 24.93 ? 1889 PHE A CD2  1 
ATOM   264  C  CE1  . PHE A 1 37  ? 0.719   -7.145  6.649   1.00 26.69 ? 1889 PHE A CE1  1 
ATOM   265  C  CE2  . PHE A 1 37  ? 2.443   -5.820  7.682   1.00 26.95 ? 1889 PHE A CE2  1 
ATOM   266  C  CZ   . PHE A 1 37  ? 1.236   -6.495  7.771   1.00 25.12 ? 1889 PHE A CZ   1 
ATOM   267  N  N    . LEU A 1 38  ? 5.994   -8.215  2.542   1.00 25.64 ? 1890 LEU A N    1 
ATOM   268  C  CA   . LEU A 1 38  ? 6.994   -8.074  1.486   1.00 29.44 ? 1890 LEU A CA   1 
ATOM   269  C  C    . LEU A 1 38  ? 6.660   -8.881  0.225   1.00 29.65 ? 1890 LEU A C    1 
ATOM   270  O  O    . LEU A 1 38  ? 6.967   -8.448  -0.886  1.00 31.15 ? 1890 LEU A O    1 
ATOM   271  C  CB   . LEU A 1 38  ? 8.373   -8.477  2.009   1.00 29.45 ? 1890 LEU A CB   1 
ATOM   272  C  CG   . LEU A 1 38  ? 8.913   -7.597  3.134   1.00 30.75 ? 1890 LEU A CG   1 
ATOM   273  C  CD1  . LEU A 1 38  ? 10.220  -8.149  3.659   1.00 32.77 ? 1890 LEU A CD1  1 
ATOM   274  C  CD2  . LEU A 1 38  ? 9.086   -6.160  2.644   1.00 33.71 ? 1890 LEU A CD2  1 
ATOM   275  N  N    . LEU A 1 39  ? 6.036   -10.040 0.404   1.00 28.51 ? 1891 LEU A N    1 
ATOM   276  C  CA   . LEU A 1 39  ? 5.711   -10.947 -0.696  1.00 28.49 ? 1891 LEU A CA   1 
ATOM   277  C  C    . LEU A 1 39  ? 4.247   -11.371 -0.652  1.00 28.54 ? 1891 LEU A C    1 
ATOM   278  O  O    . LEU A 1 39  ? 3.615   -11.298 0.402   1.00 28.23 ? 1891 LEU A O    1 
ATOM   279  C  CB   . LEU A 1 39  ? 6.619   -12.178 -0.627  1.00 31.01 ? 1891 LEU A CB   1 
ATOM   280  C  CG   . LEU A 1 39  ? 8.106   -11.943 -0.861  1.00 31.10 ? 1891 LEU A CG   1 
ATOM   281  C  CD1  . LEU A 1 39  ? 8.872   -13.247 -0.636  1.00 31.94 ? 1891 LEU A CD1  1 
ATOM   282  C  CD2  . LEU A 1 39  ? 8.331   -11.419 -2.263  1.00 32.14 ? 1891 LEU A CD2  1 
ATOM   283  N  N    . PRO A 1 40  ? 3.690   -11.827 -1.790  1.00 29.10 ? 1892 PRO A N    1 
ATOM   284  C  CA   . PRO A 1 40  ? 2.310   -12.320 -1.757  1.00 28.74 ? 1892 PRO A CA   1 
ATOM   285  C  C    . PRO A 1 40  ? 2.163   -13.467 -0.770  1.00 31.53 ? 1892 PRO A C    1 
ATOM   286  O  O    . PRO A 1 40  ? 3.091   -14.277 -0.629  1.00 31.14 ? 1892 PRO A O    1 
ATOM   287  C  CB   . PRO A 1 40  ? 2.062   -12.812 -3.186  1.00 31.04 ? 1892 PRO A CB   1 
ATOM   288  C  CG   . PRO A 1 40  ? 3.113   -12.194 -4.005  1.00 32.22 ? 1892 PRO A CG   1 
ATOM   289  C  CD   . PRO A 1 40  ? 4.301   -11.997 -3.120  1.00 29.79 ? 1892 PRO A CD   1 
ATOM   290  N  N    . VAL A 1 41  ? 1.047   -13.493 -0.059  1.00 30.05 ? 1893 VAL A N    1 
ATOM   291  C  CA   . VAL A 1 41  ? 0.708   -14.612 0.806   1.00 34.80 ? 1893 VAL A CA   1 
ATOM   292  C  C    . VAL A 1 41  ? 0.668   -15.887 -0.025  1.00 37.35 ? 1893 VAL A C    1 
ATOM   293  O  O    . VAL A 1 41  ? 0.103   -15.902 -1.117  1.00 37.34 ? 1893 VAL A O    1 
ATOM   294  C  CB   . VAL A 1 41  ? -0.650  -14.398 1.507   1.00 36.75 ? 1893 VAL A CB   1 
ATOM   295  C  CG1  . VAL A 1 41  ? -1.091  -15.674 2.251   1.00 35.36 ? 1893 VAL A CG1  1 
ATOM   296  C  CG2  . VAL A 1 41  ? -0.580  -13.196 2.451   1.00 34.16 ? 1893 VAL A CG2  1 
ATOM   297  N  N    . ASN A 1 42  ? 1.296   -16.942 0.483   1.00 40.65 ? 1894 ASN A N    1 
ATOM   298  C  CA   . ASN A 1 42  ? 1.321   -18.224 -0.210  1.00 43.22 ? 1894 ASN A CA   1 
ATOM   299  C  C    . ASN A 1 42  ? -0.053  -18.875 -0.175  1.00 43.55 ? 1894 ASN A C    1 
ATOM   300  O  O    . ASN A 1 42  ? -0.455  -19.425 0.851   1.00 44.15 ? 1894 ASN A O    1 
ATOM   301  C  CB   . ASN A 1 42  ? 2.368   -19.150 0.419   1.00 44.16 ? 1894 ASN A CB   1 
ATOM   302  C  CG   . ASN A 1 42  ? 2.736   -20.307 -0.482  1.00 48.55 ? 1894 ASN A CG   1 
ATOM   303  O  OD1  . ASN A 1 42  ? 1.903   -20.811 -1.245  1.00 51.67 ? 1894 ASN A OD1  1 
ATOM   304  N  ND2  . ASN A 1 42  ? 3.991   -20.726 -0.414  1.00 49.44 ? 1894 ASN A ND2  1 
ATOM   305  N  N    . LEU A 1 43  ? -0.772  -18.807 -1.291  1.00 41.33 ? 1895 LEU A N    1 
ATOM   306  C  CA   . LEU A 1 43  ? -2.175  -19.207 -1.301  1.00 45.98 ? 1895 LEU A CA   1 
ATOM   307  C  C    . LEU A 1 43  ? -2.339  -20.718 -1.148  1.00 49.15 ? 1895 LEU A C    1 
ATOM   308  O  O    . LEU A 1 43  ? -3.424  -21.206 -0.827  1.00 50.49 ? 1895 LEU A O    1 
ATOM   309  C  CB   . LEU A 1 43  ? -2.865  -18.720 -2.581  1.00 43.91 ? 1895 LEU A CB   1 
ATOM   310  C  CG   . LEU A 1 43  ? -3.095  -17.205 -2.671  1.00 43.58 ? 1895 LEU A CG   1 
ATOM   311  C  CD1  . LEU A 1 43  ? -3.987  -16.846 -3.855  1.00 44.16 ? 1895 LEU A CD1  1 
ATOM   312  C  CD2  . LEU A 1 43  ? -3.674  -16.653 -1.365  1.00 39.90 ? 1895 LEU A CD2  1 
ATOM   313  N  N    . LYS A 1 44  ? -1.255  -21.453 -1.352  1.00 50.87 ? 1896 LYS A N    1 
ATOM   314  C  CA   . LYS A 1 44  ? -1.316  -22.903 -1.311  1.00 50.82 ? 1896 LYS A CA   1 
ATOM   315  C  C    . LYS A 1 44  ? -0.841  -23.415 0.043   1.00 52.69 ? 1896 LYS A C    1 
ATOM   316  O  O    . LYS A 1 44  ? -1.061  -24.572 0.383   1.00 58.25 ? 1896 LYS A O    1 
ATOM   317  C  CB   . LYS A 1 44  ? -0.496  -23.499 -2.465  1.00 51.47 ? 1896 LYS A CB   1 
ATOM   318  C  CG   . LYS A 1 44  ? -1.320  -23.709 -3.744  1.00 54.44 ? 1896 LYS A CG   1 
ATOM   319  C  CD   . LYS A 1 44  ? -1.826  -22.367 -4.287  1.00 55.52 ? 1896 LYS A CD   1 
ATOM   320  C  CE   . LYS A 1 44  ? -2.697  -22.492 -5.532  1.00 59.56 ? 1896 LYS A CE   1 
ATOM   321  N  NZ   . LYS A 1 44  ? -3.202  -21.151 -5.992  1.00 56.65 ? 1896 LYS A NZ   1 
ATOM   322  N  N    . LEU A 1 45  ? -0.220  -22.547 0.835   1.00 48.98 ? 1897 LEU A N    1 
ATOM   323  C  CA   . LEU A 1 45  ? 0.247   -22.954 2.156   1.00 47.12 ? 1897 LEU A CA   1 
ATOM   324  C  C    . LEU A 1 45  ? -0.513  -22.270 3.283   1.00 49.08 ? 1897 LEU A C    1 
ATOM   325  O  O    . LEU A 1 45  ? -0.278  -22.553 4.455   1.00 50.67 ? 1897 LEU A O    1 
ATOM   326  C  CB   . LEU A 1 45  ? 1.743   -22.667 2.311   1.00 50.56 ? 1897 LEU A CB   1 
ATOM   327  C  CG   . LEU A 1 45  ? 2.701   -23.319 1.308   1.00 55.94 ? 1897 LEU A CG   1 
ATOM   328  C  CD1  . LEU A 1 45  ? 4.140   -23.167 1.780   1.00 55.25 ? 1897 LEU A CD1  1 
ATOM   329  C  CD2  . LEU A 1 45  ? 2.363   -24.789 1.063   1.00 55.52 ? 1897 LEU A CD2  1 
ATOM   330  N  N    . VAL A 1 46  ? -1.413  -21.356 2.947   1.00 46.76 ? 1898 VAL A N    1 
ATOM   331  C  CA   . VAL A 1 46  ? -2.155  -20.655 3.985   1.00 43.26 ? 1898 VAL A CA   1 
ATOM   332  C  C    . VAL A 1 46  ? -3.643  -20.912 3.813   1.00 48.65 ? 1898 VAL A C    1 
ATOM   333  O  O    . VAL A 1 46  ? -4.283  -20.374 2.899   1.00 46.16 ? 1898 VAL A O    1 
ATOM   334  C  CB   . VAL A 1 46  ? -1.873  -19.140 3.976   1.00 46.63 ? 1898 VAL A CB   1 
ATOM   335  C  CG1  . VAL A 1 46  ? -2.730  -18.433 5.019   1.00 41.70 ? 1898 VAL A CG1  1 
ATOM   336  C  CG2  . VAL A 1 46  ? -0.396  -18.879 4.230   1.00 43.14 ? 1898 VAL A CG2  1 
ATOM   337  N  N    . PRO A 1 47  ? -4.194  -21.770 4.688   1.00 49.19 ? 1899 PRO A N    1 
ATOM   338  C  CA   . PRO A 1 47  ? -5.607  -22.159 4.638   1.00 48.25 ? 1899 PRO A CA   1 
ATOM   339  C  C    . PRO A 1 47  ? -6.531  -20.966 4.842   1.00 43.61 ? 1899 PRO A C    1 
ATOM   340  O  O    . PRO A 1 47  ? -6.344  -20.186 5.781   1.00 45.16 ? 1899 PRO A O    1 
ATOM   341  C  CB   . PRO A 1 47  ? -5.743  -23.166 5.795   1.00 48.13 ? 1899 PRO A CB   1 
ATOM   342  C  CG   . PRO A 1 47  ? -4.602  -22.869 6.707   1.00 49.93 ? 1899 PRO A CG   1 
ATOM   343  C  CD   . PRO A 1 47  ? -3.481  -22.406 5.810   1.00 49.66 ? 1899 PRO A CD   1 
ATOM   344  N  N    . GLY A 1 48  ? -7.514  -20.831 3.962   1.00 40.09 ? 1900 GLY A N    1 
ATOM   345  C  CA   . GLY A 1 48  ? -8.524  -19.802 4.103   1.00 40.09 ? 1900 GLY A CA   1 
ATOM   346  C  C    . GLY A 1 48  ? -8.246  -18.555 3.288   1.00 40.68 ? 1900 GLY A C    1 
ATOM   347  O  O    . GLY A 1 48  ? -9.186  -17.853 2.908   1.00 37.68 ? 1900 GLY A O    1 
ATOM   348  N  N    . TYR A 1 49  ? -6.974  -18.281 2.995   1.00 38.65 ? 1901 TYR A N    1 
ATOM   349  C  CA   . TYR A 1 49  ? -6.622  -16.972 2.430   1.00 39.27 ? 1901 TYR A CA   1 
ATOM   350  C  C    . TYR A 1 49  ? -7.222  -16.722 1.055   1.00 36.02 ? 1901 TYR A C    1 
ATOM   351  O  O    . TYR A 1 49  ? -7.764  -15.640 0.796   1.00 37.51 ? 1901 TYR A O    1 
ATOM   352  C  CB   . TYR A 1 49  ? -5.103  -16.781 2.353   1.00 39.14 ? 1901 TYR A CB   1 
ATOM   353  C  CG   . TYR A 1 49  ? -4.743  -15.314 2.465   1.00 34.64 ? 1901 TYR A CG   1 
ATOM   354  C  CD1  . TYR A 1 49  ? -4.571  -14.721 3.706   1.00 33.47 ? 1901 TYR A CD1  1 
ATOM   355  C  CD2  . TYR A 1 49  ? -4.623  -14.524 1.337   1.00 33.37 ? 1901 TYR A CD2  1 
ATOM   356  C  CE1  . TYR A 1 49  ? -4.262  -13.365 3.822   1.00 36.42 ? 1901 TYR A CE1  1 
ATOM   357  C  CE2  . TYR A 1 49  ? -4.310  -13.169 1.430   1.00 33.70 ? 1901 TYR A CE2  1 
ATOM   358  C  CZ   . TYR A 1 49  ? -4.135  -12.592 2.673   1.00 37.14 ? 1901 TYR A CZ   1 
ATOM   359  O  OH   . TYR A 1 49  ? -3.831  -11.244 2.778   1.00 33.16 ? 1901 TYR A OH   1 
ATOM   360  N  N    . LYS A 1 50  ? -7.131  -17.713 0.175   1.00 39.05 ? 1902 LYS A N    1 
ATOM   361  C  CA   . LYS A 1 50  ? -7.646  -17.560 -1.180  1.00 39.01 ? 1902 LYS A CA   1 
ATOM   362  C  C    . LYS A 1 50  ? -9.137  -17.217 -1.195  1.00 37.46 ? 1902 LYS A C    1 
ATOM   363  O  O    . LYS A 1 50  ? -9.569  -16.330 -1.932  1.00 39.72 ? 1902 LYS A O    1 
ATOM   364  C  CB   . LYS A 1 50  ? -7.394  -18.831 -1.999  1.00 41.60 ? 1902 LYS A CB   1 
ATOM   365  C  CG   . LYS A 1 50  ? -7.484  -18.608 -3.512  1.00 43.82 ? 1902 LYS A CG   1 
ATOM   366  C  CD   . LYS A 1 50  ? -7.116  -19.874 -4.295  1.00 46.67 ? 1902 LYS A CD   1 
ATOM   367  C  CE   . LYS A 1 50  ? -6.988  -19.614 -5.792  1.00 47.79 ? 1902 LYS A CE   1 
ATOM   368  N  NZ   . LYS A 1 50  ? -8.227  -19.020 -6.380  1.00 51.55 ? 1902 LYS A NZ   1 
ATOM   369  N  N    . LYS A 1 51  ? -9.923  -17.903 -0.369  1.00 38.60 ? 1903 LYS A N    1 
ATOM   370  C  CA   . LYS A 1 51  ? -11.371 -17.730 -0.411  1.00 37.57 ? 1903 LYS A CA   1 
ATOM   371  C  C    . LYS A 1 51  ? -11.826 -16.448 0.278   1.00 34.65 ? 1903 LYS A C    1 
ATOM   372  O  O    . LYS A 1 51  ? -12.729 -15.772 -0.202  1.00 37.24 ? 1903 LYS A O    1 
ATOM   373  C  CB   . LYS A 1 51  ? -12.071 -18.945 0.224   1.00 37.75 ? 1903 LYS A CB   1 
ATOM   374  C  CG   . LYS A 1 51  ? -13.602 -18.841 0.278   1.00 37.82 ? 1903 LYS A CG   1 
ATOM   375  C  CD   . LYS A 1 51  ? -14.216 -18.600 -1.094  1.00 38.24 ? 1903 LYS A CD   1 
ATOM   376  C  CE   . LYS A 1 51  ? -15.734 -18.710 -1.065  1.00 37.76 ? 1903 LYS A CE   1 
ATOM   377  N  NZ   . LYS A 1 51  ? -16.161 -20.127 -0.952  1.00 39.56 ? 1903 LYS A NZ   1 
ATOM   378  N  N    . VAL A 1 52  ? -11.200 -16.120 1.402   1.00 32.81 ? 1904 VAL A N    1 
ATOM   379  C  CA   . VAL A 1 52  ? -11.609 -14.990 2.219   1.00 33.76 ? 1904 VAL A CA   1 
ATOM   380  C  C    . VAL A 1 52  ? -11.152 -13.631 1.666   1.00 35.31 ? 1904 VAL A C    1 
ATOM   381  O  O    . VAL A 1 52  ? -11.924 -12.671 1.662   1.00 33.92 ? 1904 VAL A O    1 
ATOM   382  C  CB   . VAL A 1 52  ? -11.081 -15.150 3.658   1.00 35.01 ? 1904 VAL A CB   1 
ATOM   383  C  CG1  . VAL A 1 52  ? -11.333 -13.895 4.471   1.00 33.51 ? 1904 VAL A CG1  1 
ATOM   384  C  CG2  . VAL A 1 52  ? -11.731 -16.369 4.317   1.00 36.99 ? 1904 VAL A CG2  1 
ATOM   385  N  N    . ILE A 1 53  ? -9.906  -13.559 1.197   1.00 34.39 ? 1905 ILE A N    1 
ATOM   386  C  CA   . ILE A 1 53  ? -9.318  -12.289 0.746   1.00 34.47 ? 1905 ILE A CA   1 
ATOM   387  C  C    . ILE A 1 53  ? -9.425  -12.144 -0.767  1.00 32.61 ? 1905 ILE A C    1 
ATOM   388  O  O    . ILE A 1 53  ? -8.631  -12.716 -1.521  1.00 34.17 ? 1905 ILE A O    1 
ATOM   389  C  CB   . ILE A 1 53  ? -7.826  -12.163 1.163   1.00 34.34 ? 1905 ILE A CB   1 
ATOM   390  C  CG1  . ILE A 1 53  ? -7.661  -12.321 2.677   1.00 32.72 ? 1905 ILE A CG1  1 
ATOM   391  C  CG2  . ILE A 1 53  ? -7.242  -10.817 0.682   1.00 32.17 ? 1905 ILE A CG2  1 
ATOM   392  C  CD1  . ILE A 1 53  ? -8.323  -11.206 3.495   1.00 32.59 ? 1905 ILE A CD1  1 
ATOM   393  N  N    . LYS A 1 54  ? -10.410 -11.368 -1.205  1.00 33.36 ? 1906 LYS A N    1 
ATOM   394  C  CA   . LYS A 1 54  ? -10.779 -11.313 -2.618  1.00 37.34 ? 1906 LYS A CA   1 
ATOM   395  C  C    . LYS A 1 54  ? -9.759  -10.588 -3.493  1.00 37.79 ? 1906 LYS A C    1 
ATOM   396  O  O    . LYS A 1 54  ? -9.634  -10.886 -4.675  1.00 37.37 ? 1906 LYS A O    1 
ATOM   397  C  CB   . LYS A 1 54  ? -12.140 -10.640 -2.768  1.00 38.69 ? 1906 LYS A CB   1 
ATOM   398  C  CG   . LYS A 1 54  ? -13.227 -11.245 -1.884  1.00 41.89 ? 1906 LYS A CG   1 
ATOM   399  C  CD   . LYS A 1 54  ? -13.389 -12.730 -2.145  1.00 40.78 ? 1906 LYS A CD   1 
ATOM   400  C  CE   . LYS A 1 54  ? -14.493 -13.309 -1.276  1.00 44.44 ? 1906 LYS A CE   1 
ATOM   401  N  NZ   . LYS A 1 54  ? -14.693 -14.760 -1.561  1.00 48.75 ? 1906 LYS A NZ   1 
ATOM   402  N  N    . LYS A 1 55  ? -9.050  -9.622  -2.917  1.00 34.92 ? 1907 LYS A N    1 
ATOM   403  C  CA   . LYS A 1 55  ? -8.009  -8.902  -3.640  1.00 32.47 ? 1907 LYS A CA   1 
ATOM   404  C  C    . LYS A 1 55  ? -6.711  -8.888  -2.841  1.00 30.02 ? 1907 LYS A C    1 
ATOM   405  O  O    . LYS A 1 55  ? -6.450  -7.932  -2.114  1.00 32.40 ? 1907 LYS A O    1 
ATOM   406  C  CB   . LYS A 1 55  ? -8.435  -7.465  -3.922  1.00 33.26 ? 1907 LYS A CB   1 
ATOM   407  C  CG   . LYS A 1 55  ? -9.754  -7.301  -4.653  1.00 41.80 ? 1907 LYS A CG   1 
ATOM   408  C  CD   . LYS A 1 55  ? -10.172 -5.820  -4.650  1.00 46.61 ? 1907 LYS A CD   1 
ATOM   409  C  CE   . LYS A 1 55  ? -11.509 -5.578  -5.342  1.00 55.06 ? 1907 LYS A CE   1 
ATOM   410  N  NZ   . LYS A 1 55  ? -11.769 -4.112  -5.521  1.00 57.56 ? 1907 LYS A NZ   1 
ATOM   411  N  N    . PRO A 1 56  ? -5.902  -9.948  -2.955  1.00 31.98 ? 1908 PRO A N    1 
ATOM   412  C  CA   . PRO A 1 56  ? -4.613  -9.939  -2.256  1.00 31.44 ? 1908 PRO A CA   1 
ATOM   413  C  C    . PRO A 1 56  ? -3.710  -8.817  -2.759  1.00 30.62 ? 1908 PRO A C    1 
ATOM   414  O  O    . PRO A 1 56  ? -3.779  -8.445  -3.937  1.00 27.86 ? 1908 PRO A O    1 
ATOM   415  C  CB   . PRO A 1 56  ? -4.012  -11.305 -2.597  1.00 30.49 ? 1908 PRO A CB   1 
ATOM   416  C  CG   . PRO A 1 56  ? -5.195  -12.154 -2.976  1.00 33.92 ? 1908 PRO A CG   1 
ATOM   417  C  CD   . PRO A 1 56  ? -6.151  -11.224 -3.646  1.00 33.21 ? 1908 PRO A CD   1 
ATOM   418  N  N    . MET A 1 57  ? -2.889  -8.273  -1.867  1.00 27.65 ? 1909 MET A N    1 
ATOM   419  C  CA   . MET A 1 57  ? -1.938  -7.240  -2.252  1.00 26.59 ? 1909 MET A CA   1 
ATOM   420  C  C    . MET A 1 57  ? -0.754  -7.305  -1.290  1.00 26.55 ? 1909 MET A C    1 
ATOM   421  O  O    . MET A 1 57  ? -0.896  -7.722  -0.123  1.00 25.74 ? 1909 MET A O    1 
ATOM   422  C  CB   . MET A 1 57  ? -2.587  -5.844  -2.260  1.00 26.18 ? 1909 MET A CB   1 
ATOM   423  C  CG   . MET A 1 57  ? -1.689  -4.731  -2.818  1.00 26.76 ? 1909 MET A CG   1 
ATOM   424  S  SD   . MET A 1 57  ? -1.017  -5.078  -4.459  1.00 28.17 ? 1909 MET A SD   1 
ATOM   425  C  CE   . MET A 1 57  ? -2.501  -5.341  -5.425  1.00 29.96 ? 1909 MET A CE   1 
ATOM   426  N  N    . ASP A 1 58  ? 0.417   -6.934  -1.795  1.00 24.39 ? 1910 ASP A N    1 
ATOM   427  C  CA   . ASP A 1 58  ? 1.643   -6.963  -1.011  1.00 23.80 ? 1910 ASP A CA   1 
ATOM   428  C  C    . ASP A 1 58  ? 2.623   -5.935  -1.571  1.00 25.68 ? 1910 ASP A C    1 
ATOM   429  O  O    . ASP A 1 58  ? 2.432   -5.447  -2.694  1.00 25.91 ? 1910 ASP A O    1 
ATOM   430  C  CB   . ASP A 1 58  ? 2.265   -8.364  -1.045  1.00 25.53 ? 1910 ASP A CB   1 
ATOM   431  C  CG   . ASP A 1 58  ? 2.825   -8.702  -2.412  1.00 27.39 ? 1910 ASP A CG   1 
ATOM   432  O  OD1  . ASP A 1 58  ? 2.043   -9.085  -3.305  1.00 27.05 ? 1910 ASP A OD1  1 
ATOM   433  O  OD2  . ASP A 1 58  ? 4.039   -8.553  -2.607  1.00 29.16 ? 1910 ASP A OD2  1 
ATOM   434  N  N    . PHE A 1 59  ? 3.690   -5.643  -0.825  1.00 23.97 ? 1911 PHE A N    1 
ATOM   435  C  CA   . PHE A 1 59  ? 4.634   -4.595  -1.224  1.00 25.09 ? 1911 PHE A CA   1 
ATOM   436  C  C    . PHE A 1 59  ? 5.373   -4.916  -2.525  1.00 24.71 ? 1911 PHE A C    1 
ATOM   437  O  O    . PHE A 1 59  ? 5.625   -4.019  -3.314  1.00 24.68 ? 1911 PHE A O    1 
ATOM   438  C  CB   . PHE A 1 59  ? 5.669   -4.324  -0.120  1.00 25.67 ? 1911 PHE A CB   1 
ATOM   439  C  CG   . PHE A 1 59  ? 5.092   -3.706  1.139   1.00 27.48 ? 1911 PHE A CG   1 
ATOM   440  C  CD1  . PHE A 1 59  ? 3.799   -3.186  1.164   1.00 26.37 ? 1911 PHE A CD1  1 
ATOM   441  C  CD2  . PHE A 1 59  ? 5.854   -3.641  2.297   1.00 28.69 ? 1911 PHE A CD2  1 
ATOM   442  C  CE1  . PHE A 1 59  ? 3.274   -2.625  2.336   1.00 27.83 ? 1911 PHE A CE1  1 
ATOM   443  C  CE2  . PHE A 1 59  ? 5.343   -3.082  3.465   1.00 27.21 ? 1911 PHE A CE2  1 
ATOM   444  C  CZ   . PHE A 1 59  ? 4.044   -2.576  3.484   1.00 25.36 ? 1911 PHE A CZ   1 
ATOM   445  N  N    . SER A 1 60  ? 5.728   -6.175  -2.761  1.00 25.09 ? 1912 SER A N    1 
ATOM   446  C  CA   . SER A 1 60  ? 6.476   -6.483  -3.987  1.00 28.88 ? 1912 SER A CA   1 
ATOM   447  C  C    . SER A 1 60  ? 5.596   -6.277  -5.224  1.00 29.08 ? 1912 SER A C    1 
ATOM   448  O  O    . SER A 1 60  ? 6.070   -5.821  -6.274  1.00 28.36 ? 1912 SER A O    1 
ATOM   449  C  CB   . SER A 1 60  ? 7.041   -7.914  -3.939  1.00 29.73 ? 1912 SER A CB   1 
ATOM   450  O  OG   . SER A 1 60  ? 6.033   -8.890  -4.167  1.00 29.64 ? 1912 SER A OG   1 
ATOM   451  N  N    . THR A 1 61  ? 4.307   -6.562  -5.083  1.00 25.12 ? 1913 THR A N    1 
ATOM   452  C  CA   . THR A 1 61  ? 3.342   -6.375  -6.161  1.00 28.03 ? 1913 THR A CA   1 
ATOM   453  C  C    . THR A 1 61  ? 3.091   -4.881  -6.401  1.00 29.33 ? 1913 THR A C    1 
ATOM   454  O  O    . THR A 1 61  ? 3.021   -4.428  -7.555  1.00 25.80 ? 1913 THR A O    1 
ATOM   455  C  CB   . THR A 1 61  ? 2.024   -7.097  -5.853  1.00 29.49 ? 1913 THR A CB   1 
ATOM   456  O  OG1  . THR A 1 61  ? 2.268   -8.515  -5.782  1.00 27.81 ? 1913 THR A OG1  1 
ATOM   457  C  CG2  . THR A 1 61  ? 0.987   -6.820  -6.939  1.00 29.33 ? 1913 THR A CG2  1 
ATOM   458  N  N    . ILE A 1 62  ? 2.989   -4.107  -5.325  1.00 24.23 ? 1914 ILE A N    1 
ATOM   459  C  CA   . ILE A 1 62  ? 2.900   -2.647  -5.457  1.00 24.19 ? 1914 ILE A CA   1 
ATOM   460  C  C    . ILE A 1 62  ? 4.143   -2.078  -6.154  1.00 27.45 ? 1914 ILE A C    1 
ATOM   461  O  O    . ILE A 1 62  ? 4.026   -1.238  -7.049  1.00 25.76 ? 1914 ILE A O    1 
ATOM   462  C  CB   . ILE A 1 62  ? 2.706   -1.971  -4.082  1.00 26.12 ? 1914 ILE A CB   1 
ATOM   463  C  CG1  . ILE A 1 62  ? 1.376   -2.424  -3.469  1.00 23.25 ? 1914 ILE A CG1  1 
ATOM   464  C  CG2  . ILE A 1 62  ? 2.789   -0.439  -4.220  1.00 22.87 ? 1914 ILE A CG2  1 
ATOM   465  C  CD1  . ILE A 1 62  ? 1.133   -1.970  -2.028  1.00 24.31 ? 1914 ILE A CD1  1 
ATOM   466  N  N    . ARG A 1 63  ? 5.328   -2.551  -5.767  1.00 24.71 ? 1915 ARG A N    1 
ATOM   467  C  CA   . ARG A 1 63  ? 6.591   -2.117  -6.381  1.00 27.70 ? 1915 ARG A CA   1 
ATOM   468  C  C    . ARG A 1 63  ? 6.657   -2.427  -7.886  1.00 29.38 ? 1915 ARG A C    1 
ATOM   469  O  O    . ARG A 1 63  ? 7.095   -1.594  -8.689  1.00 27.44 ? 1915 ARG A O    1 
ATOM   470  C  CB   . ARG A 1 63  ? 7.776   -2.768  -5.661  1.00 26.94 ? 1915 ARG A CB   1 
ATOM   471  C  CG   . ARG A 1 63  ? 9.135   -2.506  -6.311  1.00 29.64 ? 1915 ARG A CG   1 
ATOM   472  C  CD   . ARG A 1 63  ? 9.520   -1.039  -6.281  1.00 28.11 ? 1915 ARG A CD   1 
ATOM   473  N  NE   . ARG A 1 63  ? 9.894   -0.558  -4.950  1.00 27.87 ? 1915 ARG A NE   1 
ATOM   474  C  CZ   . ARG A 1 63  ? 10.130  0.719   -4.675  1.00 28.06 ? 1915 ARG A CZ   1 
ATOM   475  N  NH1  . ARG A 1 63  ? 10.014  1.627   -5.627  1.00 29.43 ? 1915 ARG A NH1  1 
ATOM   476  N  NH2  . ARG A 1 63  ? 10.468  1.099   -3.456  1.00 31.04 ? 1915 ARG A NH2  1 
ATOM   477  N  N    . GLU A 1 64  ? 6.212   -3.615  -8.270  1.00 27.86 ? 1916 GLU A N    1 
ATOM   478  C  CA   . GLU A 1 64  ? 6.191   -3.994  -9.683  1.00 31.09 ? 1916 GLU A CA   1 
ATOM   479  C  C    . GLU A 1 64  ? 5.240   -3.098  -10.469 1.00 32.38 ? 1916 GLU A C    1 
ATOM   480  O  O    . GLU A 1 64  ? 5.569   -2.639  -11.567 1.00 31.09 ? 1916 GLU A O    1 
ATOM   481  C  CB   . GLU A 1 64  ? 5.789   -5.464  -9.851  1.00 30.61 ? 1916 GLU A CB   1 
ATOM   482  C  CG   . GLU A 1 64  ? 5.846   -5.966  -11.309 1.00 37.00 ? 1916 GLU A CG   1 
ATOM   483  C  CD   . GLU A 1 64  ? 7.253   -5.917  -11.922 1.00 40.74 ? 1916 GLU A CD   1 
ATOM   484  O  OE1  . GLU A 1 64  ? 8.247   -6.181  -11.200 1.00 42.47 ? 1916 GLU A OE1  1 
ATOM   485  O  OE2  . GLU A 1 64  ? 7.370   -5.613  -13.134 1.00 41.66 ? 1916 GLU A OE2  1 
ATOM   486  N  N    . LYS A 1 65  ? 4.065   -2.841  -9.896  1.00 29.16 ? 1917 LYS A N    1 
ATOM   487  C  CA   . LYS A 1 65  ? 3.069   -1.983  -10.527 1.00 30.32 ? 1917 LYS A CA   1 
ATOM   488  C  C    . LYS A 1 65  ? 3.579   -0.541  -10.665 1.00 29.49 ? 1917 LYS A C    1 
ATOM   489  O  O    . LYS A 1 65  ? 3.386   0.102   -11.712 1.00 29.65 ? 1917 LYS A O    1 
ATOM   490  C  CB   . LYS A 1 65  ? 1.755   -2.028  -9.738  1.00 29.83 ? 1917 LYS A CB   1 
ATOM   491  C  CG   . LYS A 1 65  ? 0.974   -3.321  -9.937  1.00 28.92 ? 1917 LYS A CG   1 
ATOM   492  C  CD   . LYS A 1 65  ? -0.255  -3.383  -9.080  1.00 27.49 ? 1917 LYS A CD   1 
ATOM   493  C  CE   . LYS A 1 65  ? -1.322  -2.418  -9.570  1.00 30.90 ? 1917 LYS A CE   1 
ATOM   494  N  NZ   . LYS A 1 65  ? -2.626  -2.801  -8.955  1.00 29.21 ? 1917 LYS A NZ   1 
ATOM   495  N  N    . LEU A 1 66  ? 4.242   -0.034  -9.629  1.00 27.37 ? 1918 LEU A N    1 
ATOM   496  C  CA   . LEU A 1 66  ? 4.791   1.318   -9.672  1.00 27.43 ? 1918 LEU A CA   1 
ATOM   497  C  C    . LEU A 1 66  ? 5.896   1.443   -10.720 1.00 33.45 ? 1918 LEU A C    1 
ATOM   498  O  O    . LEU A 1 66  ? 5.983   2.449   -11.427 1.00 34.46 ? 1918 LEU A O    1 
ATOM   499  C  CB   . LEU A 1 66  ? 5.321   1.727   -8.294  1.00 28.24 ? 1918 LEU A CB   1 
ATOM   500  C  CG   . LEU A 1 66  ? 5.681   3.194   -8.050  1.00 28.13 ? 1918 LEU A CG   1 
ATOM   501  C  CD1  . LEU A 1 66  ? 4.460   4.108   -8.201  1.00 27.64 ? 1918 LEU A CD1  1 
ATOM   502  C  CD2  . LEU A 1 66  ? 6.302   3.370   -6.677  1.00 31.12 ? 1918 LEU A CD2  1 
ATOM   503  N  N    . SER A 1 67  ? 6.733   0.415   -10.830 1.00 29.65 ? 1919 SER A N    1 
ATOM   504  C  CA   . SER A 1 67  ? 7.860   0.430   -11.758 1.00 30.64 ? 1919 SER A CA   1 
ATOM   505  C  C    . SER A 1 67  ? 7.462   0.239   -13.221 1.00 30.90 ? 1919 SER A C    1 
ATOM   506  O  O    . SER A 1 67  ? 8.283   0.451   -14.112 1.00 31.83 ? 1919 SER A O    1 
ATOM   507  C  CB   . SER A 1 67  ? 8.871   -0.651  -11.366 1.00 31.79 ? 1919 SER A CB   1 
ATOM   508  O  OG   . SER A 1 67  ? 9.514   -0.316  -10.146 1.00 32.47 ? 1919 SER A OG   1 
ATOM   509  N  N    . SER A 1 68  ? 6.216   -0.152  -13.469 1.00 27.59 ? 1920 SER A N    1 
ATOM   510  C  CA   . SER A 1 68  ? 5.785   -0.495  -14.817 1.00 29.87 ? 1920 SER A CA   1 
ATOM   511  C  C    . SER A 1 68  ? 4.585   0.334   -15.276 1.00 29.66 ? 1920 SER A C    1 
ATOM   512  O  O    . SER A 1 68  ? 3.868   -0.066  -16.191 1.00 30.24 ? 1920 SER A O    1 
ATOM   513  C  CB   . SER A 1 68  ? 5.451   -1.988  -14.905 1.00 31.12 ? 1920 SER A CB   1 
ATOM   514  O  OG   . SER A 1 68  ? 4.424   -2.347  -13.986 1.00 30.01 ? 1920 SER A OG   1 
ATOM   515  N  N    . GLY A 1 69  ? 4.353   1.475   -14.628 1.00 28.15 ? 1921 GLY A N    1 
ATOM   516  C  CA   . GLY A 1 69  ? 3.332   2.405   -15.089 1.00 27.07 ? 1921 GLY A CA   1 
ATOM   517  C  C    . GLY A 1 69  ? 1.903   1.950   -14.886 1.00 29.87 ? 1921 GLY A C    1 
ATOM   518  O  O    . GLY A 1 69  ? 1.005   2.338   -15.640 1.00 29.16 ? 1921 GLY A O    1 
ATOM   519  N  N    . GLN A 1 70  ? 1.656   1.147   -13.854 1.00 28.25 ? 1922 GLN A N    1 
ATOM   520  C  CA   . GLN A 1 70  ? 0.310   0.619   -13.651 1.00 30.48 ? 1922 GLN A CA   1 
ATOM   521  C  C    . GLN A 1 70  ? -0.530  1.424   -12.644 1.00 29.08 ? 1922 GLN A C    1 
ATOM   522  O  O    . GLN A 1 70  ? -1.705  1.125   -12.448 1.00 31.26 ? 1922 GLN A O    1 
ATOM   523  C  CB   . GLN A 1 70  ? 0.379   -0.852  -13.226 1.00 30.19 ? 1922 GLN A CB   1 
ATOM   524  C  CG   . GLN A 1 70  ? 0.974   -1.766  -14.321 1.00 32.22 ? 1922 GLN A CG   1 
ATOM   525  C  CD   . GLN A 1 70  ? 0.868   -3.250  -13.988 1.00 31.80 ? 1922 GLN A CD   1 
ATOM   526  O  OE1  . GLN A 1 70  ? -0.217  -3.765  -13.735 1.00 34.81 ? 1922 GLN A OE1  1 
ATOM   527  N  NE2  . GLN A 1 70  ? 2.003   -3.935  -13.965 1.00 30.94 ? 1922 GLN A NE2  1 
ATOM   528  N  N    . TYR A 1 71  ? 0.047   2.458   -12.037 1.00 28.27 ? 1923 TYR A N    1 
ATOM   529  C  CA   . TYR A 1 71  ? -0.771  3.410   -11.266 1.00 29.78 ? 1923 TYR A CA   1 
ATOM   530  C  C    . TYR A 1 71  ? -1.017  4.678   -12.083 1.00 29.54 ? 1923 TYR A C    1 
ATOM   531  O  O    . TYR A 1 71  ? -0.075  5.390   -12.428 1.00 29.43 ? 1923 TYR A O    1 
ATOM   532  C  CB   . TYR A 1 71  ? -0.118  3.769   -9.926  1.00 26.17 ? 1923 TYR A CB   1 
ATOM   533  C  CG   . TYR A 1 71  ? -0.060  2.581   -8.991  1.00 26.10 ? 1923 TYR A CG   1 
ATOM   534  C  CD1  . TYR A 1 71  ? -1.221  1.986   -8.517  1.00 27.14 ? 1923 TYR A CD1  1 
ATOM   535  C  CD2  . TYR A 1 71  ? 1.161   2.032   -8.618  1.00 27.40 ? 1923 TYR A CD2  1 
ATOM   536  C  CE1  . TYR A 1 71  ? -1.174  0.869   -7.674  1.00 27.69 ? 1923 TYR A CE1  1 
ATOM   537  C  CE2  . TYR A 1 71  ? 1.222   0.927   -7.785  1.00 26.28 ? 1923 TYR A CE2  1 
ATOM   538  C  CZ   . TYR A 1 71  ? 0.056   0.345   -7.325  1.00 25.86 ? 1923 TYR A CZ   1 
ATOM   539  O  OH   . TYR A 1 71  ? 0.133   -0.756  -6.508  1.00 27.16 ? 1923 TYR A OH   1 
ATOM   540  N  N    . PRO A 1 72  ? -2.292  4.957   -12.402 1.00 29.98 ? 1924 PRO A N    1 
ATOM   541  C  CA   . PRO A 1 72  ? -2.641  6.174   -13.138 1.00 35.62 ? 1924 PRO A CA   1 
ATOM   542  C  C    . PRO A 1 72  ? -2.314  7.421   -12.333 1.00 35.35 ? 1924 PRO A C    1 
ATOM   543  O  O    . PRO A 1 72  ? -1.964  8.449   -12.915 1.00 35.33 ? 1924 PRO A O    1 
ATOM   544  C  CB   . PRO A 1 72  ? -4.155  6.044   -13.338 1.00 35.00 ? 1924 PRO A CB   1 
ATOM   545  C  CG   . PRO A 1 72  ? -4.435  4.606   -13.195 1.00 36.77 ? 1924 PRO A CG   1 
ATOM   546  C  CD   . PRO A 1 72  ? -3.465  4.099   -12.181 1.00 32.93 ? 1924 PRO A CD   1 
ATOM   547  N  N    . ASN A 1 73  ? -2.418  7.338   -11.009 1.00 32.76 ? 1925 ASN A N    1 
ATOM   548  C  CA   . ASN A 1 73  ? -2.202  8.513   -10.167 1.00 32.99 ? 1925 ASN A CA   1 
ATOM   549  C  C    . ASN A 1 73  ? -1.887  8.147   -8.718  1.00 34.22 ? 1925 ASN A C    1 
ATOM   550  O  O    . ASN A 1 73  ? -1.954  6.972   -8.334  1.00 31.67 ? 1925 ASN A O    1 
ATOM   551  C  CB   . ASN A 1 73  ? -3.436  9.423   -10.213 1.00 33.55 ? 1925 ASN A CB   1 
ATOM   552  C  CG   . ASN A 1 73  ? -4.689  8.722   -9.745  1.00 35.80 ? 1925 ASN A CG   1 
ATOM   553  O  OD1  . ASN A 1 73  ? -4.729  8.151   -8.658  1.00 35.79 ? 1925 ASN A OD1  1 
ATOM   554  N  ND2  . ASN A 1 73  ? -5.715  8.731   -10.580 1.00 37.08 ? 1925 ASN A ND2  1 
ATOM   555  N  N    A LEU A 1 74  ? -1.559  9.188   -7.953  0.37 33.49 ? 1926 LEU A N    1 
ATOM   556  N  N    B LEU A 1 74  ? -1.558  9.131   -7.884  0.63 33.60 ? 1926 LEU A N    1 
ATOM   557  C  CA   A LEU A 1 74  ? -1.309  9.131   -6.518  0.37 33.28 ? 1926 LEU A CA   1 
ATOM   558  C  CA   B LEU A 1 74  ? -1.144  8.798   -6.520  0.63 32.81 ? 1926 LEU A CA   1 
ATOM   559  C  C    A LEU A 1 74  ? -2.253  8.207   -5.778  0.37 32.98 ? 1926 LEU A C    1 
ATOM   560  C  C    B LEU A 1 74  ? -2.270  8.182   -5.668  0.63 33.34 ? 1926 LEU A C    1 
ATOM   561  O  O    A LEU A 1 74  ? -1.838  7.303   -5.052  0.37 32.22 ? 1926 LEU A O    1 
ATOM   562  O  O    B LEU A 1 74  ? -1.984  7.443   -4.726  0.63 32.35 ? 1926 LEU A O    1 
ATOM   563  C  CB   A LEU A 1 74  ? -1.441  10.539  -5.925  0.37 34.52 ? 1926 LEU A CB   1 
ATOM   564  C  CB   B LEU A 1 74  ? -0.547  10.025  -5.803  0.63 33.49 ? 1926 LEU A CB   1 
ATOM   565  C  CG   A LEU A 1 74  ? -0.415  10.919  -4.872  0.37 34.42 ? 1926 LEU A CG   1 
ATOM   566  C  CG   B LEU A 1 74  ? -1.123  11.445  -5.877  0.63 34.94 ? 1926 LEU A CG   1 
ATOM   567  C  CD1  A LEU A 1 74  ? 0.945   10.602  -5.430  0.37 33.30 ? 1926 LEU A CD1  1 
ATOM   568  C  CD1  B LEU A 1 74  ? -2.625  11.484  -5.944  0.63 37.38 ? 1926 LEU A CD1  1 
ATOM   569  C  CD2  A LEU A 1 74  ? -0.522  12.391  -4.524  0.37 35.47 ? 1926 LEU A CD2  1 
ATOM   570  C  CD2  B LEU A 1 74  ? -0.632  12.244  -4.675  0.63 35.53 ? 1926 LEU A CD2  1 
ATOM   571  N  N    . GLU A 1 75  ? -3.536  8.454   -5.983  1.00 32.97 ? 1927 GLU A N    1 
ATOM   572  C  CA   . GLU A 1 75  ? -4.591  7.868   -5.175  1.00 34.90 ? 1927 GLU A CA   1 
ATOM   573  C  C    . GLU A 1 75  ? -4.739  6.377   -5.409  1.00 32.90 ? 1927 GLU A C    1 
ATOM   574  O  O    . GLU A 1 75  ? -5.070  5.642   -4.479  1.00 30.93 ? 1927 GLU A O    1 
ATOM   575  C  CB   . GLU A 1 75  ? -5.922  8.577   -5.432  1.00 35.13 ? 1927 GLU A CB   1 
ATOM   576  C  CG   . GLU A 1 75  ? -5.908  10.077  -5.070  1.00 40.30 ? 1927 GLU A CG   1 
ATOM   577  C  CD   . GLU A 1 75  ? -5.440  10.387  -3.623  1.00 45.30 ? 1927 GLU A CD   1 
ATOM   578  O  OE1  . GLU A 1 75  ? -5.521  9.507   -2.722  1.00 46.99 ? 1927 GLU A OE1  1 
ATOM   579  O  OE2  . GLU A 1 75  ? -4.992  11.537  -3.383  1.00 46.10 ? 1927 GLU A OE2  1 
ATOM   580  N  N    . THR A 1 76  ? -4.492  5.921   -6.635  1.00 30.54 ? 1928 THR A N    1 
ATOM   581  C  CA   . THR A 1 76  ? -4.597  4.491   -6.905  1.00 31.32 ? 1928 THR A CA   1 
ATOM   582  C  C    . THR A 1 76  ? -3.457  3.768   -6.189  1.00 28.62 ? 1928 THR A C    1 
ATOM   583  O  O    . THR A 1 76  ? -3.626  2.640   -5.745  1.00 27.06 ? 1928 THR A O    1 
ATOM   584  C  CB   . THR A 1 76  ? -4.580  4.166   -8.423  1.00 30.44 ? 1928 THR A CB   1 
ATOM   585  O  OG1  . THR A 1 76  ? -3.390  4.678   -9.023  1.00 31.33 ? 1928 THR A OG1  1 
ATOM   586  C  CG2  . THR A 1 76  ? -5.787  4.789   -9.127  1.00 32.28 ? 1928 THR A CG2  1 
ATOM   587  N  N    . PHE A 1 77  ? -2.310  4.424   -6.060  1.00 26.76 ? 1929 PHE A N    1 
ATOM   588  C  CA   . PHE A 1 77  ? -1.180  3.854   -5.308  1.00 26.30 ? 1929 PHE A CA   1 
ATOM   589  C  C    . PHE A 1 77  ? -1.561  3.713   -3.833  1.00 25.96 ? 1929 PHE A C    1 
ATOM   590  O  O    . PHE A 1 77  ? -1.411  2.638   -3.239  1.00 25.13 ? 1929 PHE A O    1 
ATOM   591  C  CB   . PHE A 1 77  ? 0.073   4.728   -5.479  1.00 26.22 ? 1929 PHE A CB   1 
ATOM   592  C  CG   . PHE A 1 77  ? 1.188   4.414   -4.511  1.00 27.17 ? 1929 PHE A CG   1 
ATOM   593  C  CD1  . PHE A 1 77  ? 2.071   3.370   -4.756  1.00 26.34 ? 1929 PHE A CD1  1 
ATOM   594  C  CD2  . PHE A 1 77  ? 1.358   5.177   -3.356  1.00 24.57 ? 1929 PHE A CD2  1 
ATOM   595  C  CE1  . PHE A 1 77  ? 3.091   3.088   -3.874  1.00 26.26 ? 1929 PHE A CE1  1 
ATOM   596  C  CE2  . PHE A 1 77  ? 2.380   4.905   -2.464  1.00 26.61 ? 1929 PHE A CE2  1 
ATOM   597  C  CZ   . PHE A 1 77  ? 3.255   3.850   -2.725  1.00 27.52 ? 1929 PHE A CZ   1 
ATOM   598  N  N    . ALA A 1 78  ? -2.082  4.785   -3.243  1.00 26.57 ? 1930 ALA A N    1 
ATOM   599  C  CA   . ALA A 1 78  ? -2.515  4.739   -1.842  1.00 28.16 ? 1930 ALA A CA   1 
ATOM   600  C  C    . ALA A 1 78  ? -3.608  3.682   -1.594  1.00 27.14 ? 1930 ALA A C    1 
ATOM   601  O  O    . ALA A 1 78  ? -3.641  3.067   -0.525  1.00 25.43 ? 1930 ALA A O    1 
ATOM   602  C  CB   . ALA A 1 78  ? -2.992  6.110   -1.402  1.00 27.59 ? 1930 ALA A CB   1 
ATOM   603  N  N    . LEU A 1 79  ? -4.492  3.461   -2.568  1.00 26.08 ? 1931 LEU A N    1 
ATOM   604  C  CA   . LEU A 1 79  ? -5.530  2.428   -2.426  1.00 28.21 ? 1931 LEU A CA   1 
ATOM   605  C  C    . LEU A 1 79  ? -4.938  1.017   -2.281  1.00 28.69 ? 1931 LEU A C    1 
ATOM   606  O  O    . LEU A 1 79  ? -5.421  0.223   -1.472  1.00 28.24 ? 1931 LEU A O    1 
ATOM   607  C  CB   . LEU A 1 79  ? -6.505  2.457   -3.614  1.00 28.97 ? 1931 LEU A CB   1 
ATOM   608  C  CG   . LEU A 1 79  ? -7.531  3.595   -3.605  1.00 35.67 ? 1931 LEU A CG   1 
ATOM   609  C  CD1  . LEU A 1 79  ? -8.316  3.611   -4.911  1.00 37.11 ? 1931 LEU A CD1  1 
ATOM   610  C  CD2  . LEU A 1 79  ? -8.468  3.447   -2.408  1.00 37.91 ? 1931 LEU A CD2  1 
ATOM   611  N  N    . ASP A 1 80  ? -3.904  0.705   -3.059  1.00 26.57 ? 1932 ASP A N    1 
ATOM   612  C  CA   . ASP A 1 80  ? -3.247  -0.601  -2.957  1.00 26.03 ? 1932 ASP A CA   1 
ATOM   613  C  C    . ASP A 1 80  ? -2.489  -0.761  -1.638  1.00 26.42 ? 1932 ASP A C    1 
ATOM   614  O  O    . ASP A 1 80  ? -2.486  -1.841  -1.046  1.00 25.05 ? 1932 ASP A O    1 
ATOM   615  C  CB   . ASP A 1 80  ? -2.287  -0.812  -4.130  1.00 26.07 ? 1932 ASP A CB   1 
ATOM   616  C  CG   . ASP A 1 80  ? -2.922  -1.595  -5.278  1.00 29.33 ? 1932 ASP A CG   1 
ATOM   617  O  OD1  . ASP A 1 80  ? -4.121  -1.949  -5.170  1.00 32.22 ? 1932 ASP A OD1  1 
ATOM   618  O  OD2  . ASP A 1 80  ? -2.224  -1.846  -6.290  1.00 29.52 ? 1932 ASP A OD2  1 
ATOM   619  N  N    . VAL A 1 81  ? -1.842  0.303   -1.177  1.00 25.80 ? 1933 VAL A N    1 
ATOM   620  C  CA   . VAL A 1 81  ? -1.146  0.240   0.102   1.00 23.44 ? 1933 VAL A CA   1 
ATOM   621  C  C    . VAL A 1 81  ? -2.158  -0.042  1.222   1.00 25.19 ? 1933 VAL A C    1 
ATOM   622  O  O    . VAL A 1 81  ? -1.959  -0.930  2.048   1.00 26.89 ? 1933 VAL A O    1 
ATOM   623  C  CB   . VAL A 1 81  ? -0.371  1.543   0.402   1.00 25.24 ? 1933 VAL A CB   1 
ATOM   624  C  CG1  . VAL A 1 81  ? 0.209   1.514   1.821   1.00 25.71 ? 1933 VAL A CG1  1 
ATOM   625  C  CG2  . VAL A 1 81  ? 0.726   1.754   -0.630  1.00 26.60 ? 1933 VAL A CG2  1 
ATOM   626  N  N    . ARG A 1 82  ? -3.255  0.707   1.239   1.00 26.15 ? 1934 ARG A N    1 
ATOM   627  C  CA   . ARG A 1 82  ? -4.269  0.531   2.264   1.00 26.47 ? 1934 ARG A CA   1 
ATOM   628  C  C    . ARG A 1 82  ? -4.904  -0.855  2.190   1.00 27.48 ? 1934 ARG A C    1 
ATOM   629  O  O    . ARG A 1 82  ? -5.230  -1.445  3.224   1.00 26.41 ? 1934 ARG A O    1 
ATOM   630  C  CB   . ARG A 1 82  ? -5.318  1.636   2.146   1.00 28.33 ? 1934 ARG A CB   1 
ATOM   631  C  CG   . ARG A 1 82  ? -4.763  2.979   2.616   1.00 29.39 ? 1934 ARG A CG   1 
ATOM   632  C  CD   . ARG A 1 82  ? -5.651  4.173   2.284   1.00 31.53 ? 1934 ARG A CD   1 
ATOM   633  N  NE   . ARG A 1 82  ? -4.959  5.397   2.687   1.00 34.24 ? 1934 ARG A NE   1 
ATOM   634  C  CZ   . ARG A 1 82  ? -5.088  6.581   2.098   1.00 34.51 ? 1934 ARG A CZ   1 
ATOM   635  N  NH1  . ARG A 1 82  ? -5.913  6.734   1.074   1.00 31.90 ? 1934 ARG A NH1  1 
ATOM   636  N  NH2  . ARG A 1 82  ? -4.389  7.617   2.540   1.00 36.40 ? 1934 ARG A NH2  1 
ATOM   637  N  N    . LEU A 1 83  ? -5.048  -1.384  0.975   1.00 28.16 ? 1935 LEU A N    1 
ATOM   638  C  CA   . LEU A 1 83  ? -5.551  -2.741  0.767   1.00 25.96 ? 1935 LEU A CA   1 
ATOM   639  C  C    . LEU A 1 83  ? -4.686  -3.785  1.479   1.00 26.11 ? 1935 LEU A C    1 
ATOM   640  O  O    . LEU A 1 83  ? -5.218  -4.746  2.042   1.00 26.47 ? 1935 LEU A O    1 
ATOM   641  C  CB   . LEU A 1 83  ? -5.630  -3.052  -0.729  1.00 27.20 ? 1935 LEU A CB   1 
ATOM   642  C  CG   . LEU A 1 83  ? -6.076  -4.453  -1.163  1.00 30.36 ? 1935 LEU A CG   1 
ATOM   643  C  CD1  . LEU A 1 83  ? -7.474  -4.776  -0.625  1.00 29.70 ? 1935 LEU A CD1  1 
ATOM   644  C  CD2  . LEU A 1 83  ? -6.043  -4.563  -2.685  1.00 28.85 ? 1935 LEU A CD2  1 
ATOM   645  N  N    . VAL A 1 84  ? -3.364  -3.599  1.463   1.00 24.08 ? 1936 VAL A N    1 
ATOM   646  C  CA   . VAL A 1 84  ? -2.474  -4.496  2.200   1.00 23.50 ? 1936 VAL A CA   1 
ATOM   647  C  C    . VAL A 1 84  ? -2.885  -4.568  3.678   1.00 27.58 ? 1936 VAL A C    1 
ATOM   648  O  O    . VAL A 1 84  ? -2.989  -5.661  4.264   1.00 27.58 ? 1936 VAL A O    1 
ATOM   649  C  CB   . VAL A 1 84  ? -0.990  -4.062  2.108   1.00 25.67 ? 1936 VAL A CB   1 
ATOM   650  C  CG1  . VAL A 1 84  ? -0.138  -4.946  3.005   1.00 25.36 ? 1936 VAL A CG1  1 
ATOM   651  C  CG2  . VAL A 1 84  ? -0.485  -4.133  0.649   1.00 24.63 ? 1936 VAL A CG2  1 
ATOM   652  N  N    . PHE A 1 85  ? -3.154  -3.412  4.275   1.00 23.86 ? 1937 PHE A N    1 
ATOM   653  C  CA   . PHE A 1 85  ? -3.434  -3.357  5.707   1.00 27.28 ? 1937 PHE A CA   1 
ATOM   654  C  C    . PHE A 1 85  ? -4.878  -3.743  6.029   1.00 29.22 ? 1937 PHE A C    1 
ATOM   655  O  O    . PHE A 1 85  ? -5.148  -4.367  7.069   1.00 29.31 ? 1937 PHE A O    1 
ATOM   656  C  CB   . PHE A 1 85  ? -3.080  -1.960  6.237   1.00 27.30 ? 1937 PHE A CB   1 
ATOM   657  C  CG   . PHE A 1 85  ? -1.659  -1.577  5.944   1.00 25.07 ? 1937 PHE A CG   1 
ATOM   658  C  CD1  . PHE A 1 85  ? -0.643  -2.514  6.110   1.00 25.48 ? 1937 PHE A CD1  1 
ATOM   659  C  CD2  . PHE A 1 85  ? -1.347  -0.337  5.440   1.00 28.70 ? 1937 PHE A CD2  1 
ATOM   660  C  CE1  . PHE A 1 85  ? 0.661   -2.203  5.810   1.00 28.30 ? 1937 PHE A CE1  1 
ATOM   661  C  CE2  . PHE A 1 85  ? -0.030  -0.001  5.144   1.00 27.45 ? 1937 PHE A CE2  1 
ATOM   662  C  CZ   . PHE A 1 85  ? 0.976   -0.937  5.332   1.00 29.42 ? 1937 PHE A CZ   1 
ATOM   663  N  N    . ASP A 1 86  ? -5.795  -3.419  5.124   1.00 27.67 ? 1938 ASP A N    1 
ATOM   664  C  CA   . ASP A 1 86  ? -7.178  -3.870  5.264   1.00 29.33 ? 1938 ASP A CA   1 
ATOM   665  C  C    . ASP A 1 86  ? -7.274  -5.393  5.189   1.00 31.06 ? 1938 ASP A C    1 
ATOM   666  O  O    . ASP A 1 86  ? -7.948  -6.001  6.015   1.00 31.60 ? 1938 ASP A O    1 
ATOM   667  C  CB   . ASP A 1 86  ? -8.068  -3.224  4.206   1.00 29.56 ? 1938 ASP A CB   1 
ATOM   668  C  CG   . ASP A 1 86  ? -8.286  -1.741  4.458   1.00 30.24 ? 1938 ASP A CG   1 
ATOM   669  O  OD1  . ASP A 1 86  ? -7.991  -1.273  5.575   1.00 30.59 ? 1938 ASP A OD1  1 
ATOM   670  O  OD2  . ASP A 1 86  ? -8.762  -1.042  3.541   1.00 33.47 ? 1938 ASP A OD2  1 
ATOM   671  N  N    . ASN A 1 87  ? -6.583  -6.008  4.224   1.00 28.66 ? 1939 ASN A N    1 
ATOM   672  C  CA   . ASN A 1 87  ? -6.521  -7.469  4.146   1.00 30.88 ? 1939 ASN A CA   1 
ATOM   673  C  C    . ASN A 1 87  ? -5.947  -8.082  5.418   1.00 32.90 ? 1939 ASN A C    1 
ATOM   674  O  O    . ASN A 1 87  ? -6.425  -9.126  5.892   1.00 30.09 ? 1939 ASN A O    1 
ATOM   675  C  CB   . ASN A 1 87  ? -5.671  -7.923  2.958   1.00 28.94 ? 1939 ASN A CB   1 
ATOM   676  C  CG   . ASN A 1 87  ? -6.351  -7.686  1.618   1.00 28.89 ? 1939 ASN A CG   1 
ATOM   677  O  OD1  . ASN A 1 87  ? -7.558  -7.472  1.548   1.00 29.96 ? 1939 ASN A OD1  1 
ATOM   678  N  ND2  . ASN A 1 87  ? -5.570  -7.741  0.541   1.00 26.93 ? 1939 ASN A ND2  1 
ATOM   679  N  N    . CYS A 1 88  ? -4.915  -7.439  5.963   1.00 27.42 ? 1940 CYS A N    1 
ATOM   680  C  CA   . CYS A 1 88  ? -4.262  -7.929  7.173   1.00 31.45 ? 1940 CYS A CA   1 
ATOM   681  C  C    . CYS A 1 88  ? -5.238  -7.931  8.349   1.00 31.28 ? 1940 CYS A C    1 
ATOM   682  O  O    . CYS A 1 88  ? -5.283  -8.894  9.119   1.00 32.91 ? 1940 CYS A O    1 
ATOM   683  C  CB   . CYS A 1 88  ? -3.025  -7.088  7.511   1.00 27.73 ? 1940 CYS A CB   1 
ATOM   684  S  SG   . CYS A 1 88  ? -2.122  -7.594  9.004   1.00 29.97 ? 1940 CYS A SG   1 
ATOM   685  N  N    . GLU A 1 89  ? -6.021  -6.859  8.476   1.00 31.00 ? 1941 GLU A N    1 
ATOM   686  C  CA   . GLU A 1 89  ? -7.029  -6.763  9.542   1.00 33.95 ? 1941 GLU A CA   1 
ATOM   687  C  C    . GLU A 1 89  ? -8.147  -7.783  9.402   1.00 34.32 ? 1941 GLU A C    1 
ATOM   688  O  O    . GLU A 1 89  ? -8.662  -8.287  10.404  1.00 35.43 ? 1941 GLU A O    1 
ATOM   689  C  CB   . GLU A 1 89  ? -7.652  -5.368  9.585   1.00 33.23 ? 1941 GLU A CB   1 
ATOM   690  C  CG   . GLU A 1 89  ? -6.834  -4.369  10.331  1.00 36.84 ? 1941 GLU A CG   1 
ATOM   691  C  CD   . GLU A 1 89  ? -7.649  -3.176  10.792  1.00 39.31 ? 1941 GLU A CD   1 
ATOM   692  O  OE1  . GLU A 1 89  ? -8.702  -3.371  11.444  1.00 41.49 ? 1941 GLU A OE1  1 
ATOM   693  O  OE2  . GLU A 1 89  ? -7.223  -2.041  10.505  1.00 40.98 ? 1941 GLU A OE2  1 
ATOM   694  N  N    . THR A 1 90  ? -8.539  -8.063  8.165   1.00 32.91 ? 1942 THR A N    1 
ATOM   695  C  CA   . THR A 1 90  ? -9.594  -9.035  7.885   1.00 33.47 ? 1942 THR A CA   1 
ATOM   696  C  C    . THR A 1 90  ? -9.206  -10.438 8.350   1.00 36.89 ? 1942 THR A C    1 
ATOM   697  O  O    . THR A 1 90  ? -10.038 -11.183 8.874   1.00 34.96 ? 1942 THR A O    1 
ATOM   698  C  CB   . THR A 1 90  ? -9.923  -9.066  6.388   1.00 33.48 ? 1942 THR A CB   1 
ATOM   699  O  OG1  . THR A 1 90  ? -10.502 -7.812  6.011   1.00 36.59 ? 1942 THR A OG1  1 
ATOM   700  C  CG2  . THR A 1 90  ? -10.905 -10.188 6.068   1.00 36.25 ? 1942 THR A CG2  1 
ATOM   701  N  N    . PHE A 1 91  ? -7.930  -10.777 8.204   1.00 33.02 ? 1943 PHE A N    1 
ATOM   702  C  CA   . PHE A 1 91  ? -7.479  -12.151 8.374   1.00 35.04 ? 1943 PHE A CA   1 
ATOM   703  C  C    . PHE A 1 91  ? -6.746  -12.427 9.701   1.00 36.31 ? 1943 PHE A C    1 
ATOM   704  O  O    . PHE A 1 91  ? -6.585  -13.592 10.104  1.00 37.52 ? 1943 PHE A O    1 
ATOM   705  C  CB   . PHE A 1 91  ? -6.568  -12.537 7.208   1.00 33.78 ? 1943 PHE A CB   1 
ATOM   706  C  CG   . PHE A 1 91  ? -6.489  -14.015 6.963   1.00 31.97 ? 1943 PHE A CG   1 
ATOM   707  C  CD1  . PHE A 1 91  ? -7.502  -14.670 6.280   1.00 35.95 ? 1943 PHE A CD1  1 
ATOM   708  C  CD2  . PHE A 1 91  ? -5.401  -14.748 7.399   1.00 35.10 ? 1943 PHE A CD2  1 
ATOM   709  C  CE1  . PHE A 1 91  ? -7.431  -16.043 6.031   1.00 36.07 ? 1943 PHE A CE1  1 
ATOM   710  C  CE2  . PHE A 1 91  ? -5.321  -16.116 7.156   1.00 37.09 ? 1943 PHE A CE2  1 
ATOM   711  C  CZ   . PHE A 1 91  ? -6.337  -16.763 6.471   1.00 35.15 ? 1943 PHE A CZ   1 
ATOM   712  N  N    . ASN A 1 92  ? -6.272  -11.384 10.370  1.00 32.53 ? 1944 ASN A N    1 
ATOM   713  C  CA   . ASN A 1 92  ? -5.513  -11.579 11.601  1.00 36.83 ? 1944 ASN A CA   1 
ATOM   714  C  C    . ASN A 1 92  ? -6.124  -10.856 12.802  1.00 34.79 ? 1944 ASN A C    1 
ATOM   715  O  O    . ASN A 1 92  ? -6.721  -9.781  12.661  1.00 34.46 ? 1944 ASN A O    1 
ATOM   716  C  CB   . ASN A 1 92  ? -4.056  -11.134 11.427  1.00 33.28 ? 1944 ASN A CB   1 
ATOM   717  C  CG   . ASN A 1 92  ? -3.384  -11.755 10.219  1.00 37.41 ? 1944 ASN A CG   1 
ATOM   718  O  OD1  . ASN A 1 92  ? -3.526  -11.284 9.094   1.00 47.63 ? 1944 ASN A OD1  1 
ATOM   719  N  ND2  . ASN A 1 92  ? -2.638  -12.816 10.457  1.00 38.63 ? 1944 ASN A ND2  1 
ATOM   720  N  N    . GLU A 1 93  ? -5.997  -11.468 13.979  1.00 37.03 ? 1945 GLU A N    1 
ATOM   721  C  CA   . GLU A 1 93  ? -6.415  -10.833 15.224  1.00 37.51 ? 1945 GLU A CA   1 
ATOM   722  C  C    . GLU A 1 93  ? -5.526  -9.628  15.512  1.00 35.96 ? 1945 GLU A C    1 
ATOM   723  O  O    . GLU A 1 93  ? -4.320  -9.670  15.239  1.00 36.37 ? 1945 GLU A O    1 
ATOM   724  C  CB   A GLU A 1 93  ? -6.345  -11.833 16.385  0.45 39.71 ? 1945 GLU A CB   1 
ATOM   725  C  CB   B GLU A 1 93  ? -6.368  -11.823 16.392  0.55 39.50 ? 1945 GLU A CB   1 
ATOM   726  C  CG   A GLU A 1 93  ? -7.089  -13.143 16.137  0.45 38.43 ? 1945 GLU A CG   1 
ATOM   727  C  CG   B GLU A 1 93  ? -7.502  -12.849 16.406  0.55 38.62 ? 1945 GLU A CG   1 
ATOM   728  C  CD   A GLU A 1 93  ? -6.611  -14.274 17.030  0.45 40.55 ? 1945 GLU A CD   1 
ATOM   729  C  CD   B GLU A 1 93  ? -8.848  -12.245 16.774  0.55 39.24 ? 1945 GLU A CD   1 
ATOM   730  O  OE1  A GLU A 1 93  ? -6.784  -14.179 18.262  0.45 41.02 ? 1945 GLU A OE1  1 
ATOM   731  O  OE1  B GLU A 1 93  ? -8.886  -11.083 17.227  0.55 40.29 ? 1945 GLU A OE1  1 
ATOM   732  O  OE2  A GLU A 1 93  ? -6.058  -15.261 16.498  0.45 42.88 ? 1945 GLU A OE2  1 
ATOM   733  O  OE2  B GLU A 1 93  ? -9.873  -12.934 16.605  0.55 41.66 ? 1945 GLU A OE2  1 
ATOM   734  N  N    . ASP A 1 94  ? -6.114  -8.571  16.081  1.00 38.10 ? 1946 ASP A N    1 
ATOM   735  C  CA   . ASP A 1 94  ? -5.372  -7.352  16.419  1.00 38.00 ? 1946 ASP A CA   1 
ATOM   736  C  C    . ASP A 1 94  ? -4.184  -7.655  17.331  1.00 40.73 ? 1946 ASP A C    1 
ATOM   737  O  O    . ASP A 1 94  ? -3.138  -7.023  17.222  1.00 43.69 ? 1946 ASP A O    1 
ATOM   738  C  CB   . ASP A 1 94  ? -6.281  -6.314  17.088  1.00 37.32 ? 1946 ASP A CB   1 
ATOM   739  C  CG   . ASP A 1 94  ? -7.353  -5.780  16.154  1.00 42.46 ? 1946 ASP A CG   1 
ATOM   740  O  OD1  . ASP A 1 94  ? -7.192  -5.875  14.917  1.00 39.62 ? 1946 ASP A OD1  1 
ATOM   741  O  OD2  . ASP A 1 94  ? -8.370  -5.256  16.652  1.00 45.03 ? 1946 ASP A OD2  1 
ATOM   742  N  N    . ASP A 1 95  ? -4.334  -8.631  18.220  1.00 45.55 ? 1947 ASP A N    1 
ATOM   743  C  CA   . ASP A 1 95  ? -3.250  -8.967  19.136  1.00 45.95 ? 1947 ASP A CA   1 
ATOM   744  C  C    . ASP A 1 95  ? -2.519  -10.236 18.733  1.00 47.19 ? 1947 ASP A C    1 
ATOM   745  O  O    . ASP A 1 95  ? -2.273  -11.124 19.554  1.00 56.76 ? 1947 ASP A O    1 
ATOM   746  C  CB   . ASP A 1 95  ? -3.783  -9.087  20.558  1.00 51.66 ? 1947 ASP A CB   1 
ATOM   747  C  CG   . ASP A 1 95  ? -4.090  -7.731  21.164  1.00 59.15 ? 1947 ASP A CG   1 
ATOM   748  O  OD1  . ASP A 1 95  ? -3.291  -6.787  20.933  1.00 57.80 ? 1947 ASP A OD1  1 
ATOM   749  O  OD2  . ASP A 1 95  ? -5.135  -7.600  21.844  1.00 64.96 ? 1947 ASP A OD2  1 
ATOM   750  N  N    . SER A 1 96  ? -2.200  -10.324 17.447  1.00 40.22 ? 1948 SER A N    1 
ATOM   751  C  CA   . SER A 1 96  ? -1.225  -11.281 16.947  1.00 37.22 ? 1948 SER A CA   1 
ATOM   752  C  C    . SER A 1 96  ? -0.039  -10.465 16.485  1.00 38.29 ? 1948 SER A C    1 
ATOM   753  O  O    . SER A 1 96  ? -0.148  -9.240  16.358  1.00 36.42 ? 1948 SER A O    1 
ATOM   754  C  CB   . SER A 1 96  ? -1.793  -12.109 15.803  1.00 40.16 ? 1948 SER A CB   1 
ATOM   755  O  OG   . SER A 1 96  ? -2.220  -11.267 14.749  1.00 36.33 ? 1948 SER A OG   1 
ATOM   756  N  N    . ASP A 1 97  ? 1.088   -11.118 16.225  1.00 35.93 ? 1949 ASP A N    1 
ATOM   757  C  CA   . ASP A 1 97  ? 2.252   -10.393 15.721  1.00 37.49 ? 1949 ASP A CA   1 
ATOM   758  C  C    . ASP A 1 97  ? 1.985   -9.756  14.366  1.00 34.32 ? 1949 ASP A C    1 
ATOM   759  O  O    . ASP A 1 97  ? 2.333   -8.594  14.153  1.00 31.63 ? 1949 ASP A O    1 
ATOM   760  C  CB   . ASP A 1 97  ? 3.461   -11.308 15.620  1.00 36.51 ? 1949 ASP A CB   1 
ATOM   761  C  CG   . ASP A 1 97  ? 3.891   -11.825 16.965  1.00 44.06 ? 1949 ASP A CG   1 
ATOM   762  O  OD1  . ASP A 1 97  ? 4.296   -10.991 17.806  1.00 42.24 ? 1949 ASP A OD1  1 
ATOM   763  O  OD2  . ASP A 1 97  ? 3.834   -13.059 17.173  1.00 44.68 ? 1949 ASP A OD2  1 
ATOM   764  N  N    . ILE A 1 98  ? 1.380   -10.516 13.456  1.00 35.45 ? 1950 ILE A N    1 
ATOM   765  C  CA   . ILE A 1 98  ? 1.050   -9.994  12.130  1.00 32.67 ? 1950 ILE A CA   1 
ATOM   766  C  C    . ILE A 1 98  ? 0.027   -8.872  12.230  1.00 32.11 ? 1950 ILE A C    1 
ATOM   767  O  O    . ILE A 1 98  ? 0.144   -7.852  11.546  1.00 28.98 ? 1950 ILE A O    1 
ATOM   768  C  CB   . ILE A 1 98  ? 0.528   -11.108 11.198  1.00 35.49 ? 1950 ILE A CB   1 
ATOM   769  C  CG1  . ILE A 1 98  ? 1.645   -12.127 10.925  1.00 36.43 ? 1950 ILE A CG1  1 
ATOM   770  C  CG2  . ILE A 1 98  ? -0.033  -10.530 9.898   1.00 31.94 ? 1950 ILE A CG2  1 
ATOM   771  C  CD1  . ILE A 1 98  ? 1.152   -13.379 10.230  1.00 37.46 ? 1950 ILE A CD1  1 
ATOM   772  N  N    . GLY A 1 99  ? -0.947  -9.050  13.115  1.00 31.75 ? 1951 GLY A N    1 
ATOM   773  C  CA   . GLY A 1 99  ? -1.996  -8.068  13.318  1.00 30.54 ? 1951 GLY A CA   1 
ATOM   774  C  C    . GLY A 1 99  ? -1.443  -6.756  13.841  1.00 33.55 ? 1951 GLY A C    1 
ATOM   775  O  O    . GLY A 1 99  ? -1.808  -5.686  13.354  1.00 31.20 ? 1951 GLY A O    1 
ATOM   776  N  N    . ARG A 1 100 ? -0.557  -6.831  14.826  1.00 33.72 ? 1952 ARG A N    1 
ATOM   777  C  CA   . ARG A 1 100 ? 0.096   -5.632  15.337  1.00 32.80 ? 1952 ARG A CA   1 
ATOM   778  C  C    . ARG A 1 100 ? 1.029   -5.025  14.285  1.00 30.66 ? 1952 ARG A C    1 
ATOM   779  O  O    . ARG A 1 100 ? 1.121   -3.802  14.171  1.00 29.42 ? 1952 ARG A O    1 
ATOM   780  C  CB   . ARG A 1 100 ? 0.876   -5.928  16.626  1.00 37.65 ? 1952 ARG A CB   1 
ATOM   781  C  CG   . ARG A 1 100 ? -0.004  -6.034  17.862  1.00 42.83 ? 1952 ARG A CG   1 
ATOM   782  C  CD   . ARG A 1 100 ? 0.817   -6.066  19.157  1.00 47.43 ? 1952 ARG A CD   1 
ATOM   783  N  NE   . ARG A 1 100 ? 1.635   -7.270  19.284  1.00 44.15 ? 1952 ARG A NE   1 
ATOM   784  C  CZ   . ARG A 1 100 ? 1.193   -8.408  19.804  1.00 44.08 ? 1952 ARG A CZ   1 
ATOM   785  N  NH1  . ARG A 1 100 ? 1.999   -9.459  19.886  1.00 46.16 ? 1952 ARG A NH1  1 
ATOM   786  N  NH2  . ARG A 1 100 ? -0.061  -8.498  20.231  1.00 50.95 ? 1952 ARG A NH2  1 
ATOM   787  N  N    . ALA A 1 101 ? 1.725   -5.866  13.526  1.00 28.71 ? 1953 ALA A N    1 
ATOM   788  C  CA   . ALA A 1 101 ? 2.587   -5.363  12.453  1.00 30.50 ? 1953 ALA A CA   1 
ATOM   789  C  C    . ALA A 1 101 ? 1.793   -4.523  11.453  1.00 27.95 ? 1953 ALA A C    1 
ATOM   790  O  O    . ALA A 1 101 ? 2.254   -3.459  11.029  1.00 28.18 ? 1953 ALA A O    1 
ATOM   791  C  CB   . ALA A 1 101 ? 3.281   -6.499  11.742  1.00 30.55 ? 1953 ALA A CB   1 
ATOM   792  N  N    . GLY A 1 102 ? 0.607   -4.997  11.079  1.00 28.37 ? 1954 GLY A N    1 
ATOM   793  C  CA   . GLY A 1 102 ? -0.245  -4.273  10.145  1.00 27.63 ? 1954 GLY A CA   1 
ATOM   794  C  C    . GLY A 1 102 ? -0.709  -2.922  10.662  1.00 29.93 ? 1954 GLY A C    1 
ATOM   795  O  O    . GLY A 1 102 ? -0.652  -1.920  9.948   1.00 27.07 ? 1954 GLY A O    1 
ATOM   796  N  N    . HIS A 1 103 ? -1.161  -2.880  11.911  1.00 28.31 ? 1955 HIS A N    1 
ATOM   797  C  CA   . HIS A 1 103 ? -1.543  -1.614  12.517  1.00 30.06 ? 1955 HIS A CA   1 
ATOM   798  C  C    . HIS A 1 103 ? -0.362  -0.639  12.555  1.00 28.37 ? 1955 HIS A C    1 
ATOM   799  O  O    . HIS A 1 103 ? -0.517  0.530   12.209  1.00 29.47 ? 1955 HIS A O    1 
ATOM   800  C  CB   . HIS A 1 103 ? -2.111  -1.850  13.920  1.00 30.42 ? 1955 HIS A CB   1 
ATOM   801  C  CG   . HIS A 1 103 ? -3.490  -2.436  13.914  1.00 31.74 ? 1955 HIS A CG   1 
ATOM   802  N  ND1  . HIS A 1 103 ? -4.598  -1.735  13.496  1.00 35.62 ? 1955 HIS A ND1  1 
ATOM   803  C  CD2  . HIS A 1 103 ? -3.937  -3.671  14.269  1.00 33.86 ? 1955 HIS A CD2  1 
ATOM   804  C  CE1  . HIS A 1 103 ? -5.670  -2.507  13.586  1.00 38.37 ? 1955 HIS A CE1  1 
ATOM   805  N  NE2  . HIS A 1 103 ? -5.294  -3.685  14.055  1.00 34.92 ? 1955 HIS A NE2  1 
ATOM   806  N  N    . ASN A 1 104 ? 0.819   -1.110  12.951  1.00 28.62 ? 1956 ASN A N    1 
ATOM   807  C  CA   . ASN A 1 104 ? 2.009   -0.264  12.982  1.00 29.44 ? 1956 ASN A CA   1 
ATOM   808  C  C    . ASN A 1 104 ? 2.364   0.302   11.597  1.00 29.09 ? 1956 ASN A C    1 
ATOM   809  O  O    . ASN A 1 104 ? 2.685   1.489   11.447  1.00 27.14 ? 1956 ASN A O    1 
ATOM   810  C  CB   . ASN A 1 104 ? 3.205   -1.046  13.516  1.00 27.04 ? 1956 ASN A CB   1 
ATOM   811  C  CG   . ASN A 1 104 ? 3.149   -1.293  15.025  1.00 30.76 ? 1956 ASN A CG   1 
ATOM   812  O  OD1  . ASN A 1 104 ? 2.231   -0.857  15.736  1.00 31.12 ? 1956 ASN A OD1  1 
ATOM   813  N  ND2  . ASN A 1 104 ? 4.137   -2.022  15.514  1.00 28.44 ? 1956 ASN A ND2  1 
ATOM   814  N  N    . MET A 1 105 ? 2.316   -0.558  10.579  1.00 26.40 ? 1957 MET A N    1 
ATOM   815  C  CA   . MET A 1 105 ? 2.680   -0.155  9.217   1.00 27.04 ? 1957 MET A CA   1 
ATOM   816  C  C    . MET A 1 105 ? 1.672   0.812   8.615   1.00 24.31 ? 1957 MET A C    1 
ATOM   817  O  O    . MET A 1 105 ? 2.047   1.722   7.883   1.00 28.26 ? 1957 MET A O    1 
ATOM   818  C  CB   . MET A 1 105 ? 2.820   -1.374  8.307   1.00 27.62 ? 1957 MET A CB   1 
ATOM   819  C  CG   . MET A 1 105 ? 3.982   -2.310  8.644   1.00 28.04 ? 1957 MET A CG   1 
ATOM   820  S  SD   . MET A 1 105 ? 5.607   -1.531  8.595   1.00 35.62 ? 1957 MET A SD   1 
ATOM   821  C  CE   . MET A 1 105 ? 5.692   -0.887  6.922   1.00 33.07 ? 1957 MET A CE   1 
ATOM   822  N  N    . ARG A 1 106 ? 0.398   0.621   8.911   1.00 25.21 ? 1958 ARG A N    1 
ATOM   823  C  CA   . ARG A 1 106 ? -0.614  1.556   8.443   1.00 26.83 ? 1958 ARG A CA   1 
ATOM   824  C  C    . ARG A 1 106 ? -0.384  2.946   9.032   1.00 30.68 ? 1958 ARG A C    1 
ATOM   825  O  O    . ARG A 1 106 ? -0.410  3.944   8.306   1.00 27.00 ? 1958 ARG A O    1 
ATOM   826  C  CB   . ARG A 1 106 ? -2.010  1.068   8.796   1.00 30.03 ? 1958 ARG A CB   1 
ATOM   827  C  CG   . ARG A 1 106 ? -3.088  1.921   8.194   1.00 29.09 ? 1958 ARG A CG   1 
ATOM   828  C  CD   . ARG A 1 106 ? -4.402  1.747   8.914   1.00 30.80 ? 1958 ARG A CD   1 
ATOM   829  N  NE   . ARG A 1 106 ? -4.993  0.419   8.765   1.00 32.40 ? 1958 ARG A NE   1 
ATOM   830  C  CZ   . ARG A 1 106 ? -5.714  0.029   7.715   1.00 32.00 ? 1958 ARG A CZ   1 
ATOM   831  N  NH1  . ARG A 1 106 ? -5.912  0.858   6.690   1.00 31.05 ? 1958 ARG A NH1  1 
ATOM   832  N  NH2  . ARG A 1 106 ? -6.239  -1.188  7.688   1.00 29.52 ? 1958 ARG A NH2  1 
ATOM   833  N  N    . LYS A 1 107 ? -0.142  2.999   10.344  1.00 28.06 ? 1959 LYS A N    1 
ATOM   834  C  CA   . LYS A 1 107 ? 0.168   4.252   11.019  1.00 31.87 ? 1959 LYS A CA   1 
ATOM   835  C  C    . LYS A 1 107 ? 1.400   4.919   10.401  1.00 30.07 ? 1959 LYS A C    1 
ATOM   836  O  O    . LYS A 1 107 ? 1.391   6.117   10.118  1.00 31.41 ? 1959 LYS A O    1 
ATOM   837  C  CB   . LYS A 1 107 ? 0.389   4.012   12.517  1.00 31.12 ? 1959 LYS A CB   1 
ATOM   838  C  CG   . LYS A 1 107 ? 0.482   5.288   13.335  1.00 35.89 ? 1959 LYS A CG   1 
ATOM   839  C  CD   . LYS A 1 107 ? -0.901  5.917   13.499  1.00 43.63 ? 1959 LYS A CD   1 
ATOM   840  C  CE   . LYS A 1 107 ? -0.842  7.239   14.268  1.00 47.46 ? 1959 LYS A CE   1 
ATOM   841  N  NZ   . LYS A 1 107 ? -2.193  7.875   14.376  1.00 56.71 ? 1959 LYS A NZ   1 
ATOM   842  N  N    . TYR A 1 108 ? 2.456   4.138   10.190  1.00 27.35 ? 1960 TYR A N    1 
ATOM   843  C  CA   . TYR A 1 108 ? 3.674   4.613   9.561   1.00 28.74 ? 1960 TYR A CA   1 
ATOM   844  C  C    . TYR A 1 108 ? 3.415   5.199   8.167   1.00 30.44 ? 1960 TYR A C    1 
ATOM   845  O  O    . TYR A 1 108 ? 3.919   6.284   7.822   1.00 28.55 ? 1960 TYR A O    1 
ATOM   846  C  CB   . TYR A 1 108 ? 4.673   3.458   9.480   1.00 26.97 ? 1960 TYR A CB   1 
ATOM   847  C  CG   . TYR A 1 108 ? 6.071   3.813   9.049   1.00 29.20 ? 1960 TYR A CG   1 
ATOM   848  C  CD1  . TYR A 1 108 ? 6.920   4.530   9.890   1.00 31.43 ? 1960 TYR A CD1  1 
ATOM   849  C  CD2  . TYR A 1 108 ? 6.572   3.377   7.829   1.00 31.34 ? 1960 TYR A CD2  1 
ATOM   850  C  CE1  . TYR A 1 108 ? 8.211   4.822   9.513   1.00 31.83 ? 1960 TYR A CE1  1 
ATOM   851  C  CE2  . TYR A 1 108 ? 7.872   3.668   7.442   1.00 33.61 ? 1960 TYR A CE2  1 
ATOM   852  C  CZ   . TYR A 1 108 ? 8.682   4.395   8.291   1.00 34.22 ? 1960 TYR A CZ   1 
ATOM   853  O  OH   . TYR A 1 108 ? 9.971   4.693   7.914   1.00 39.84 ? 1960 TYR A OH   1 
ATOM   854  N  N    . PHE A 1 109 ? 2.628   4.483   7.369   1.00 27.97 ? 1961 PHE A N    1 
ATOM   855  C  CA   . PHE A 1 109 ? 2.327   4.931   6.011   1.00 28.88 ? 1961 PHE A CA   1 
ATOM   856  C  C    . PHE A 1 109 ? 1.574   6.241   6.012   1.00 29.63 ? 1961 PHE A C    1 
ATOM   857  O  O    . PHE A 1 109 ? 1.953   7.180   5.294   1.00 30.80 ? 1961 PHE A O    1 
ATOM   858  C  CB   . PHE A 1 109 ? 1.506   3.897   5.241   1.00 27.46 ? 1961 PHE A CB   1 
ATOM   859  C  CG   . PHE A 1 109 ? 0.948   4.429   3.947   1.00 26.65 ? 1961 PHE A CG   1 
ATOM   860  C  CD1  . PHE A 1 109 ? 1.795   4.729   2.888   1.00 27.81 ? 1961 PHE A CD1  1 
ATOM   861  C  CD2  . PHE A 1 109 ? -0.418  4.646   3.796   1.00 30.00 ? 1961 PHE A CD2  1 
ATOM   862  C  CE1  . PHE A 1 109 ? 1.284   5.240   1.682   1.00 29.10 ? 1961 PHE A CE1  1 
ATOM   863  C  CE2  . PHE A 1 109 ? -0.939  5.144   2.593   1.00 29.42 ? 1961 PHE A CE2  1 
ATOM   864  C  CZ   . PHE A 1 109 ? -0.090  5.444   1.541   1.00 28.45 ? 1961 PHE A CZ   1 
ATOM   865  N  N    . GLU A 1 110 ? 0.515   6.306   6.811   1.00 27.34 ? 1962 GLU A N    1 
ATOM   866  C  CA   . GLU A 1 110 ? -0.396  7.431   6.742   1.00 30.74 ? 1962 GLU A CA   1 
ATOM   867  C  C    . GLU A 1 110 ? 0.289   8.739   7.158   1.00 32.85 ? 1962 GLU A C    1 
ATOM   868  O  O    . GLU A 1 110 ? -0.007  9.797   6.597   1.00 32.28 ? 1962 GLU A O    1 
ATOM   869  C  CB   . GLU A 1 110 ? -1.640  7.168   7.596   1.00 32.19 ? 1962 GLU A CB   1 
ATOM   870  C  CG   . GLU A 1 110 ? -2.535  6.015   7.114   1.00 30.26 ? 1962 GLU A CG   1 
ATOM   871  C  CD   . GLU A 1 110 ? -3.166  6.224   5.737   1.00 32.86 ? 1962 GLU A CD   1 
ATOM   872  O  OE1  . GLU A 1 110 ? -3.089  7.337   5.176   1.00 34.34 ? 1962 GLU A OE1  1 
ATOM   873  O  OE2  . GLU A 1 110 ? -3.767  5.266   5.213   1.00 32.28 ? 1962 GLU A OE2  1 
ATOM   874  N  N    . LYS A 1 111 ? 1.210   8.679   8.117   1.00 33.51 ? 1963 LYS A N    1 
ATOM   875  C  CA   . LYS A 1 111 ? 1.969   9.875   8.453   1.00 33.63 ? 1963 LYS A CA   1 
ATOM   876  C  C    . LYS A 1 111 ? 2.882   10.297  7.297   1.00 37.51 ? 1963 LYS A C    1 
ATOM   877  O  O    . LYS A 1 111 ? 2.939   11.486  6.966   1.00 37.54 ? 1963 LYS A O    1 
ATOM   878  C  CB   . LYS A 1 111 ? 2.805   9.688   9.726   1.00 36.71 ? 1963 LYS A CB   1 
ATOM   879  C  CG   . LYS A 1 111 ? 3.780   10.859  9.926   1.00 37.93 ? 1963 LYS A CG   1 
ATOM   880  C  CD   . LYS A 1 111 ? 4.483   10.875  11.258  1.00 42.37 ? 1963 LYS A CD   1 
ATOM   881  C  CE   . LYS A 1 111 ? 5.312   12.160  11.415  1.00 47.79 ? 1963 LYS A CE   1 
ATOM   882  N  NZ   . LYS A 1 111 ? 4.483   13.413  11.298  1.00 46.09 ? 1963 LYS A NZ   1 
ATOM   883  N  N    . LYS A 1 112 ? 3.603   9.345   6.692   1.00 32.42 ? 1964 LYS A N    1 
ATOM   884  C  CA   . LYS A 1 112 ? 4.430   9.670   5.527   1.00 34.68 ? 1964 LYS A CA   1 
ATOM   885  C  C    . LYS A 1 112 ? 3.566   10.257  4.414   1.00 34.66 ? 1964 LYS A C    1 
ATOM   886  O  O    . LYS A 1 112 ? 3.996   11.159  3.715   1.00 37.23 ? 1964 LYS A O    1 
ATOM   887  C  CB   . LYS A 1 112 ? 5.174   8.447   4.976   1.00 36.25 ? 1964 LYS A CB   1 
ATOM   888  C  CG   . LYS A 1 112 ? 6.111   7.733   5.929   1.00 37.87 ? 1964 LYS A CG   1 
ATOM   889  C  CD   . LYS A 1 112 ? 7.417   8.467   6.094   1.00 43.35 ? 1964 LYS A CD   1 
ATOM   890  C  CE   . LYS A 1 112 ? 8.438   7.578   6.791   1.00 40.98 ? 1964 LYS A CE   1 
ATOM   891  N  NZ   . LYS A 1 112 ? 9.180   8.349   7.829   1.00 47.66 ? 1964 LYS A NZ   1 
ATOM   892  N  N    . TRP A 1 113 ? 2.348   9.746   4.258   1.00 31.70 ? 1965 TRP A N    1 
ATOM   893  C  CA   . TRP A 1 113 ? 1.454   10.206  3.197   1.00 32.51 ? 1965 TRP A CA   1 
ATOM   894  C  C    . TRP A 1 113 ? 1.045   11.653  3.424   1.00 36.33 ? 1965 TRP A C    1 
ATOM   895  O  O    . TRP A 1 113 ? 1.149   12.489  2.524   1.00 37.29 ? 1965 TRP A O    1 
ATOM   896  C  CB   . TRP A 1 113 ? 0.214   9.321   3.113   1.00 32.50 ? 1965 TRP A CB   1 
ATOM   897  C  CG   . TRP A 1 113 ? -0.601  9.533   1.859   1.00 32.44 ? 1965 TRP A CG   1 
ATOM   898  C  CD1  . TRP A 1 113 ? -1.819  10.143  1.765   1.00 38.26 ? 1965 TRP A CD1  1 
ATOM   899  C  CD2  . TRP A 1 113 ? -0.245  9.142   0.523   1.00 33.57 ? 1965 TRP A CD2  1 
ATOM   900  N  NE1  . TRP A 1 113 ? -2.254  10.139  0.457   1.00 37.08 ? 1965 TRP A NE1  1 
ATOM   901  C  CE2  . TRP A 1 113 ? -1.300  9.543   -0.325  1.00 35.28 ? 1965 TRP A CE2  1 
ATOM   902  C  CE3  . TRP A 1 113 ? 0.860   8.492   -0.037  1.00 31.38 ? 1965 TRP A CE3  1 
ATOM   903  C  CZ2  . TRP A 1 113 ? -1.280  9.314   -1.705  1.00 34.51 ? 1965 TRP A CZ2  1 
ATOM   904  C  CZ3  . TRP A 1 113 ? 0.877   8.263   -1.415  1.00 30.88 ? 1965 TRP A CZ3  1 
ATOM   905  C  CH2  . TRP A 1 113 ? -0.185  8.668   -2.226  1.00 29.98 ? 1965 TRP A CH2  1 
ATOM   906  N  N    . THR A 1 114 ? 0.583   11.932  4.640   1.00 35.56 ? 1966 THR A N    1 
ATOM   907  C  CA   . THR A 1 114 ? 0.182   13.270  5.043   1.00 39.29 ? 1966 THR A CA   1 
ATOM   908  C  C    . THR A 1 114 ? 1.328   14.265  4.950   1.00 40.47 ? 1966 THR A C    1 
ATOM   909  O  O    . THR A 1 114 ? 1.176   15.337  4.358   1.00 43.63 ? 1966 THR A O    1 
ATOM   910  C  CB   . THR A 1 114 ? -0.365  13.268  6.469   1.00 35.81 ? 1966 THR A CB   1 
ATOM   911  O  OG1  . THR A 1 114 ? -1.609  12.566  6.479   1.00 41.66 ? 1966 THR A OG1  1 
ATOM   912  C  CG2  . THR A 1 114 ? -0.612  14.686  6.935   1.00 44.33 ? 1966 THR A CG2  1 
ATOM   913  N  N    . ASP A 1 115 ? 2.475   13.911  5.517   1.00 38.21 ? 1967 ASP A N    1 
ATOM   914  C  CA   . ASP A 1 115 ? 3.639   14.789  5.476   1.00 38.91 ? 1967 ASP A CA   1 
ATOM   915  C  C    . ASP A 1 115 ? 4.114   15.096  4.062   1.00 43.01 ? 1967 ASP A C    1 
ATOM   916  O  O    . ASP A 1 115 ? 4.573   16.205  3.786   1.00 43.19 ? 1967 ASP A O    1 
ATOM   917  C  CB   . ASP A 1 115 ? 4.792   14.180  6.265   1.00 39.82 ? 1967 ASP A CB   1 
ATOM   918  C  CG   . ASP A 1 115 ? 4.544   14.184  7.756   1.00 44.30 ? 1967 ASP A CG   1 
ATOM   919  O  OD1  . ASP A 1 115 ? 3.446   14.622  8.190   1.00 44.40 ? 1967 ASP A OD1  1 
ATOM   920  O  OD2  . ASP A 1 115 ? 5.452   13.733  8.493   1.00 43.60 ? 1967 ASP A OD2  1 
ATOM   921  N  N    . THR A 1 116 ? 4.016   14.117  3.166   1.00 39.89 ? 1968 THR A N    1 
ATOM   922  C  CA   . THR A 1 116 ? 4.532   14.266  1.807   1.00 37.59 ? 1968 THR A CA   1 
ATOM   923  C  C    . THR A 1 116 ? 3.579   15.034  0.882   1.00 40.04 ? 1968 THR A C    1 
ATOM   924  O  O    . THR A 1 116 ? 4.011   15.868  0.089   1.00 42.75 ? 1968 THR A O    1 
ATOM   925  C  CB   . THR A 1 116 ? 4.829   12.885  1.189   1.00 34.74 ? 1968 THR A CB   1 
ATOM   926  O  OG1  . THR A 1 116 ? 5.802   12.209  1.992   1.00 37.28 ? 1968 THR A OG1  1 
ATOM   927  C  CG2  . THR A 1 116 ? 5.352   13.009  -0.231  1.00 35.38 ? 1968 THR A CG2  1 
ATOM   928  N  N    . PHE A 1 117 ? 2.284   14.767  0.991   1.00 38.38 ? 1969 PHE A N    1 
ATOM   929  C  CA   . PHE A 1 117 ? 1.332   15.282  0.016   1.00 41.21 ? 1969 PHE A CA   1 
ATOM   930  C  C    . PHE A 1 117 ? 0.280   16.225  0.600   1.00 46.95 ? 1969 PHE A C    1 
ATOM   931  O  O    . PHE A 1 117 ? -0.260  17.061  -0.121  1.00 52.84 ? 1969 PHE A O    1 
ATOM   932  C  CB   . PHE A 1 117 ? 0.633   14.117  -0.693  1.00 39.13 ? 1969 PHE A CB   1 
ATOM   933  C  CG   . PHE A 1 117 ? 1.560   13.273  -1.528  1.00 37.87 ? 1969 PHE A CG   1 
ATOM   934  C  CD1  . PHE A 1 117 ? 2.148   13.792  -2.671  1.00 37.04 ? 1969 PHE A CD1  1 
ATOM   935  C  CD2  . PHE A 1 117 ? 1.834   11.956  -1.183  1.00 36.67 ? 1969 PHE A CD2  1 
ATOM   936  C  CE1  . PHE A 1 117 ? 2.997   13.015  -3.447  1.00 34.74 ? 1969 PHE A CE1  1 
ATOM   937  C  CE2  . PHE A 1 117 ? 2.687   11.183  -1.955  1.00 33.60 ? 1969 PHE A CE2  1 
ATOM   938  C  CZ   . PHE A 1 117 ? 3.262   11.709  -3.085  1.00 32.43 ? 1969 PHE A CZ   1 
ATOM   939  N  N    . LYS A 1 118 ? -0.019  16.099  1.889   1.00 49.28 ? 1970 LYS A N    1 
ATOM   940  C  CA   . LYS A 1 118 ? -1.043  16.944  2.508   1.00 52.14 ? 1970 LYS A CA   1 
ATOM   941  C  C    . LYS A 1 118 ? -0.419  18.054  3.359   1.00 52.60 ? 1970 LYS A C    1 
ATOM   942  O  O    . LYS A 1 118 ? 0.475   18.775  2.905   1.00 54.84 ? 1970 LYS A O    1 
ATOM   943  C  CB   . LYS A 1 118 ? -1.998  16.097  3.357   1.00 48.95 ? 1970 LYS A CB   1 
HETATM 944  C  C1   . EDO B 2 .   ? 9.833   10.161  2.038   1.00 42.13 ? 2001 EDO A C1   1 
HETATM 945  O  O1   . EDO B 2 .   ? 8.749   10.162  2.983   1.00 47.12 ? 2001 EDO A O1   1 
HETATM 946  C  C2   . EDO B 2 .   ? 9.385   10.792  0.726   1.00 44.65 ? 2001 EDO A C2   1 
HETATM 947  O  O2   . EDO B 2 .   ? 8.831   12.085  1.015   1.00 51.10 ? 2001 EDO A O2   1 
HETATM 948  C  C10  . ES4 C 3 .   ? 0.344   -13.338 6.239   0.74 42.81 ? 2002 ES4 A C10  1 
HETATM 949  CL CL01 . ES4 C 3 .   ? 2.845   -14.131 5.419   0.74 59.06 ? 2002 ES4 A CL01 1 
HETATM 950  C  C02  . ES4 C 3 .   ? 1.276   -14.411 6.152   0.74 46.27 ? 2002 ES4 A C02  1 
HETATM 951  N  N03  . ES4 C 3 .   ? 0.926   -15.623 6.640   0.74 47.06 ? 2002 ES4 A N03  1 
HETATM 952  C  C04  . ES4 C 3 .   ? -0.295  -15.814 7.206   0.74 43.07 ? 2002 ES4 A C04  1 
HETATM 953  N  N05  . ES4 C 3 .   ? -1.186  -14.804 7.291   0.74 41.46 ? 2002 ES4 A N05  1 
HETATM 954  C  C06  . ES4 C 3 .   ? -0.890  -13.546 6.807   0.74 41.20 ? 2002 ES4 A C06  1 
HETATM 955  N  N07  . ES4 C 3 .   ? -1.563  -12.345 6.752   0.74 35.65 ? 2002 ES4 A N07  1 
HETATM 956  C  C08  . ES4 C 3 .   ? -0.763  -11.434 6.166   0.74 37.34 ? 2002 ES4 A C08  1 
HETATM 957  N  N09  . ES4 C 3 .   ? 0.403   -12.015 5.846   0.74 39.55 ? 2002 ES4 A N09  1 
HETATM 958  O  O    . HOH D 4 .   ? -5.464  -20.109 0.866   1.00 44.74 ? 2101 HOH A O    1 
HETATM 959  O  O    . HOH D 4 .   ? 7.623   9.631   9.155   1.00 48.04 ? 2102 HOH A O    1 
HETATM 960  O  O    . HOH D 4 .   ? 6.953   12.101  7.480   1.00 45.78 ? 2103 HOH A O    1 
HETATM 961  O  O    . HOH D 4 .   ? -5.575  9.759   -0.290  1.00 45.85 ? 2104 HOH A O    1 
HETATM 962  O  O    . HOH D 4 .   ? 5.969   -19.552 0.506   1.00 55.98 ? 2105 HOH A O    1 
HETATM 963  O  O    . HOH D 4 .   ? 4.468   -15.839 -1.987  1.00 42.76 ? 2106 HOH A O    1 
HETATM 964  O  O    . HOH D 4 .   ? 8.991   -4.623  -2.772  1.00 34.27 ? 2107 HOH A O    1 
HETATM 965  O  O    . HOH D 4 .   ? 9.585   -4.881  -9.411  1.00 36.51 ? 2108 HOH A O    1 
HETATM 966  O  O    . HOH D 4 .   ? -7.479  -9.610  18.825  1.00 45.80 ? 2109 HOH A O    1 
HETATM 967  O  O    . HOH D 4 .   ? 2.191   14.290  10.468  1.00 52.45 ? 2110 HOH A O    1 
HETATM 968  O  O    . HOH D 4 .   ? -18.734 24.440  -19.218 1.00 35.85 ? 2111 HOH A O    1 
HETATM 969  O  O    . HOH D 4 .   ? 7.862   11.889  4.743   1.00 50.03 ? 2112 HOH A O    1 
HETATM 970  O  O    . HOH D 4 .   ? 1.105   -10.388 -7.212  1.00 41.95 ? 2113 HOH A O    1 
HETATM 971  O  O    . HOH D 4 .   ? -8.967  1.583   3.550   1.00 38.42 ? 2114 HOH A O    1 
HETATM 972  O  O    . HOH D 4 .   ? -3.003  -10.239 5.069   1.00 32.81 ? 2115 HOH A O    1 
HETATM 973  O  O    . HOH D 4 .   ? 11.889  2.449   7.080   1.00 34.29 ? 2116 HOH A O    1 
HETATM 974  O  O    . HOH D 4 .   ? 11.875  -4.746  6.152   1.00 37.53 ? 2117 HOH A O    1 
HETATM 975  O  O    . HOH D 4 .   ? -6.607  -1.103  -4.801  1.00 42.50 ? 2118 HOH A O    1 
HETATM 976  O  O    . HOH D 4 .   ? -5.525  3.605   6.311   1.00 36.18 ? 2119 HOH A O    1 
HETATM 977  O  O    . HOH D 4 .   ? 0.015   8.032   11.341  1.00 44.47 ? 2120 HOH A O    1 
HETATM 978  O  O    . HOH D 4 .   ? -7.954  0.201   -0.650  1.00 31.69 ? 2121 HOH A O    1 
HETATM 979  O  O    . HOH D 4 .   ? -18.686 -20.582 -1.670  1.00 44.54 ? 2122 HOH A O    1 
HETATM 980  O  O    . HOH D 4 .   ? -9.188  -8.642  16.200  1.00 40.75 ? 2123 HOH A O    1 
HETATM 981  O  O    . HOH D 4 .   ? -8.955  -1.809  0.990   1.00 35.83 ? 2124 HOH A O    1 
HETATM 982  O  O    . HOH D 4 .   ? -2.823  -9.680  0.860   1.00 27.58 ? 2125 HOH A O    1 
HETATM 983  O  O    . HOH D 4 .   ? -7.911  -14.845 -3.420  1.00 43.90 ? 2126 HOH A O    1 
HETATM 984  O  O    . HOH D 4 .   ? -2.883  9.987   5.512   1.00 36.31 ? 2127 HOH A O    1 
HETATM 985  O  O    . HOH D 4 .   ? 0.410   -18.127 -3.606  1.00 49.60 ? 2128 HOH A O    1 
HETATM 986  O  O    . HOH D 4 .   ? 9.404   1.851   -8.559  1.00 37.03 ? 2129 HOH A O    1 
HETATM 987  O  O    . HOH D 4 .   ? -12.581 -10.642 9.584   1.00 41.41 ? 2130 HOH A O    1 
HETATM 988  O  O    . HOH D 4 .   ? 0.243   -8.537  2.186   1.00 30.57 ? 2131 HOH A O    1 
HETATM 989  O  O    . HOH D 4 .   ? 15.413  -2.624  14.849  1.00 56.07 ? 2132 HOH A O    1 
HETATM 990  O  O    . HOH D 4 .   ? -4.395  -1.652  10.401  1.00 33.31 ? 2133 HOH A O    1 
HETATM 991  O  O    . HOH D 4 .   ? -1.501  3.312   -15.327 1.00 36.45 ? 2134 HOH A O    1 
HETATM 992  O  O    . HOH D 4 .   ? 8.636   -7.300  13.602  1.00 37.43 ? 2135 HOH A O    1 
HETATM 993  O  O    . HOH D 4 .   ? -0.599  11.569  -9.366  1.00 33.56 ? 2136 HOH A O    1 
HETATM 994  O  O    . HOH D 4 .   ? 1.813   -10.571 2.348   1.00 28.25 ? 2137 HOH A O    1 
HETATM 995  O  O    . HOH D 4 .   ? -1.848  -8.119  3.999   1.00 34.63 ? 2138 HOH A O    1 
HETATM 996  O  O    . HOH D 4 .   ? -0.504  -10.035 -2.977  1.00 28.48 ? 2139 HOH A O    1 
HETATM 997  O  O    . HOH D 4 .   ? -7.775  27.872  -13.668 1.00 41.90 ? 2140 HOH A O    1 
HETATM 998  O  O    . HOH D 4 .   ? 4.486   16.171  -7.223  1.00 38.80 ? 2141 HOH A O    1 
HETATM 999  O  O    . HOH D 4 .   ? -14.442 21.132  -8.280  1.00 43.45 ? 2142 HOH A O    1 
HETATM 1000 O  O    . HOH D 4 .   ? 2.309   -6.540  -13.092 1.00 38.90 ? 2143 HOH A O    1 
HETATM 1001 O  O    . HOH D 4 .   ? -12.547 22.354  -4.678  1.00 50.85 ? 2144 HOH A O    1 
HETATM 1002 O  O    . HOH D 4 .   ? 6.039   15.558  12.150  1.00 56.16 ? 2145 HOH A O    1 
HETATM 1003 O  O    . HOH D 4 .   ? -9.518  -8.022  -0.352  1.00 32.69 ? 2146 HOH A O    1 
HETATM 1004 O  O    . HOH D 4 .   ? -5.342  -3.478  -7.171  1.00 35.90 ? 2147 HOH A O    1 
HETATM 1005 O  O    . HOH D 4 .   ? -2.692  2.223   12.707  1.00 41.36 ? 2148 HOH A O    1 
HETATM 1006 O  O    . HOH D 4 .   ? 8.862   -6.383  -0.895  1.00 34.76 ? 2149 HOH A O    1 
HETATM 1007 O  O    . HOH D 4 .   ? 0.144   11.872  -12.106 1.00 39.05 ? 2150 HOH A O    1 
HETATM 1008 O  O    . HOH D 4 .   ? 5.702   7.708   9.454   1.00 39.52 ? 2151 HOH A O    1 
HETATM 1009 O  O    . HOH D 4 .   ? -3.400  -5.475  -9.318  1.00 39.27 ? 2152 HOH A O    1 
HETATM 1010 O  O    . HOH D 4 .   ? 8.753   -6.216  -7.013  1.00 34.40 ? 2153 HOH A O    1 
HETATM 1011 O  O    . HOH D 4 .   ? -5.776  -7.114  12.828  1.00 34.94 ? 2154 HOH A O    1 
HETATM 1012 O  O    . HOH D 4 .   ? 8.278   11.696  -10.198 1.00 35.10 ? 2155 HOH A O    1 
HETATM 1013 O  O    . HOH D 4 .   ? -3.784  -5.717  11.348  1.00 31.00 ? 2156 HOH A O    1 
HETATM 1014 O  O    . HOH D 4 .   ? -1.614  -13.909 -2.141  1.00 33.37 ? 2157 HOH A O    1 
HETATM 1015 O  O    . HOH D 4 .   ? 13.327  4.942   -3.471  1.00 41.48 ? 2158 HOH A O    1 
HETATM 1016 O  O    . HOH D 4 .   ? -3.468  -4.002  9.315   1.00 27.36 ? 2159 HOH A O    1 
HETATM 1017 O  O    . HOH D 4 .   ? -2.584  17.045  -10.581 1.00 49.45 ? 2160 HOH A O    1 
HETATM 1018 O  O    . HOH D 4 .   ? -5.337  0.640   -6.822  1.00 34.94 ? 2161 HOH A O    1 
HETATM 1019 O  O    . HOH D 4 .   ? -4.875  -14.085 14.026  1.00 41.25 ? 2162 HOH A O    1 
HETATM 1020 O  O    . HOH D 4 .   ? 0.919   -13.285 13.970  1.00 38.46 ? 2163 HOH A O    1 
HETATM 1021 O  O    . HOH D 4 .   ? -0.526  -0.490  16.392  1.00 43.54 ? 2164 HOH A O    1 
HETATM 1022 O  O    . HOH D 4 .   ? 2.394   19.502  -5.551  1.00 50.84 ? 2165 HOH A O    1 
HETATM 1023 O  O    . HOH D 4 .   ? 1.328   22.266  -6.918  1.00 54.65 ? 2166 HOH A O    1 
HETATM 1024 O  O    . HOH D 4 .   ? -3.023  -3.152  -13.400 1.00 43.37 ? 2167 HOH A O    1 
HETATM 1025 O  O    . HOH D 4 .   ? 14.068  0.571   -2.940  1.00 47.30 ? 2168 HOH A O    1 
HETATM 1026 O  O    . HOH D 4 .   ? -9.764  -5.904  2.571   1.00 39.01 ? 2169 HOH A O    1 
HETATM 1027 O  O    . HOH D 4 .   ? 6.266   -11.491 3.040   1.00 33.32 ? 2170 HOH A O    1 
HETATM 1028 O  O    . HOH D 4 .   ? -5.738  -8.419  -6.088  1.00 42.52 ? 2171 HOH A O    1 
HETATM 1029 O  O    . HOH D 4 .   ? 11.012  1.462   -14.236 1.00 44.18 ? 2172 HOH A O    1 
HETATM 1030 O  O    . HOH D 4 .   ? -5.014  1.039   12.700  1.00 44.42 ? 2173 HOH A O    1 
HETATM 1031 O  O    . HOH D 4 .   ? 1.554   0.335   18.312  1.00 39.62 ? 2174 HOH A O    1 
HETATM 1032 O  O    . HOH D 4 .   ? 10.822  -2.880  -9.660  1.00 43.78 ? 2175 HOH A O    1 
HETATM 1033 O  O    . HOH D 4 .   ? 4.842   -5.376  -14.574 1.00 39.30 ? 2176 HOH A O    1 
HETATM 1034 O  O    . HOH D 4 .   ? -2.566  -9.623  -6.321  1.00 42.82 ? 2177 HOH A O    1 
HETATM 1035 O  O    . HOH D 4 .   ? -9.123  -20.359 1.017   1.00 43.19 ? 2178 HOH A O    1 
HETATM 1036 O  O    . HOH D 4 .   ? -1.724  -13.884 13.031  1.00 46.02 ? 2179 HOH A O    1 
HETATM 1037 O  O    . HOH D 4 .   ? 2.655   -16.767 3.091   1.00 44.62 ? 2180 HOH A O    1 
HETATM 1038 O  O    . HOH D 4 .   ? -2.932  15.397  -8.561  1.00 49.92 ? 2181 HOH A O    1 
HETATM 1039 O  O    . HOH D 4 .   ? -8.385  5.139   0.642   1.00 42.03 ? 2182 HOH A O    1 
HETATM 1040 O  O    . HOH D 4 .   ? -1.026  -11.460 -0.722  1.00 30.24 ? 2183 HOH A O    1 
HETATM 1041 O  O    . HOH D 4 .   ? -4.829  -0.761  -8.925  1.00 42.10 ? 2184 HOH A O    1 
HETATM 1042 O  O    . HOH D 4 .   ? 0.842   -14.088 16.635  1.00 46.38 ? 2185 HOH A O    1 
HETATM 1043 O  O    . HOH D 4 .   ? -1.681  -5.709  -11.922 1.00 47.45 ? 2186 HOH A O    1 
HETATM 1044 O  O    . HOH D 4 .   ? 9.531   -11.903 5.396   1.00 48.93 ? 2187 HOH A O    1 
HETATM 1045 O  O    . HOH D 4 .   ? -9.344  -2.373  -4.827  1.00 53.30 ? 2188 HOH A O    1 
HETATM 1046 O  O    . HOH D 4 .   ? -5.912  10.420  -13.129 1.00 45.26 ? 2189 HOH A O    1 
HETATM 1047 O  O    . HOH D 4 .   ? -4.056  0.252   -10.674 1.00 44.92 ? 2190 HOH A O    1 
HETATM 1048 O  O    . HOH D 4 .   ? -10.669 -2.886  -2.926  1.00 52.72 ? 2191 HOH A O    1 
HETATM 1049 O  O    . HOH D 4 .   ? 14.748  -1.080  13.418  1.00 55.58 ? 2192 HOH A O    1 
HETATM 1050 O  O    . HOH D 4 .   ? 4.935   -10.173 -6.770  1.00 45.97 ? 2193 HOH A O    1 
HETATM 1051 O  O    . HOH D 4 .   ? 2.792   17.490  -3.374  1.00 50.33 ? 2194 HOH A O    1 
HETATM 1052 O  O    . HOH D 4 .   ? 2.966   3.581   -11.958 1.00 29.27 ? 2195 HOH A O    1 
HETATM 1053 O  O    . HOH D 4 .   ? -11.699 -9.398  0.894   1.00 40.81 ? 2196 HOH A O    1 
HETATM 1054 O  O    . HOH D 4 .   ? 11.802  0.119   11.490  1.00 38.49 ? 2197 HOH A O    1 
HETATM 1055 O  O    . HOH D 4 .   ? 4.444   -13.635 2.523   1.00 41.80 ? 2198 HOH A O    1 
HETATM 1056 O  O    . HOH D 4 .   ? -5.845  10.584  1.820   1.00 51.30 ? 2199 HOH A O    1 
HETATM 1057 O  O    . HOH D 4 .   ? -10.745 -4.187  7.110   1.00 44.84 ? 2200 HOH A O    1 
HETATM 1058 O  O    . HOH D 4 .   ? 11.315  -7.206  7.128   1.00 38.98 ? 2201 HOH A O    1 
HETATM 1059 O  O    . HOH D 4 .   ? 14.517  -4.647  7.057   1.00 47.87 ? 2202 HOH A O    1 
HETATM 1060 O  O    . HOH D 4 .   ? 5.049   13.354  14.847  1.00 46.12 ? 2203 HOH A O    1 
HETATM 1061 O  O    . HOH D 4 .   ? -8.062  3.393   5.263   1.00 43.71 ? 2204 HOH A O    1 
HETATM 1062 O  O    . HOH D 4 .   ? -3.529  7.276   11.064  1.00 48.08 ? 2205 HOH A O    1 
HETATM 1063 O  O    . HOH D 4 .   ? -4.517  11.485  4.294   1.00 50.59 ? 2206 HOH A O    1 
HETATM 1064 O  O    . HOH D 4 .   ? 11.830  2.585   10.622  1.00 44.30 ? 2207 HOH A O    1 
HETATM 1065 O  O    . HOH D 4 .   ? -8.479  -2.446  -6.849  1.00 52.05 ? 2208 HOH A O    1 
HETATM 1066 O  O    . HOH D 4 .   ? 5.091   -13.983 6.465   1.00 49.95 ? 2209 HOH A O    1 
HETATM 1067 O  O    . HOH D 4 .   ? 9.775   3.820   -9.712  1.00 47.77 ? 2210 HOH A O    1 
HETATM 1068 O  O    . HOH D 4 .   ? -8.992  6.153   3.684   1.00 50.71 ? 2211 HOH A O    1 
HETATM 1069 O  O    . HOH D 4 .   ? 3.236   -17.445 -3.260  1.00 49.44 ? 2212 HOH A O    1 
HETATM 1070 O  O    . HOH D 4 .   ? -0.977  -11.043 -5.537  1.00 34.71 ? 2213 HOH A O    1 
HETATM 1071 O  O    . HOH D 4 .   ? -4.983  12.243  -8.194  1.00 51.07 ? 2214 HOH A O    1 
HETATM 1072 O  O    . HOH D 4 .   ? -3.709  5.089   10.584  1.00 47.89 ? 2215 HOH A O    1 
HETATM 1073 O  O    . HOH D 4 .   ? 2.571   -7.124  -10.714 1.00 45.74 ? 2216 HOH A O    1 
HETATM 1074 O  O    . HOH D 4 .   ? 7.540   -14.515 6.549   1.00 52.39 ? 2217 HOH A O    1 
HETATM 1075 O  O    . HOH D 4 .   ? 9.424   -12.292 2.905   1.00 47.17 ? 2218 HOH A O    1 
HETATM 1076 O  O    . HOH D 4 .   ? -9.107  -1.212  -2.965  1.00 43.79 ? 2219 HOH A O    1 
HETATM 1077 O  O    . HOH D 4 .   ? -2.930  13.019  -9.567  1.00 45.46 ? 2220 HOH A O    1 
HETATM 1078 O  O    . HOH D 4 .   ? -1.383  -3.087  17.788  1.00 48.18 ? 2221 HOH A O    1 
HETATM 1079 O  O    . HOH D 4 .   ? -8.720  2.435   0.909   1.00 36.98 ? 2222 HOH A O    1 
HETATM 1080 O  O    . HOH D 4 .   ? 10.496  -5.717  -4.847  1.00 39.07 ? 2223 HOH A O    1 
HETATM 1081 O  O    . HOH D 4 .   ? -5.909  5.128   9.057   1.00 45.54 ? 2224 HOH A O    1 
HETATM 1082 O  O    . HOH D 4 .   ? -10.920 -5.875  -1.380  1.00 39.39 ? 2225 HOH A O    1 
HETATM 1083 O  O    . HOH D 4 .   ? -10.615 -4.264  0.926   1.00 41.22 ? 2226 HOH A O    1 
HETATM 1084 O  O    . HOH D 4 .   ? 3.329   -14.667 12.995  1.00 43.36 ? 2227 HOH A O    1 
HETATM 1085 O  O    . HOH D 4 .   ? -5.579  -11.162 -7.343  1.00 47.15 ? 2228 HOH A O    1 
HETATM 1086 O  O    . HOH D 4 .   ? 14.569  -5.879  9.755   1.00 51.31 ? 2229 HOH A O    1 
HETATM 1087 O  O    . HOH D 4 .   ? -6.864  -14.566 -5.420  1.00 43.96 ? 2230 HOH A O    1 
HETATM 1088 O  O    . HOH D 4 .   ? -1.906  -13.668 -4.766  1.00 37.63 ? 2231 HOH A O    1 
HETATM 1089 O  O    . HOH D 4 .   ? -6.059  -5.887  -7.290  1.00 45.76 ? 2232 HOH A O    1 
HETATM 1090 O  O    . HOH D 4 .   ? -2.626  -7.714  -8.552  1.00 48.45 ? 2233 HOH A O    1 
HETATM 1091 O  O    . HOH D 4 .   ? -0.206  -7.314  -10.449 1.00 47.48 ? 2234 HOH A O    1 
HETATM 1092 O  O    . HOH D 4 .   ? -4.342  -13.644 -6.153  1.00 43.86 ? 2235 HOH A O    1 
HETATM 1093 O  O    . HOH D 4 .   ? 11.510  -11.496 1.594   1.00 49.08 ? 2236 HOH A O    1 
# 
